data_6BKY
#
_entry.id   6BKY
#
_cell.length_a   98.665
_cell.length_b   274.889
_cell.length_c   116.798
_cell.angle_alpha   90.00
_cell.angle_beta   90.00
_cell.angle_gamma   90.00
#
_symmetry.space_group_name_H-M   'C 1 2 1'
#
loop_
_entity.id
_entity.type
_entity.pdbx_description
1 polymer 'Isocitrate dehydrogenase [NADP] cytoplasmic'
2 non-polymer '(2S)-2-hydroxybutanedioic acid'
3 non-polymer 'MAGNESIUM ION'
4 non-polymer 4,5,6,7-TETRABROMO-1H,3H-BENZIMIDAZOL-2-ONE
5 water water
#
_entity_poly.entity_id   1
_entity_poly.type   'polypeptide(L)'
_entity_poly.pdbx_seq_one_letter_code
;MSKKISGGSVVEMQGDEMTRIIWELIKEKLIFPYVELDLHSYDLGIENRDATNDQVTKDAAEAIKKHNVGVKCATITPDE
KRVEEFKLKQMWKSPNGTIRNILGGTVFREAIICKNIPRLVSGWVKPIIIGRHAYGDQYRATDFVVPGPGKVEITYTPSD
GTQKVTYLVHNFEEGGGVAMGMYNQDKSIEDFAHSSFQMALSKGWPLYLSTKNTILKKYDGRFKDIFQEIYDKQYKSQFE
AQKIWYEHRLIDDMVAQAMKSEGGFIWACKNYDGDVQSDSVAQGYGSLGMMTSVLVCPDGKTVEAEAAHGTVTRHYRMYQ
KGQETSTNPIASIFAWTRGLAHRAKLDNNKELAFFANALEEVSIETIEAGFMTKDLAACIKGLPNVQRSDYLNTFEFMDK
LGENLKIKLAQAKLSLEHHHHHHHH
;
_entity_poly.pdbx_strand_id   D,C,F,A,E,B
#
loop_
_chem_comp.id
_chem_comp.type
_chem_comp.name
_chem_comp.formula
K32 non-polymer 4,5,6,7-TETRABROMO-1H,3H-BENZIMIDAZOL-2-ONE 'C7 H2 Br4 N2 O'
LMR non-polymer '(2S)-2-hydroxybutanedioic acid' 'C4 H6 O5'
MG non-polymer 'MAGNESIUM ION' 'Mg 2'
#
# COMPACT_ATOMS: atom_id res chain seq x y z
N LYS A 3 -9.29 -44.27 -19.06
CA LYS A 3 -10.32 -43.23 -19.07
C LYS A 3 -9.95 -41.99 -18.22
N LYS A 4 -9.80 -40.85 -18.91
CA LYS A 4 -9.50 -39.51 -18.40
C LYS A 4 -10.79 -38.71 -18.42
N ILE A 5 -10.82 -37.56 -17.72
CA ILE A 5 -11.96 -36.64 -17.71
C ILE A 5 -11.92 -35.83 -19.02
N SER A 6 -13.11 -35.57 -19.60
CA SER A 6 -13.23 -34.75 -20.81
C SER A 6 -13.16 -33.28 -20.35
N GLY A 7 -12.02 -32.65 -20.59
CA GLY A 7 -11.76 -31.28 -20.14
C GLY A 7 -12.40 -30.16 -20.95
N GLY A 8 -12.34 -30.27 -22.27
CA GLY A 8 -12.86 -29.24 -23.16
C GLY A 8 -11.78 -28.30 -23.62
N SER A 9 -12.20 -27.14 -24.15
CA SER A 9 -11.28 -26.17 -24.73
C SER A 9 -10.68 -25.21 -23.71
N VAL A 10 -9.34 -25.15 -23.67
CA VAL A 10 -8.62 -24.26 -22.76
C VAL A 10 -7.48 -23.59 -23.53
N VAL A 11 -7.37 -22.25 -23.38
CA VAL A 11 -6.28 -21.50 -23.99
C VAL A 11 -5.14 -21.47 -22.95
N GLU A 12 -3.93 -21.94 -23.32
CA GLU A 12 -2.82 -21.87 -22.39
C GLU A 12 -1.74 -20.94 -22.91
N MET A 13 -1.16 -20.17 -22.00
CA MET A 13 -0.10 -19.24 -22.34
C MET A 13 1.17 -19.59 -21.56
N GLN A 14 2.18 -20.07 -22.29
CA GLN A 14 3.46 -20.47 -21.72
C GLN A 14 4.27 -19.24 -21.36
N GLY A 15 5.09 -19.33 -20.32
CA GLY A 15 5.83 -18.20 -19.81
C GLY A 15 7.34 -18.29 -19.83
N ASP A 16 7.96 -17.63 -18.83
CA ASP A 16 9.40 -17.44 -18.76
C ASP A 16 10.12 -17.96 -17.52
N GLU A 17 11.42 -18.27 -17.70
CA GLU A 17 12.42 -18.66 -16.71
C GLU A 17 11.98 -19.90 -15.86
N MET A 18 12.04 -19.83 -14.50
CA MET A 18 11.73 -20.95 -13.61
C MET A 18 10.26 -21.40 -13.67
N THR A 19 9.35 -20.42 -13.80
CA THR A 19 7.91 -20.67 -13.83
C THR A 19 7.54 -21.41 -15.10
N ARG A 20 8.35 -21.31 -16.17
CA ARG A 20 8.10 -22.07 -17.40
C ARG A 20 8.37 -23.56 -17.17
N ILE A 21 9.44 -23.89 -16.40
CA ILE A 21 9.86 -25.27 -16.07
C ILE A 21 8.72 -25.93 -15.26
N ILE A 22 8.31 -25.26 -14.17
CA ILE A 22 7.24 -25.68 -13.26
C ILE A 22 5.93 -25.93 -14.01
N TRP A 23 5.60 -25.05 -14.98
CA TRP A 23 4.36 -25.13 -15.78
C TRP A 23 4.23 -26.49 -16.47
N GLU A 24 5.34 -26.96 -17.07
CA GLU A 24 5.41 -28.25 -17.77
C GLU A 24 5.33 -29.43 -16.82
N LEU A 25 5.98 -29.36 -15.65
CA LEU A 25 5.84 -30.42 -14.64
C LEU A 25 4.36 -30.58 -14.23
N ILE A 26 3.66 -29.44 -14.01
CA ILE A 26 2.26 -29.41 -13.59
C ILE A 26 1.39 -30.14 -14.57
N LYS A 27 1.51 -29.81 -15.86
CA LYS A 27 0.73 -30.46 -16.90
C LYS A 27 1.05 -31.95 -16.97
N GLU A 28 2.34 -32.30 -16.96
CA GLU A 28 2.83 -33.69 -17.04
C GLU A 28 2.39 -34.58 -15.88
N LYS A 29 2.50 -34.09 -14.64
CA LYS A 29 2.17 -34.85 -13.44
C LYS A 29 0.73 -34.67 -12.88
N LEU A 30 0.22 -33.44 -12.85
CA LEU A 30 -1.06 -33.14 -12.18
C LEU A 30 -2.28 -33.04 -13.04
N ILE A 31 -2.15 -32.61 -14.33
CA ILE A 31 -3.31 -32.42 -15.21
C ILE A 31 -3.49 -33.53 -16.27
N PHE A 32 -2.48 -33.72 -17.15
CA PHE A 32 -2.56 -34.68 -18.27
C PHE A 32 -2.89 -36.13 -17.85
N PRO A 33 -2.35 -36.72 -16.74
CA PRO A 33 -2.75 -38.09 -16.38
C PRO A 33 -4.24 -38.26 -16.07
N TYR A 34 -4.94 -37.17 -15.74
CA TYR A 34 -6.35 -37.23 -15.35
C TYR A 34 -7.32 -36.56 -16.28
N VAL A 35 -6.87 -35.51 -16.98
CA VAL A 35 -7.77 -34.73 -17.84
C VAL A 35 -7.26 -34.69 -19.28
N GLU A 36 -8.18 -34.95 -20.21
CA GLU A 36 -7.99 -34.89 -21.66
C GLU A 36 -8.44 -33.47 -22.06
N LEU A 37 -7.53 -32.66 -22.60
CA LEU A 37 -7.89 -31.29 -22.97
C LEU A 37 -7.68 -30.96 -24.45
N ASP A 38 -8.56 -30.10 -25.00
CA ASP A 38 -8.38 -29.50 -26.31
C ASP A 38 -7.64 -28.20 -25.97
N LEU A 39 -6.32 -28.30 -25.90
CA LEU A 39 -5.43 -27.22 -25.51
C LEU A 39 -4.96 -26.33 -26.67
N HIS A 40 -5.31 -25.01 -26.60
CA HIS A 40 -4.91 -24.01 -27.58
C HIS A 40 -3.72 -23.27 -26.98
N SER A 41 -2.52 -23.72 -27.34
CA SER A 41 -1.27 -23.24 -26.78
C SER A 41 -0.62 -22.07 -27.50
N TYR A 42 -0.19 -21.06 -26.72
CA TYR A 42 0.47 -19.82 -27.19
C TYR A 42 1.72 -19.60 -26.37
N ASP A 43 2.86 -19.52 -27.03
CA ASP A 43 4.12 -19.33 -26.34
C ASP A 43 4.38 -17.84 -26.10
N LEU A 44 4.16 -17.38 -24.83
CA LEU A 44 4.41 -15.99 -24.44
C LEU A 44 5.77 -15.84 -23.78
N GLY A 45 6.68 -16.79 -24.06
CA GLY A 45 8.07 -16.70 -23.64
C GLY A 45 8.65 -15.47 -24.32
N ILE A 46 9.55 -14.74 -23.65
CA ILE A 46 10.14 -13.49 -24.14
C ILE A 46 10.77 -13.64 -25.56
N GLU A 47 11.38 -14.79 -25.88
CA GLU A 47 11.99 -15.03 -27.20
C GLU A 47 10.92 -15.13 -28.29
N ASN A 48 9.79 -15.86 -28.02
CA ASN A 48 8.71 -15.97 -29.00
C ASN A 48 7.95 -14.66 -29.18
N ARG A 49 7.79 -13.86 -28.10
CA ARG A 49 7.14 -12.56 -28.19
C ARG A 49 8.02 -11.66 -29.08
N ASP A 50 9.35 -11.72 -28.89
CA ASP A 50 10.31 -10.95 -29.69
C ASP A 50 10.26 -11.38 -31.16
N ALA A 51 10.20 -12.71 -31.42
CA ALA A 51 10.14 -13.29 -32.77
C ALA A 51 8.86 -12.99 -33.54
N THR A 52 7.74 -12.76 -32.83
CA THR A 52 6.44 -12.48 -33.47
C THR A 52 6.07 -11.02 -33.34
N ASN A 53 7.01 -10.17 -32.87
CA ASN A 53 6.81 -8.73 -32.64
C ASN A 53 5.61 -8.49 -31.71
N ASP A 54 5.48 -9.35 -30.68
CA ASP A 54 4.46 -9.36 -29.63
C ASP A 54 3.05 -9.69 -30.14
N GLN A 55 2.95 -10.21 -31.38
CA GLN A 55 1.66 -10.59 -31.96
C GLN A 55 1.05 -11.81 -31.28
N VAL A 56 1.89 -12.75 -30.80
CA VAL A 56 1.43 -13.96 -30.11
C VAL A 56 0.53 -13.59 -28.87
N THR A 57 0.87 -12.49 -28.17
CA THR A 57 0.15 -11.95 -27.01
C THR A 57 -1.28 -11.57 -27.39
N LYS A 58 -1.42 -10.83 -28.51
CA LYS A 58 -2.71 -10.38 -29.05
C LYS A 58 -3.55 -11.56 -29.53
N ASP A 59 -2.90 -12.56 -30.16
CA ASP A 59 -3.57 -13.76 -30.69
C ASP A 59 -4.12 -14.61 -29.54
N ALA A 60 -3.32 -14.75 -28.46
CA ALA A 60 -3.71 -15.48 -27.24
C ALA A 60 -4.94 -14.82 -26.62
N ALA A 61 -4.94 -13.47 -26.52
CA ALA A 61 -6.09 -12.70 -25.98
C ALA A 61 -7.35 -12.92 -26.78
N GLU A 62 -7.24 -12.96 -28.13
CA GLU A 62 -8.39 -13.21 -29.02
C GLU A 62 -8.90 -14.66 -28.89
N ALA A 63 -7.98 -15.62 -28.71
CA ALA A 63 -8.33 -17.03 -28.48
C ALA A 63 -9.10 -17.19 -27.16
N ILE A 64 -8.76 -16.39 -26.11
CA ILE A 64 -9.50 -16.40 -24.83
C ILE A 64 -10.92 -15.88 -25.05
N LYS A 65 -11.09 -14.83 -25.87
CA LYS A 65 -12.42 -14.29 -26.22
C LYS A 65 -13.29 -15.38 -26.86
N LYS A 66 -12.69 -16.19 -27.73
CA LYS A 66 -13.33 -17.27 -28.46
C LYS A 66 -13.66 -18.51 -27.57
N HIS A 67 -12.69 -19.01 -26.78
CA HIS A 67 -12.88 -20.24 -26.00
C HIS A 67 -13.28 -20.04 -24.53
N ASN A 68 -13.31 -18.79 -24.05
CA ASN A 68 -13.81 -18.33 -22.74
C ASN A 68 -12.97 -18.68 -21.51
N VAL A 69 -11.89 -19.46 -21.66
CA VAL A 69 -11.05 -19.75 -20.51
C VAL A 69 -9.60 -19.79 -20.97
N GLY A 70 -8.82 -18.99 -20.27
CA GLY A 70 -7.38 -18.90 -20.45
C GLY A 70 -6.71 -19.23 -19.16
N VAL A 71 -5.49 -19.81 -19.25
CA VAL A 71 -4.63 -20.16 -18.12
C VAL A 71 -3.20 -19.67 -18.46
N LYS A 72 -2.74 -18.66 -17.76
CA LYS A 72 -1.48 -18.04 -18.12
C LYS A 72 -0.34 -18.24 -17.14
N CYS A 73 0.84 -18.61 -17.65
CA CYS A 73 2.11 -18.75 -16.90
C CYS A 73 2.70 -17.33 -16.72
N ALA A 74 3.47 -17.09 -15.65
CA ALA A 74 4.08 -15.78 -15.42
C ALA A 74 5.14 -15.53 -16.51
N THR A 75 5.24 -14.26 -16.95
CA THR A 75 6.11 -13.84 -18.04
C THR A 75 7.03 -12.69 -17.63
N ILE A 76 8.09 -12.44 -18.42
CA ILE A 76 9.00 -11.30 -18.21
C ILE A 76 8.42 -10.06 -18.93
N THR A 77 8.38 -8.91 -18.23
CA THR A 77 8.06 -7.58 -18.74
C THR A 77 9.47 -6.96 -18.83
N PRO A 78 10.03 -6.86 -20.04
CA PRO A 78 11.44 -6.43 -20.16
C PRO A 78 11.74 -4.97 -19.84
N ASP A 79 12.95 -4.78 -19.30
CA ASP A 79 13.55 -3.47 -18.99
C ASP A 79 14.83 -3.39 -19.84
N GLU A 80 15.72 -2.40 -19.59
CA GLU A 80 16.97 -2.23 -20.37
C GLU A 80 17.87 -3.46 -20.31
N LYS A 81 18.10 -3.99 -19.09
CA LYS A 81 18.92 -5.18 -18.84
C LYS A 81 18.43 -6.42 -19.56
N ARG A 82 17.10 -6.59 -19.68
CA ARG A 82 16.47 -7.72 -20.38
C ARG A 82 16.66 -7.62 -21.89
N VAL A 83 16.58 -6.38 -22.43
CA VAL A 83 16.79 -6.09 -23.87
C VAL A 83 18.20 -6.56 -24.29
N GLU A 84 19.24 -6.23 -23.48
CA GLU A 84 20.63 -6.63 -23.69
C GLU A 84 20.80 -8.15 -23.58
N GLU A 85 20.18 -8.74 -22.53
CA GLU A 85 20.21 -10.17 -22.21
C GLU A 85 19.66 -11.04 -23.35
N PHE A 86 18.48 -10.70 -23.86
CA PHE A 86 17.85 -11.50 -24.92
C PHE A 86 18.07 -10.95 -26.33
N LYS A 87 18.79 -9.79 -26.44
CA LYS A 87 19.07 -9.10 -27.71
C LYS A 87 17.74 -8.79 -28.42
N LEU A 88 16.78 -8.23 -27.65
CA LEU A 88 15.41 -7.91 -28.07
C LEU A 88 15.36 -6.76 -29.05
N LYS A 89 14.41 -6.81 -30.00
CA LYS A 89 14.19 -5.78 -31.01
C LYS A 89 13.67 -4.49 -30.38
N GLN A 90 12.81 -4.63 -29.37
CA GLN A 90 12.16 -3.54 -28.63
C GLN A 90 11.98 -3.96 -27.19
N MET A 91 11.70 -2.99 -26.32
CA MET A 91 11.39 -3.24 -24.93
C MET A 91 9.87 -3.43 -24.88
N TRP A 92 9.43 -4.65 -25.22
CA TRP A 92 8.03 -5.07 -25.30
C TRP A 92 7.25 -4.76 -24.05
N LYS A 93 6.02 -4.27 -24.21
CA LYS A 93 5.10 -3.93 -23.13
C LYS A 93 4.66 -5.19 -22.40
N SER A 94 4.24 -5.03 -21.14
CA SER A 94 3.72 -6.11 -20.29
C SER A 94 2.64 -6.94 -21.03
N PRO A 95 2.83 -8.27 -21.19
CA PRO A 95 1.79 -9.08 -21.84
C PRO A 95 0.47 -9.07 -21.07
N ASN A 96 0.54 -8.96 -19.72
CA ASN A 96 -0.63 -8.89 -18.84
C ASN A 96 -1.46 -7.65 -19.13
N GLY A 97 -0.78 -6.50 -19.31
CA GLY A 97 -1.41 -5.23 -19.68
C GLY A 97 -2.09 -5.34 -21.03
N THR A 98 -1.42 -5.99 -22.01
CA THR A 98 -1.95 -6.22 -23.37
C THR A 98 -3.22 -7.07 -23.33
N ILE A 99 -3.17 -8.22 -22.62
CA ILE A 99 -4.28 -9.16 -22.50
C ILE A 99 -5.47 -8.51 -21.79
N ARG A 100 -5.21 -7.89 -20.62
CA ARG A 100 -6.24 -7.19 -19.82
C ARG A 100 -6.88 -6.04 -20.61
N ASN A 101 -6.08 -5.32 -21.40
CA ASN A 101 -6.62 -4.23 -22.21
C ASN A 101 -7.61 -4.76 -23.25
N ILE A 102 -7.28 -5.91 -23.89
CA ILE A 102 -8.15 -6.55 -24.88
C ILE A 102 -9.43 -7.13 -24.24
N LEU A 103 -9.29 -7.88 -23.15
CA LEU A 103 -10.45 -8.54 -22.52
C LEU A 103 -11.29 -7.64 -21.62
N GLY A 104 -10.66 -6.78 -20.84
CA GLY A 104 -11.36 -5.95 -19.87
C GLY A 104 -11.76 -6.75 -18.64
N GLY A 105 -12.38 -6.12 -17.67
CA GLY A 105 -12.84 -6.81 -16.48
C GLY A 105 -12.23 -6.41 -15.16
N THR A 106 -12.28 -7.36 -14.22
CA THR A 106 -11.79 -7.21 -12.85
C THR A 106 -10.97 -8.43 -12.54
N VAL A 107 -9.75 -8.21 -12.00
CA VAL A 107 -8.84 -9.28 -11.58
C VAL A 107 -9.14 -9.47 -10.09
N PHE A 108 -9.66 -10.64 -9.74
CA PHE A 108 -9.95 -10.95 -8.34
C PHE A 108 -8.79 -11.71 -7.79
N ARG A 109 -8.26 -11.21 -6.66
CA ARG A 109 -7.08 -11.76 -6.02
C ARG A 109 -7.34 -12.06 -4.57
N GLU A 110 -6.89 -13.23 -4.12
CA GLU A 110 -7.15 -13.75 -2.78
C GLU A 110 -6.04 -14.68 -2.36
N ALA A 111 -5.70 -14.64 -1.06
CA ALA A 111 -4.64 -15.49 -0.50
C ALA A 111 -5.06 -16.98 -0.49
N ILE A 112 -4.11 -17.89 -0.69
CA ILE A 112 -4.33 -19.34 -0.61
C ILE A 112 -3.90 -19.69 0.84
N ILE A 113 -4.86 -19.96 1.71
CA ILE A 113 -4.63 -20.16 3.14
C ILE A 113 -4.38 -21.61 3.56
N CYS A 114 -3.28 -21.78 4.26
CA CYS A 114 -2.83 -23.03 4.90
C CYS A 114 -2.79 -22.80 6.41
N LYS A 115 -3.46 -23.68 7.17
CA LYS A 115 -3.58 -23.62 8.64
C LYS A 115 -2.24 -23.46 9.38
N ASN A 116 -1.15 -23.99 8.83
CA ASN A 116 0.18 -23.97 9.46
C ASN A 116 1.10 -22.82 9.00
N ILE A 117 0.64 -21.95 8.09
CA ILE A 117 1.45 -20.81 7.65
C ILE A 117 1.08 -19.60 8.51
N PRO A 118 2.04 -19.01 9.24
CA PRO A 118 1.70 -17.85 10.07
C PRO A 118 1.48 -16.57 9.25
N ARG A 119 0.52 -15.76 9.65
CA ARG A 119 0.23 -14.49 9.00
C ARG A 119 1.19 -13.43 9.53
N LEU A 120 1.45 -12.36 8.78
CA LEU A 120 2.22 -11.24 9.31
C LEU A 120 1.24 -10.38 10.10
N VAL A 121 -0.03 -10.33 9.66
CA VAL A 121 -1.12 -9.57 10.32
C VAL A 121 -1.97 -10.58 11.09
N SER A 122 -1.75 -10.67 12.41
CA SER A 122 -2.41 -11.61 13.30
C SER A 122 -3.95 -11.46 13.34
N GLY A 123 -4.46 -10.25 13.16
CA GLY A 123 -5.90 -10.00 13.18
C GLY A 123 -6.71 -10.54 12.01
N TRP A 124 -6.07 -10.81 10.85
CA TRP A 124 -6.80 -11.24 9.63
C TRP A 124 -7.30 -12.70 9.72
N VAL A 125 -8.42 -12.92 10.43
CA VAL A 125 -9.02 -14.26 10.64
C VAL A 125 -9.98 -14.67 9.51
N LYS A 126 -10.43 -13.68 8.72
CA LYS A 126 -11.30 -13.91 7.58
C LYS A 126 -10.59 -13.43 6.30
N PRO A 127 -10.99 -13.93 5.12
CA PRO A 127 -10.29 -13.52 3.88
C PRO A 127 -10.55 -12.09 3.41
N ILE A 128 -9.58 -11.52 2.68
CA ILE A 128 -9.71 -10.23 2.03
C ILE A 128 -9.64 -10.49 0.53
N ILE A 129 -10.67 -10.12 -0.19
CA ILE A 129 -10.66 -10.34 -1.64
C ILE A 129 -10.44 -9.02 -2.33
N ILE A 130 -9.36 -8.93 -3.11
CA ILE A 130 -9.12 -7.70 -3.87
C ILE A 130 -9.72 -7.82 -5.27
N GLY A 131 -10.58 -6.87 -5.60
CA GLY A 131 -11.17 -6.73 -6.92
C GLY A 131 -10.43 -5.61 -7.63
N ARG A 132 -9.41 -5.94 -8.43
CA ARG A 132 -8.59 -4.97 -9.15
C ARG A 132 -9.16 -4.64 -10.54
N HIS A 133 -9.56 -3.37 -10.76
CA HIS A 133 -10.07 -2.92 -12.07
C HIS A 133 -8.95 -3.19 -13.05
N ALA A 134 -9.20 -4.01 -14.09
CA ALA A 134 -8.13 -4.45 -14.99
C ALA A 134 -7.90 -3.60 -16.21
N TYR A 135 -8.62 -2.49 -16.36
CA TYR A 135 -8.51 -1.66 -17.56
C TYR A 135 -8.01 -0.23 -17.30
N GLY A 136 -7.27 0.31 -18.26
CA GLY A 136 -6.85 1.71 -18.30
C GLY A 136 -5.96 2.23 -17.20
N ASP A 137 -6.10 3.54 -16.88
CA ASP A 137 -5.28 4.28 -15.92
C ASP A 137 -3.80 4.19 -16.33
N GLN A 138 -2.87 3.91 -15.40
CA GLN A 138 -1.43 3.84 -15.68
C GLN A 138 -1.05 2.72 -16.64
N TYR A 139 -1.92 1.69 -16.78
CA TYR A 139 -1.61 0.49 -17.60
C TYR A 139 -1.96 0.68 -19.10
N ARG A 140 -2.47 1.85 -19.50
CA ARG A 140 -2.68 2.19 -20.90
C ARG A 140 -2.45 3.70 -21.05
N ALA A 141 -1.40 4.19 -20.40
CA ALA A 141 -1.10 5.61 -20.38
C ALA A 141 -0.16 6.03 -21.46
N THR A 142 -0.10 7.33 -21.73
CA THR A 142 0.83 7.90 -22.68
C THR A 142 1.76 8.81 -21.88
N ASP A 143 2.97 8.34 -21.61
CA ASP A 143 3.97 9.09 -20.83
C ASP A 143 5.17 9.37 -21.67
N PHE A 144 5.80 10.53 -21.47
CA PHE A 144 6.95 10.93 -22.27
C PHE A 144 7.84 11.88 -21.46
N VAL A 145 9.06 12.07 -21.96
CA VAL A 145 10.03 13.00 -21.38
C VAL A 145 9.77 14.37 -22.01
N VAL A 146 9.76 15.40 -21.16
CA VAL A 146 9.63 16.79 -21.60
C VAL A 146 11.11 17.28 -21.68
N PRO A 147 11.66 17.49 -22.89
CA PRO A 147 13.11 17.76 -23.01
C PRO A 147 13.60 19.13 -22.55
N GLY A 148 12.70 20.08 -22.40
CA GLY A 148 13.09 21.40 -21.97
C GLY A 148 11.91 22.31 -21.84
N PRO A 149 12.15 23.65 -21.66
CA PRO A 149 11.02 24.59 -21.51
C PRO A 149 10.01 24.51 -22.64
N GLY A 150 8.75 24.64 -22.28
CA GLY A 150 7.66 24.50 -23.22
C GLY A 150 6.36 24.17 -22.53
N LYS A 151 5.29 24.14 -23.29
CA LYS A 151 3.92 23.95 -22.79
C LYS A 151 3.40 22.54 -23.04
N VAL A 152 2.82 21.94 -22.00
CA VAL A 152 2.16 20.64 -22.11
C VAL A 152 0.67 20.91 -21.94
N GLU A 153 -0.12 20.46 -22.92
CA GLU A 153 -1.56 20.66 -22.91
C GLU A 153 -2.26 19.37 -23.19
N ILE A 154 -3.49 19.23 -22.71
CA ILE A 154 -4.29 18.02 -22.94
C ILE A 154 -5.60 18.50 -23.53
N THR A 155 -6.00 17.92 -24.67
CA THR A 155 -7.22 18.36 -25.36
C THR A 155 -8.27 17.30 -25.54
N TYR A 156 -9.54 17.71 -25.52
CA TYR A 156 -10.64 16.82 -25.81
C TYR A 156 -11.40 17.36 -27.02
N THR A 157 -11.62 16.51 -28.03
CA THR A 157 -12.39 16.91 -29.23
C THR A 157 -13.55 15.93 -29.41
N PRO A 158 -14.79 16.32 -29.06
CA PRO A 158 -15.94 15.40 -29.26
C PRO A 158 -16.08 15.01 -30.73
N SER A 159 -16.57 13.80 -31.00
CA SER A 159 -16.63 13.27 -32.37
C SER A 159 -17.54 14.08 -33.32
N ASP A 160 -18.54 14.84 -32.81
CA ASP A 160 -19.38 15.71 -33.67
C ASP A 160 -18.60 16.92 -34.28
N GLY A 161 -17.45 17.26 -33.68
CA GLY A 161 -16.57 18.34 -34.12
C GLY A 161 -17.07 19.75 -33.86
N THR A 162 -18.09 19.90 -33.01
CA THR A 162 -18.71 21.19 -32.67
C THR A 162 -17.91 22.00 -31.62
N GLN A 163 -16.96 21.38 -30.92
CA GLN A 163 -16.15 22.06 -29.89
C GLN A 163 -14.80 21.39 -29.63
N LYS A 164 -13.94 22.06 -28.89
CA LYS A 164 -12.62 21.57 -28.53
C LYS A 164 -12.27 22.17 -27.16
N VAL A 165 -11.86 21.33 -26.21
CA VAL A 165 -11.44 21.83 -24.91
C VAL A 165 -9.93 21.58 -24.79
N THR A 166 -9.20 22.62 -24.44
CA THR A 166 -7.75 22.55 -24.21
C THR A 166 -7.48 22.88 -22.76
N TYR A 167 -6.90 21.95 -22.02
CA TYR A 167 -6.51 22.21 -20.62
C TYR A 167 -5.00 22.32 -20.58
N LEU A 168 -4.48 23.32 -19.87
CA LEU A 168 -3.04 23.43 -19.70
C LEU A 168 -2.63 22.44 -18.58
N VAL A 169 -1.67 21.54 -18.87
CA VAL A 169 -1.14 20.57 -17.91
C VAL A 169 -0.04 21.31 -17.17
N HIS A 170 0.93 21.87 -17.90
CA HIS A 170 2.02 22.63 -17.26
C HIS A 170 2.83 23.41 -18.26
N ASN A 171 3.27 24.59 -17.84
CA ASN A 171 4.20 25.37 -18.64
C ASN A 171 5.56 25.22 -17.95
N PHE A 172 6.48 24.49 -18.60
CA PHE A 172 7.82 24.25 -18.10
C PHE A 172 8.64 25.49 -18.43
N GLU A 173 9.01 26.25 -17.40
CA GLU A 173 9.76 27.50 -17.56
C GLU A 173 11.27 27.28 -17.49
N GLU A 174 11.74 26.45 -16.55
CA GLU A 174 13.16 26.16 -16.37
C GLU A 174 13.35 24.66 -16.50
N GLY A 175 14.10 24.22 -17.50
CA GLY A 175 14.37 22.81 -17.72
C GLY A 175 13.17 21.99 -18.18
N GLY A 176 13.36 20.69 -18.22
CA GLY A 176 12.29 19.77 -18.60
C GLY A 176 11.78 18.92 -17.44
N GLY A 177 11.34 17.72 -17.78
CA GLY A 177 10.77 16.80 -16.84
C GLY A 177 10.03 15.68 -17.53
N VAL A 178 8.81 15.40 -17.06
CA VAL A 178 7.99 14.30 -17.56
C VAL A 178 6.57 14.71 -17.55
N ALA A 179 5.76 14.09 -18.40
CA ALA A 179 4.33 14.34 -18.46
C ALA A 179 3.65 13.06 -18.90
N MET A 180 2.37 12.92 -18.60
CA MET A 180 1.61 11.76 -19.01
C MET A 180 0.14 12.05 -19.08
N GLY A 181 -0.52 11.32 -19.96
CA GLY A 181 -1.96 11.39 -20.09
C GLY A 181 -2.50 9.99 -19.85
N MET A 182 -3.66 9.90 -19.19
CA MET A 182 -4.26 8.59 -18.94
C MET A 182 -5.77 8.75 -18.92
N TYR A 183 -6.48 7.64 -19.01
CA TYR A 183 -7.93 7.73 -19.09
C TYR A 183 -8.56 6.47 -18.57
N ASN A 184 -9.87 6.51 -18.46
CA ASN A 184 -10.71 5.39 -18.19
C ASN A 184 -12.04 5.59 -18.91
N GLN A 185 -12.80 4.51 -19.07
CA GLN A 185 -14.06 4.45 -19.80
C GLN A 185 -15.24 4.17 -18.88
N ASP A 186 -16.34 4.91 -19.03
CA ASP A 186 -17.56 4.72 -18.21
C ASP A 186 -18.05 3.27 -18.15
N LYS A 187 -18.14 2.62 -19.32
CA LYS A 187 -18.58 1.23 -19.46
C LYS A 187 -17.68 0.26 -18.68
N SER A 188 -16.36 0.48 -18.74
CA SER A 188 -15.38 -0.33 -18.02
C SER A 188 -15.55 -0.15 -16.50
N ILE A 189 -15.80 1.09 -16.05
CA ILE A 189 -16.05 1.39 -14.63
C ILE A 189 -17.37 0.73 -14.15
N GLU A 190 -18.42 0.81 -14.95
CA GLU A 190 -19.72 0.17 -14.67
C GLU A 190 -19.56 -1.33 -14.51
N ASP A 191 -18.76 -1.99 -15.39
CA ASP A 191 -18.51 -3.42 -15.35
C ASP A 191 -17.75 -3.80 -14.10
N PHE A 192 -16.81 -2.98 -13.70
CA PHE A 192 -16.01 -3.14 -12.50
C PHE A 192 -16.90 -3.07 -11.27
N ALA A 193 -17.80 -2.06 -11.23
CA ALA A 193 -18.80 -1.91 -10.18
C ALA A 193 -19.69 -3.19 -10.08
N HIS A 194 -20.28 -3.64 -11.21
CA HIS A 194 -21.16 -4.83 -11.22
C HIS A 194 -20.45 -6.07 -10.67
N SER A 195 -19.23 -6.36 -11.16
CA SER A 195 -18.42 -7.49 -10.74
C SER A 195 -18.10 -7.43 -9.22
N SER A 196 -17.83 -6.20 -8.69
CA SER A 196 -17.51 -5.99 -7.26
C SER A 196 -18.75 -6.23 -6.39
N PHE A 197 -19.89 -5.68 -6.79
CA PHE A 197 -21.16 -5.87 -6.06
C PHE A 197 -21.58 -7.36 -6.05
N GLN A 198 -21.45 -8.05 -7.19
CA GLN A 198 -21.78 -9.47 -7.36
C GLN A 198 -20.89 -10.37 -6.52
N MET A 199 -19.58 -10.04 -6.42
CA MET A 199 -18.60 -10.77 -5.62
C MET A 199 -18.92 -10.62 -4.14
N ALA A 200 -19.22 -9.39 -3.71
CA ALA A 200 -19.60 -9.13 -2.31
C ALA A 200 -20.87 -9.95 -1.92
N LEU A 201 -21.84 -10.03 -2.83
CA LEU A 201 -23.08 -10.77 -2.59
C LEU A 201 -22.91 -12.28 -2.62
N SER A 202 -21.98 -12.80 -3.43
CA SER A 202 -21.74 -14.25 -3.50
C SER A 202 -20.97 -14.75 -2.27
N LYS A 203 -20.17 -13.88 -1.64
CA LYS A 203 -19.36 -14.22 -0.48
C LYS A 203 -20.06 -13.85 0.82
N GLY A 204 -21.01 -12.95 0.73
CA GLY A 204 -21.76 -12.45 1.89
C GLY A 204 -20.93 -11.52 2.76
N TRP A 205 -20.09 -10.67 2.10
CA TRP A 205 -19.22 -9.72 2.80
C TRP A 205 -19.45 -8.31 2.36
N PRO A 206 -19.18 -7.30 3.23
CA PRO A 206 -19.30 -5.90 2.77
C PRO A 206 -18.26 -5.56 1.69
N LEU A 207 -18.55 -4.52 0.91
CA LEU A 207 -17.68 -4.08 -0.16
C LEU A 207 -17.21 -2.65 0.10
N TYR A 208 -15.92 -2.40 -0.14
CA TYR A 208 -15.32 -1.07 -0.03
C TYR A 208 -14.64 -0.76 -1.33
N LEU A 209 -14.86 0.45 -1.84
CA LEU A 209 -14.15 1.01 -2.99
C LEU A 209 -13.18 2.08 -2.45
N SER A 210 -11.92 2.00 -2.83
CA SER A 210 -10.93 3.01 -2.47
C SER A 210 -10.60 3.90 -3.69
N THR A 211 -10.54 5.23 -3.48
CA THR A 211 -10.14 6.22 -4.49
C THR A 211 -9.42 7.35 -3.76
N LYS A 212 -8.98 8.36 -4.51
CA LYS A 212 -8.39 9.58 -3.95
C LYS A 212 -9.19 10.78 -4.56
N ASN A 213 -10.52 10.70 -4.48
CA ASN A 213 -11.46 11.67 -5.06
C ASN A 213 -11.39 13.05 -4.46
N THR A 214 -10.76 13.21 -3.28
CA THR A 214 -10.57 14.52 -2.68
C THR A 214 -9.51 15.31 -3.48
N ILE A 215 -8.63 14.59 -4.20
CA ILE A 215 -7.54 15.18 -5.00
C ILE A 215 -7.92 15.16 -6.49
N LEU A 216 -8.26 13.97 -7.02
CA LEU A 216 -8.68 13.78 -8.40
C LEU A 216 -10.20 13.82 -8.39
N LYS A 217 -10.76 15.02 -8.19
CA LYS A 217 -12.21 15.26 -8.02
C LYS A 217 -13.04 14.76 -9.17
N LYS A 218 -12.57 14.94 -10.41
CA LYS A 218 -13.29 14.51 -11.60
C LYS A 218 -13.03 13.06 -11.96
N TYR A 219 -11.76 12.65 -12.00
CA TYR A 219 -11.34 11.33 -12.42
C TYR A 219 -11.81 10.25 -11.41
N ASP A 220 -11.43 10.40 -10.14
CA ASP A 220 -11.81 9.42 -9.10
C ASP A 220 -13.24 9.61 -8.67
N GLY A 221 -13.73 10.86 -8.78
CA GLY A 221 -15.12 11.19 -8.50
C GLY A 221 -16.06 10.38 -9.37
N ARG A 222 -15.66 10.11 -10.60
CA ARG A 222 -16.47 9.32 -11.53
C ARG A 222 -16.60 7.86 -11.09
N PHE A 223 -15.51 7.26 -10.55
CA PHE A 223 -15.53 5.90 -10.03
C PHE A 223 -16.53 5.85 -8.86
N LYS A 224 -16.40 6.80 -7.91
CA LYS A 224 -17.25 6.93 -6.73
C LYS A 224 -18.74 7.10 -7.13
N ASP A 225 -19.03 8.01 -8.11
CA ASP A 225 -20.40 8.26 -8.58
C ASP A 225 -21.01 7.06 -9.27
N ILE A 226 -20.22 6.35 -10.11
CA ILE A 226 -20.72 5.18 -10.83
C ILE A 226 -21.04 4.04 -9.83
N PHE A 227 -20.16 3.80 -8.85
CA PHE A 227 -20.41 2.77 -7.83
C PHE A 227 -21.66 3.09 -7.01
N GLN A 228 -21.78 4.34 -6.51
CA GLN A 228 -22.93 4.75 -5.70
C GLN A 228 -24.28 4.62 -6.44
N GLU A 229 -24.33 5.07 -7.69
CA GLU A 229 -25.47 5.07 -8.58
C GLU A 229 -25.91 3.63 -8.85
N ILE A 230 -24.96 2.72 -9.16
CA ILE A 230 -25.27 1.31 -9.43
C ILE A 230 -25.78 0.61 -8.15
N TYR A 231 -25.15 0.90 -6.98
CA TYR A 231 -25.55 0.34 -5.71
C TYR A 231 -27.01 0.71 -5.35
N ASP A 232 -27.33 2.02 -5.39
CA ASP A 232 -28.67 2.56 -5.06
C ASP A 232 -29.77 2.02 -5.95
N LYS A 233 -29.50 1.85 -7.25
CA LYS A 233 -30.47 1.37 -8.22
C LYS A 233 -30.60 -0.15 -8.33
N GLN A 234 -29.50 -0.89 -8.12
CA GLN A 234 -29.51 -2.34 -8.37
C GLN A 234 -29.11 -3.28 -7.24
N TYR A 235 -28.41 -2.81 -6.19
CA TYR A 235 -27.91 -3.78 -5.22
C TYR A 235 -28.21 -3.50 -3.77
N LYS A 236 -28.62 -2.28 -3.40
CA LYS A 236 -28.83 -1.90 -2.01
C LYS A 236 -29.73 -2.87 -1.21
N SER A 237 -30.91 -3.25 -1.75
CA SER A 237 -31.83 -4.18 -1.05
C SER A 237 -31.20 -5.55 -0.85
N GLN A 238 -30.47 -6.04 -1.87
CA GLN A 238 -29.75 -7.32 -1.83
C GLN A 238 -28.69 -7.32 -0.71
N PHE A 239 -27.96 -6.20 -0.55
CA PHE A 239 -26.95 -6.02 0.50
C PHE A 239 -27.63 -5.97 1.88
N GLU A 240 -28.74 -5.21 1.99
CA GLU A 240 -29.54 -5.08 3.21
C GLU A 240 -30.11 -6.45 3.66
N ALA A 241 -30.50 -7.30 2.70
CA ALA A 241 -31.00 -8.67 2.92
C ALA A 241 -29.93 -9.59 3.51
N GLN A 242 -28.63 -9.35 3.21
CA GLN A 242 -27.53 -10.17 3.72
C GLN A 242 -26.81 -9.49 4.89
N LYS A 243 -27.33 -8.35 5.36
CA LYS A 243 -26.79 -7.54 6.45
C LYS A 243 -25.33 -7.08 6.17
N ILE A 244 -25.08 -6.79 4.87
CA ILE A 244 -23.78 -6.31 4.39
C ILE A 244 -23.99 -4.91 3.84
N TRP A 245 -22.90 -4.22 3.49
CA TRP A 245 -22.97 -2.84 3.02
C TRP A 245 -21.89 -2.55 2.01
N TYR A 246 -22.03 -1.42 1.32
CA TYR A 246 -21.05 -0.89 0.39
C TYR A 246 -20.67 0.51 0.87
N GLU A 247 -19.37 0.79 0.98
CA GLU A 247 -18.88 2.12 1.34
C GLU A 247 -17.64 2.52 0.53
N HIS A 248 -17.55 3.79 0.20
CA HIS A 248 -16.38 4.36 -0.46
C HIS A 248 -15.44 4.82 0.66
N ARG A 249 -14.12 4.69 0.45
CA ARG A 249 -13.10 5.13 1.39
C ARG A 249 -11.96 5.75 0.61
N LEU A 250 -11.26 6.71 1.23
CA LEU A 250 -10.02 7.24 0.66
C LEU A 250 -8.98 6.17 0.79
N ILE A 251 -8.16 5.99 -0.25
CA ILE A 251 -7.16 4.92 -0.30
C ILE A 251 -6.24 4.88 0.96
N ASP A 252 -5.72 6.03 1.43
CA ASP A 252 -4.82 6.04 2.59
C ASP A 252 -5.56 5.64 3.87
N ASP A 253 -6.85 6.04 4.00
CA ASP A 253 -7.70 5.60 5.11
C ASP A 253 -7.98 4.09 5.00
N MET A 254 -8.34 3.61 3.78
CA MET A 254 -8.66 2.23 3.50
C MET A 254 -7.56 1.25 3.85
N VAL A 255 -6.30 1.55 3.50
CA VAL A 255 -5.18 0.67 3.80
C VAL A 255 -5.03 0.47 5.31
N ALA A 256 -5.04 1.59 6.07
CA ALA A 256 -4.93 1.59 7.54
C ALA A 256 -6.11 0.85 8.17
N GLN A 257 -7.33 1.09 7.66
CA GLN A 257 -8.52 0.38 8.14
C GLN A 257 -8.38 -1.15 7.86
N ALA A 258 -7.91 -1.53 6.64
CA ALA A 258 -7.72 -2.94 6.28
C ALA A 258 -6.74 -3.63 7.26
N MET A 259 -5.60 -2.96 7.53
CA MET A 259 -4.53 -3.44 8.40
C MET A 259 -4.97 -3.74 9.82
N LYS A 260 -5.88 -2.93 10.37
CA LYS A 260 -6.35 -3.09 11.74
C LYS A 260 -7.67 -3.88 11.82
N SER A 261 -8.19 -4.33 10.66
CA SER A 261 -9.44 -5.10 10.60
C SER A 261 -9.17 -6.58 10.90
N GLU A 262 -10.21 -7.39 10.81
CA GLU A 262 -10.10 -8.84 10.93
C GLU A 262 -10.35 -9.55 9.59
N GLY A 263 -10.32 -8.79 8.49
CA GLY A 263 -10.59 -9.30 7.15
C GLY A 263 -12.07 -9.48 6.96
N GLY A 264 -12.46 -10.25 5.95
CA GLY A 264 -13.88 -10.51 5.67
C GLY A 264 -14.56 -9.40 4.90
N PHE A 265 -13.97 -9.01 3.76
CA PHE A 265 -14.55 -7.97 2.90
C PHE A 265 -13.95 -8.03 1.53
N ILE A 266 -14.67 -7.42 0.60
CA ILE A 266 -14.26 -7.25 -0.79
C ILE A 266 -13.73 -5.85 -0.87
N TRP A 267 -12.55 -5.72 -1.45
CA TRP A 267 -11.90 -4.42 -1.62
C TRP A 267 -11.74 -4.13 -3.14
N ALA A 268 -12.62 -3.26 -3.63
CA ALA A 268 -12.59 -2.81 -5.03
C ALA A 268 -11.50 -1.73 -5.18
N CYS A 269 -10.45 -2.05 -5.95
CA CYS A 269 -9.27 -1.24 -6.21
C CYS A 269 -9.22 -0.80 -7.65
N LYS A 270 -8.77 0.44 -7.86
CA LYS A 270 -8.44 0.94 -9.19
C LYS A 270 -7.18 0.15 -9.62
N ASN A 271 -6.94 0.06 -10.90
CA ASN A 271 -5.88 -0.72 -11.51
C ASN A 271 -4.51 -0.65 -10.77
N TYR A 272 -3.98 0.55 -10.56
CA TYR A 272 -2.69 0.72 -9.90
C TYR A 272 -2.71 0.29 -8.43
N ASP A 273 -3.73 0.70 -7.64
CA ASP A 273 -3.85 0.32 -6.24
C ASP A 273 -4.02 -1.18 -6.07
N GLY A 274 -4.79 -1.83 -6.94
CA GLY A 274 -5.04 -3.27 -6.87
C GLY A 274 -3.77 -4.04 -7.13
N ASP A 275 -2.88 -3.49 -7.95
CA ASP A 275 -1.59 -4.10 -8.20
C ASP A 275 -0.77 -4.13 -6.91
N VAL A 276 -0.64 -2.99 -6.24
CA VAL A 276 0.14 -2.87 -4.99
C VAL A 276 -0.55 -3.58 -3.80
N GLN A 277 -1.83 -3.33 -3.58
CA GLN A 277 -2.59 -3.89 -2.48
C GLN A 277 -2.75 -5.40 -2.54
N SER A 278 -2.94 -5.99 -3.73
CA SER A 278 -3.07 -7.44 -3.82
C SER A 278 -1.79 -8.12 -3.34
N ASP A 279 -0.61 -7.55 -3.67
CA ASP A 279 0.68 -8.05 -3.20
C ASP A 279 0.88 -7.87 -1.68
N SER A 280 0.48 -6.70 -1.14
CA SER A 280 0.58 -6.35 0.28
C SER A 280 -0.28 -7.29 1.12
N VAL A 281 -1.55 -7.50 0.69
CA VAL A 281 -2.50 -8.39 1.33
C VAL A 281 -1.99 -9.83 1.31
N ALA A 282 -1.48 -10.31 0.16
CA ALA A 282 -0.92 -11.66 0.03
C ALA A 282 0.26 -11.86 1.02
N GLN A 283 1.13 -10.84 1.14
CA GLN A 283 2.24 -10.83 2.08
C GLN A 283 1.75 -10.81 3.55
N GLY A 284 0.70 -10.03 3.83
CA GLY A 284 0.06 -9.97 5.14
C GLY A 284 -0.48 -11.33 5.62
N TYR A 285 -1.01 -12.17 4.67
CA TYR A 285 -1.48 -13.52 5.00
C TYR A 285 -0.34 -14.52 5.19
N GLY A 286 0.88 -14.12 4.82
CA GLY A 286 2.04 -14.98 5.02
C GLY A 286 3.02 -15.09 3.89
N SER A 287 2.53 -15.32 2.68
CA SER A 287 3.41 -15.50 1.53
C SER A 287 2.89 -14.80 0.30
N LEU A 288 3.75 -13.97 -0.31
CA LEU A 288 3.47 -13.21 -1.54
C LEU A 288 2.98 -14.13 -2.67
N GLY A 289 3.63 -15.28 -2.84
CA GLY A 289 3.30 -16.28 -3.85
C GLY A 289 2.00 -17.06 -3.64
N MET A 290 1.48 -17.14 -2.39
CA MET A 290 0.26 -17.91 -2.08
C MET A 290 -0.98 -17.06 -2.34
N MET A 291 -1.31 -16.87 -3.63
CA MET A 291 -2.38 -15.98 -4.06
C MET A 291 -2.98 -16.41 -5.40
N THR A 292 -4.31 -16.37 -5.52
CA THR A 292 -5.00 -16.66 -6.78
C THR A 292 -5.12 -15.31 -7.54
N SER A 293 -5.27 -15.36 -8.87
CA SER A 293 -5.45 -14.17 -9.70
C SER A 293 -6.30 -14.55 -10.90
N VAL A 294 -7.57 -14.15 -10.88
CA VAL A 294 -8.50 -14.47 -11.94
C VAL A 294 -9.13 -13.21 -12.53
N LEU A 295 -8.94 -13.01 -13.84
CA LEU A 295 -9.59 -11.92 -14.57
C LEU A 295 -11.00 -12.39 -14.96
N VAL A 296 -12.00 -11.69 -14.47
CA VAL A 296 -13.40 -11.94 -14.76
C VAL A 296 -13.86 -10.84 -15.75
N CYS A 297 -14.10 -11.26 -17.00
CA CYS A 297 -14.47 -10.39 -18.11
C CYS A 297 -15.92 -9.91 -18.03
N PRO A 298 -16.25 -8.73 -18.64
CA PRO A 298 -17.62 -8.19 -18.57
C PRO A 298 -18.77 -9.04 -19.11
N ASP A 299 -18.48 -9.96 -20.07
CA ASP A 299 -19.52 -10.84 -20.64
C ASP A 299 -20.12 -11.86 -19.64
N GLY A 300 -19.45 -12.06 -18.49
CA GLY A 300 -19.86 -12.99 -17.46
C GLY A 300 -19.68 -14.44 -17.86
N LYS A 301 -18.85 -14.69 -18.88
CA LYS A 301 -18.62 -16.00 -19.45
C LYS A 301 -17.14 -16.27 -19.61
N THR A 302 -16.33 -15.23 -19.84
CA THR A 302 -14.89 -15.36 -20.09
C THR A 302 -14.04 -15.07 -18.84
N VAL A 303 -13.02 -15.93 -18.60
CA VAL A 303 -12.04 -15.74 -17.51
C VAL A 303 -10.63 -16.02 -17.99
N GLU A 304 -9.64 -15.38 -17.37
CA GLU A 304 -8.23 -15.68 -17.60
C GLU A 304 -7.59 -15.85 -16.18
N ALA A 305 -7.15 -17.06 -15.86
CA ALA A 305 -6.51 -17.34 -14.57
C ALA A 305 -5.01 -17.30 -14.78
N GLU A 306 -4.28 -16.71 -13.83
CA GLU A 306 -2.85 -16.57 -14.00
C GLU A 306 -2.04 -16.81 -12.72
N ALA A 307 -0.76 -17.09 -12.91
CA ALA A 307 0.23 -17.14 -11.86
C ALA A 307 0.74 -15.68 -11.87
N ALA A 308 0.30 -14.85 -10.88
CA ALA A 308 0.58 -13.40 -10.80
C ALA A 308 2.01 -13.00 -10.39
N HIS A 309 2.70 -13.82 -9.57
CA HIS A 309 4.04 -13.52 -9.07
C HIS A 309 5.12 -13.46 -10.17
N GLY A 310 6.39 -13.25 -9.75
CA GLY A 310 7.55 -13.17 -10.64
C GLY A 310 7.90 -14.45 -11.38
N THR A 311 9.04 -14.40 -12.09
CA THR A 311 9.56 -15.51 -12.89
C THR A 311 10.66 -16.24 -12.10
N VAL A 312 10.99 -15.70 -10.89
CA VAL A 312 11.96 -16.19 -9.89
C VAL A 312 13.37 -16.37 -10.53
N THR A 313 13.95 -15.27 -11.06
CA THR A 313 15.25 -15.24 -11.76
C THR A 313 16.38 -15.87 -10.93
N ARG A 314 16.45 -15.52 -9.63
CA ARG A 314 17.46 -16.04 -8.69
C ARG A 314 17.48 -17.57 -8.68
N HIS A 315 16.29 -18.19 -8.57
CA HIS A 315 16.16 -19.66 -8.61
C HIS A 315 16.56 -20.19 -9.98
N TYR A 316 16.16 -19.49 -11.06
CA TYR A 316 16.46 -19.88 -12.43
C TYR A 316 17.95 -19.92 -12.72
N ARG A 317 18.70 -18.90 -12.22
CA ARG A 317 20.17 -18.83 -12.35
C ARG A 317 20.83 -20.04 -11.70
N MET A 318 20.35 -20.43 -10.49
CA MET A 318 20.81 -21.59 -9.72
C MET A 318 20.57 -22.87 -10.52
N TYR A 319 19.34 -23.01 -11.09
CA TYR A 319 18.91 -24.15 -11.93
C TYR A 319 19.80 -24.33 -13.17
N GLN A 320 20.21 -23.21 -13.79
CA GLN A 320 21.07 -23.18 -14.97
C GLN A 320 22.48 -23.70 -14.62
N LYS A 321 22.99 -23.32 -13.42
CA LYS A 321 24.28 -23.71 -12.87
C LYS A 321 24.25 -25.13 -12.24
N GLY A 322 23.18 -25.89 -12.52
CA GLY A 322 23.00 -27.24 -12.00
C GLY A 322 22.78 -27.35 -10.49
N GLN A 323 22.43 -26.22 -9.83
CA GLN A 323 22.18 -26.18 -8.38
C GLN A 323 20.76 -26.65 -8.03
N GLU A 324 20.55 -27.07 -6.78
CA GLU A 324 19.24 -27.52 -6.34
C GLU A 324 18.37 -26.30 -6.03
N THR A 325 17.10 -26.36 -6.48
CA THR A 325 16.12 -25.31 -6.27
C THR A 325 14.88 -25.88 -5.61
N SER A 326 14.17 -25.01 -4.89
CA SER A 326 12.97 -25.30 -4.15
C SER A 326 11.99 -24.14 -4.44
N THR A 327 11.31 -24.23 -5.58
CA THR A 327 10.41 -23.18 -6.07
C THR A 327 8.96 -23.58 -5.83
N ASN A 328 8.20 -22.67 -5.23
CA ASN A 328 6.79 -22.87 -4.91
C ASN A 328 5.92 -22.87 -6.20
N PRO A 329 5.25 -24.01 -6.52
CA PRO A 329 4.41 -24.06 -7.73
C PRO A 329 2.91 -23.79 -7.51
N ILE A 330 2.48 -23.47 -6.28
CA ILE A 330 1.05 -23.33 -5.93
C ILE A 330 0.29 -22.31 -6.81
N ALA A 331 0.88 -21.11 -7.06
CA ALA A 331 0.21 -20.07 -7.85
C ALA A 331 -0.06 -20.56 -9.26
N SER A 332 0.91 -21.29 -9.82
CA SER A 332 0.75 -21.89 -11.14
C SER A 332 -0.30 -22.99 -11.10
N ILE A 333 -0.35 -23.82 -10.01
CA ILE A 333 -1.36 -24.88 -9.89
C ILE A 333 -2.76 -24.28 -9.85
N PHE A 334 -2.94 -23.26 -9.01
CA PHE A 334 -4.26 -22.61 -8.86
C PHE A 334 -4.69 -21.83 -10.11
N ALA A 335 -3.75 -21.45 -11.02
CA ALA A 335 -4.14 -20.84 -12.29
C ALA A 335 -4.88 -21.94 -13.08
N TRP A 336 -4.31 -23.17 -13.11
CA TRP A 336 -4.94 -24.31 -13.75
C TRP A 336 -6.29 -24.69 -13.16
N THR A 337 -6.35 -24.87 -11.82
CA THR A 337 -7.59 -25.24 -11.12
C THR A 337 -8.69 -24.21 -11.27
N ARG A 338 -8.36 -22.93 -11.20
CA ARG A 338 -9.36 -21.87 -11.34
C ARG A 338 -9.89 -21.83 -12.78
N GLY A 339 -8.99 -22.04 -13.75
CA GLY A 339 -9.36 -22.10 -15.17
C GLY A 339 -10.26 -23.30 -15.46
N LEU A 340 -9.86 -24.50 -14.95
CA LEU A 340 -10.64 -25.75 -15.12
C LEU A 340 -11.97 -25.70 -14.40
N ALA A 341 -12.02 -25.04 -13.22
CA ALA A 341 -13.29 -24.88 -12.50
C ALA A 341 -14.26 -24.02 -13.32
N HIS A 342 -13.75 -22.97 -13.97
CA HIS A 342 -14.63 -22.14 -14.78
C HIS A 342 -15.10 -22.88 -16.04
N ARG A 343 -14.17 -23.63 -16.68
CA ARG A 343 -14.45 -24.48 -17.83
C ARG A 343 -15.57 -25.48 -17.46
N ALA A 344 -15.44 -26.12 -16.29
CA ALA A 344 -16.43 -27.09 -15.77
C ALA A 344 -17.81 -26.46 -15.57
N LYS A 345 -17.84 -25.22 -15.04
CA LYS A 345 -19.07 -24.45 -14.78
C LYS A 345 -19.79 -24.13 -16.11
N LEU A 346 -19.04 -23.72 -17.15
CA LEU A 346 -19.59 -23.40 -18.48
C LEU A 346 -20.16 -24.64 -19.19
N ASP A 347 -19.45 -25.78 -19.08
CA ASP A 347 -19.80 -27.05 -19.72
C ASP A 347 -20.69 -27.95 -18.86
N ASN A 348 -21.07 -27.50 -17.65
CA ASN A 348 -21.86 -28.26 -16.66
C ASN A 348 -21.23 -29.67 -16.45
N ASN A 349 -19.89 -29.69 -16.29
CA ASN A 349 -19.04 -30.87 -16.16
C ASN A 349 -18.67 -31.13 -14.67
N LYS A 350 -19.44 -32.02 -14.01
CA LYS A 350 -19.28 -32.35 -12.59
C LYS A 350 -17.96 -33.03 -12.27
N GLU A 351 -17.44 -33.82 -13.21
CA GLU A 351 -16.19 -34.57 -13.07
C GLU A 351 -15.00 -33.63 -13.09
N LEU A 352 -15.03 -32.60 -13.98
CA LEU A 352 -13.95 -31.63 -14.07
C LEU A 352 -14.03 -30.68 -12.87
N ALA A 353 -15.25 -30.32 -12.44
CA ALA A 353 -15.49 -29.49 -11.27
C ALA A 353 -14.94 -30.17 -10.02
N PHE A 354 -15.16 -31.49 -9.89
CA PHE A 354 -14.65 -32.29 -8.78
C PHE A 354 -13.14 -32.30 -8.80
N PHE A 355 -12.56 -32.58 -9.99
CA PHE A 355 -11.11 -32.66 -10.15
C PHE A 355 -10.42 -31.35 -9.76
N ALA A 356 -10.93 -30.19 -10.26
CA ALA A 356 -10.32 -28.87 -10.04
C ALA A 356 -10.25 -28.56 -8.53
N ASN A 357 -11.37 -28.78 -7.84
CA ASN A 357 -11.46 -28.59 -6.40
C ASN A 357 -10.52 -29.54 -5.65
N ALA A 358 -10.49 -30.83 -6.07
CA ALA A 358 -9.64 -31.86 -5.46
C ALA A 358 -8.17 -31.51 -5.52
N LEU A 359 -7.72 -30.92 -6.65
CA LEU A 359 -6.32 -30.53 -6.80
C LEU A 359 -5.96 -29.33 -5.86
N GLU A 360 -6.93 -28.44 -5.61
CA GLU A 360 -6.75 -27.32 -4.68
C GLU A 360 -6.64 -27.88 -3.24
N GLU A 361 -7.51 -28.83 -2.88
CA GLU A 361 -7.51 -29.51 -1.57
C GLU A 361 -6.20 -30.22 -1.30
N VAL A 362 -5.72 -30.99 -2.28
CA VAL A 362 -4.45 -31.71 -2.25
C VAL A 362 -3.27 -30.76 -2.02
N SER A 363 -3.23 -29.62 -2.74
CA SER A 363 -2.18 -28.62 -2.62
C SER A 363 -2.09 -28.06 -1.19
N ILE A 364 -3.26 -27.71 -0.62
CA ILE A 364 -3.34 -27.15 0.74
C ILE A 364 -3.03 -28.24 1.80
N GLU A 365 -3.61 -29.44 1.65
CA GLU A 365 -3.40 -30.57 2.59
C GLU A 365 -1.96 -31.02 2.57
N THR A 366 -1.29 -30.93 1.40
CA THR A 366 0.14 -31.31 1.32
C THR A 366 0.98 -30.38 2.19
N ILE A 367 0.78 -29.06 2.04
CA ILE A 367 1.51 -28.06 2.80
C ILE A 367 1.21 -28.22 4.30
N GLU A 368 -0.07 -28.39 4.65
CA GLU A 368 -0.54 -28.57 6.02
C GLU A 368 -0.04 -29.89 6.68
N ALA A 369 0.34 -30.89 5.85
CA ALA A 369 0.93 -32.15 6.31
C ALA A 369 2.43 -31.95 6.59
N GLY A 370 2.94 -30.73 6.36
CA GLY A 370 4.33 -30.35 6.62
C GLY A 370 5.27 -30.52 5.46
N PHE A 371 4.72 -30.73 4.25
CA PHE A 371 5.55 -30.90 3.07
C PHE A 371 5.43 -29.63 2.23
N MET A 372 6.53 -28.88 2.10
CA MET A 372 6.53 -27.59 1.43
C MET A 372 7.90 -27.23 0.85
N THR A 373 7.93 -26.17 0.03
CA THR A 373 9.15 -25.58 -0.55
C THR A 373 9.81 -24.62 0.49
N LYS A 374 11.09 -24.22 0.23
CA LYS A 374 11.92 -23.39 1.13
C LYS A 374 11.26 -22.09 1.61
N ASP A 375 10.61 -21.36 0.70
CA ASP A 375 9.90 -20.11 1.02
C ASP A 375 8.88 -20.32 2.14
N LEU A 376 8.04 -21.37 2.00
CA LEU A 376 7.00 -21.65 3.01
C LEU A 376 7.62 -22.16 4.30
N ALA A 377 8.71 -22.92 4.21
CA ALA A 377 9.44 -23.36 5.40
C ALA A 377 10.01 -22.14 6.17
N ALA A 378 10.48 -21.10 5.43
CA ALA A 378 11.02 -19.86 6.01
C ALA A 378 9.93 -19.05 6.70
N CYS A 379 8.69 -19.11 6.18
CA CYS A 379 7.53 -18.46 6.82
C CYS A 379 7.32 -19.00 8.24
N ILE A 380 7.39 -20.35 8.39
CA ILE A 380 7.17 -21.00 9.67
C ILE A 380 8.34 -20.81 10.66
N LYS A 381 9.59 -21.09 10.21
CA LYS A 381 10.80 -21.12 11.03
C LYS A 381 11.67 -19.85 11.07
N GLY A 382 11.59 -19.02 10.03
CA GLY A 382 12.46 -17.86 9.87
C GLY A 382 13.60 -18.32 9.00
N LEU A 383 13.87 -17.61 7.88
CA LEU A 383 14.91 -17.99 6.91
C LEU A 383 16.27 -18.43 7.54
N PRO A 384 16.85 -17.76 8.59
CA PRO A 384 18.13 -18.25 9.13
C PRO A 384 18.04 -19.61 9.84
N ASN A 385 16.85 -20.02 10.34
CA ASN A 385 16.63 -21.28 11.05
C ASN A 385 16.21 -22.44 10.13
N VAL A 386 16.14 -22.20 8.82
CA VAL A 386 15.73 -23.19 7.83
C VAL A 386 16.91 -24.11 7.44
N GLN A 387 16.71 -25.42 7.59
CA GLN A 387 17.65 -26.47 7.22
C GLN A 387 17.08 -27.23 6.03
N ARG A 388 17.96 -27.88 5.23
CA ARG A 388 17.57 -28.68 4.07
C ARG A 388 16.44 -29.69 4.36
N SER A 389 16.42 -30.26 5.59
CA SER A 389 15.41 -31.22 6.04
C SER A 389 14.01 -30.60 6.23
N ASP A 390 13.92 -29.27 6.37
CA ASP A 390 12.63 -28.56 6.59
C ASP A 390 11.79 -28.38 5.32
N TYR A 391 12.38 -28.62 4.14
CA TYR A 391 11.65 -28.40 2.89
C TYR A 391 11.95 -29.45 1.82
N LEU A 392 11.16 -29.46 0.75
CA LEU A 392 11.34 -30.35 -0.40
C LEU A 392 11.80 -29.52 -1.58
N ASN A 393 12.62 -30.11 -2.47
CA ASN A 393 13.07 -29.38 -3.64
C ASN A 393 11.87 -29.34 -4.58
N THR A 394 11.97 -28.64 -5.70
CA THR A 394 10.82 -28.51 -6.61
C THR A 394 10.26 -29.85 -7.04
N PHE A 395 11.13 -30.77 -7.50
CA PHE A 395 10.72 -32.10 -7.98
C PHE A 395 10.08 -32.96 -6.86
N GLU A 396 10.66 -32.93 -5.64
CA GLU A 396 10.16 -33.67 -4.48
C GLU A 396 8.79 -33.20 -4.07
N PHE A 397 8.59 -31.88 -4.13
CA PHE A 397 7.29 -31.30 -3.78
C PHE A 397 6.25 -31.68 -4.79
N MET A 398 6.54 -31.61 -6.09
CA MET A 398 5.62 -32.01 -7.17
C MET A 398 5.29 -33.52 -7.08
N ASP A 399 6.26 -34.35 -6.68
CA ASP A 399 6.06 -35.80 -6.51
C ASP A 399 5.04 -36.05 -5.38
N LYS A 400 5.21 -35.35 -4.26
CA LYS A 400 4.33 -35.44 -3.09
C LYS A 400 2.90 -35.10 -3.48
N LEU A 401 2.74 -34.00 -4.25
CA LEU A 401 1.46 -33.54 -4.77
C LEU A 401 0.80 -34.57 -5.67
N GLY A 402 1.58 -35.14 -6.60
CA GLY A 402 1.11 -36.15 -7.54
C GLY A 402 0.62 -37.37 -6.79
N GLU A 403 1.41 -37.82 -5.80
CA GLU A 403 1.06 -38.94 -4.93
C GLU A 403 -0.28 -38.68 -4.20
N ASN A 404 -0.41 -37.48 -3.59
CA ASN A 404 -1.61 -37.13 -2.85
C ASN A 404 -2.82 -36.99 -3.73
N LEU A 405 -2.63 -36.47 -4.97
CA LEU A 405 -3.72 -36.30 -5.92
C LEU A 405 -4.27 -37.65 -6.36
N LYS A 406 -3.37 -38.60 -6.71
CA LYS A 406 -3.73 -39.97 -7.10
C LYS A 406 -4.59 -40.63 -5.99
N ILE A 407 -4.16 -40.52 -4.72
CA ILE A 407 -4.85 -41.07 -3.55
C ILE A 407 -6.25 -40.48 -3.43
N LYS A 408 -6.37 -39.13 -3.45
CA LYS A 408 -7.64 -38.43 -3.33
C LYS A 408 -8.63 -38.84 -4.43
N LEU A 409 -8.14 -38.92 -5.69
CA LEU A 409 -9.03 -39.29 -6.82
C LEU A 409 -9.42 -40.77 -6.79
N ALA A 410 -8.49 -41.65 -6.41
CA ALA A 410 -8.76 -43.10 -6.29
C ALA A 410 -9.78 -43.36 -5.19
N GLN A 411 -9.62 -42.69 -4.04
CA GLN A 411 -10.58 -42.83 -2.94
C GLN A 411 -11.95 -42.32 -3.28
N ALA A 412 -12.03 -41.23 -4.06
CA ALA A 412 -13.33 -40.65 -4.44
C ALA A 412 -14.06 -41.58 -5.45
N LYS A 413 -13.30 -42.26 -6.33
CA LYS A 413 -13.80 -43.21 -7.32
C LYS A 413 -14.42 -44.43 -6.58
N LEU A 414 -13.68 -45.00 -5.61
CA LEU A 414 -14.09 -46.12 -4.77
C LEU A 414 -15.35 -45.81 -3.95
N SER A 415 -15.48 -44.56 -3.47
CA SER A 415 -16.60 -44.08 -2.66
C SER A 415 -17.91 -43.96 -3.44
N LEU A 416 -17.83 -43.51 -4.70
CA LEU A 416 -18.97 -43.30 -5.58
C LEU A 416 -19.38 -44.66 -6.26
N GLU A 417 -18.55 -45.72 -6.07
CA GLU A 417 -18.80 -47.09 -6.55
C GLU A 417 -19.98 -47.76 -5.79
N HIS A 418 -20.77 -46.93 -5.01
CA HIS A 418 -21.95 -47.28 -4.22
C HIS A 418 -22.65 -46.04 -3.67
N LYS B 3 11.38 34.72 33.21
CA LYS B 3 11.99 34.72 31.89
C LYS B 3 11.72 33.44 31.07
N LYS B 4 11.36 33.66 29.79
CA LYS B 4 11.03 32.68 28.75
C LYS B 4 12.20 32.56 27.76
N ILE B 5 12.17 31.51 26.91
CA ILE B 5 13.17 31.30 25.86
C ILE B 5 12.80 32.22 24.67
N SER B 6 13.83 32.81 24.03
CA SER B 6 13.66 33.65 22.85
C SER B 6 13.49 32.69 21.66
N GLY B 7 12.26 32.53 21.20
CA GLY B 7 11.92 31.59 20.14
C GLY B 7 12.27 32.01 18.72
N GLY B 8 11.99 33.26 18.39
CA GLY B 8 12.23 33.75 17.04
C GLY B 8 10.98 33.71 16.20
N SER B 9 11.15 33.82 14.88
CA SER B 9 10.03 33.90 13.94
C SER B 9 9.51 32.54 13.52
N VAL B 10 8.22 32.32 13.70
CA VAL B 10 7.56 31.07 13.30
C VAL B 10 6.23 31.40 12.60
N VAL B 11 5.99 30.76 11.45
CA VAL B 11 4.73 30.90 10.75
C VAL B 11 3.78 29.81 11.30
N GLU B 12 2.59 30.18 11.78
CA GLU B 12 1.64 29.16 12.23
C GLU B 12 0.39 29.17 11.37
N MET B 13 -0.11 27.99 11.05
CA MET B 13 -1.32 27.84 10.27
C MET B 13 -2.37 27.11 11.10
N GLN B 14 -3.42 27.83 11.48
CA GLN B 14 -4.53 27.28 12.27
C GLN B 14 -5.40 26.42 11.37
N GLY B 15 -6.01 25.40 11.95
CA GLY B 15 -6.78 24.42 11.21
C GLY B 15 -8.24 24.30 11.54
N ASP B 16 -8.76 23.07 11.40
CA ASP B 16 -10.18 22.76 11.56
C ASP B 16 -10.53 21.74 12.63
N GLU B 17 -11.83 21.78 12.99
CA GLU B 17 -12.59 20.88 13.85
C GLU B 17 -11.88 20.57 15.19
N MET B 18 -11.69 19.27 15.57
CA MET B 18 -11.07 18.91 16.85
C MET B 18 -9.61 19.34 16.97
N THR B 19 -8.84 19.20 15.87
CA THR B 19 -7.42 19.55 15.84
C THR B 19 -7.23 21.03 16.11
N ARG B 20 -8.21 21.87 15.70
CA ARG B 20 -8.15 23.31 15.98
C ARG B 20 -8.19 23.58 17.49
N ILE B 21 -9.13 22.91 18.22
CA ILE B 21 -9.29 23.03 19.70
C ILE B 21 -7.94 22.69 20.37
N ILE B 22 -7.44 21.48 20.09
CA ILE B 22 -6.18 20.94 20.62
C ILE B 22 -5.01 21.87 20.37
N TRP B 23 -4.98 22.49 19.18
CA TRP B 23 -3.91 23.41 18.77
C TRP B 23 -3.73 24.55 19.74
N GLU B 24 -4.86 25.14 20.19
CA GLU B 24 -4.87 26.26 21.14
C GLU B 24 -4.46 25.81 22.54
N LEU B 25 -4.92 24.63 22.98
CA LEU B 25 -4.49 24.04 24.25
C LEU B 25 -2.94 23.88 24.29
N ILE B 26 -2.35 23.39 23.18
CA ILE B 26 -0.91 23.17 23.06
C ILE B 26 -0.15 24.44 23.25
N LYS B 27 -0.51 25.51 22.52
CA LYS B 27 0.19 26.79 22.64
C LYS B 27 0.05 27.36 24.05
N GLU B 28 -1.17 27.31 24.61
CA GLU B 28 -1.49 27.83 25.95
C GLU B 28 -0.76 27.12 27.09
N LYS B 29 -0.76 25.78 27.10
CA LYS B 29 -0.15 24.96 28.14
C LYS B 29 1.32 24.58 27.92
N LEU B 30 1.70 24.24 26.69
CA LEU B 30 3.04 23.69 26.41
C LEU B 30 4.07 24.62 25.81
N ILE B 31 3.64 25.63 25.04
CA ILE B 31 4.62 26.50 24.36
C ILE B 31 4.77 27.89 25.01
N PHE B 32 3.68 28.68 25.05
CA PHE B 32 3.66 30.06 25.54
C PHE B 32 4.21 30.24 26.95
N PRO B 33 3.95 29.35 27.97
CA PRO B 33 4.59 29.55 29.29
C PRO B 33 6.11 29.50 29.30
N TYR B 34 6.71 28.86 28.28
CA TYR B 34 8.16 28.68 28.22
C TYR B 34 8.87 29.41 27.10
N VAL B 35 8.17 29.63 25.98
CA VAL B 35 8.78 30.24 24.81
C VAL B 35 8.06 31.52 24.36
N GLU B 36 8.85 32.58 24.14
CA GLU B 36 8.41 33.87 23.62
C GLU B 36 8.61 33.77 22.09
N LEU B 37 7.53 33.85 21.31
CA LEU B 37 7.64 33.75 19.86
C LEU B 37 7.14 34.95 19.09
N ASP B 38 7.80 35.25 17.96
CA ASP B 38 7.32 36.21 16.98
C ASP B 38 6.51 35.34 16.02
N LEU B 39 5.24 35.15 16.37
CA LEU B 39 4.31 34.28 15.66
C LEU B 39 3.54 34.98 14.53
N HIS B 40 3.73 34.48 13.28
CA HIS B 40 3.06 34.97 12.08
C HIS B 40 1.91 34.02 11.82
N SER B 41 0.72 34.37 12.31
CA SER B 41 -0.46 33.53 12.28
C SER B 41 -1.37 33.70 11.06
N TYR B 42 -1.77 32.57 10.47
CA TYR B 42 -2.64 32.49 9.28
C TYR B 42 -3.75 31.50 9.58
N ASP B 43 -4.99 31.95 9.46
CA ASP B 43 -6.12 31.09 9.75
C ASP B 43 -6.52 30.29 8.49
N LEU B 44 -6.12 28.98 8.46
CA LEU B 44 -6.46 28.09 7.35
C LEU B 44 -7.70 27.24 7.68
N GLY B 45 -8.52 27.74 8.61
CA GLY B 45 -9.82 27.15 8.91
C GLY B 45 -10.65 27.27 7.65
N ILE B 46 -11.51 26.28 7.35
CA ILE B 46 -12.32 26.21 6.13
C ILE B 46 -13.16 27.49 5.89
N GLU B 47 -13.67 28.14 6.95
CA GLU B 47 -14.47 29.38 6.84
C GLU B 47 -13.59 30.53 6.36
N ASN B 48 -12.37 30.69 6.94
CA ASN B 48 -11.47 31.77 6.52
C ASN B 48 -10.90 31.55 5.12
N ARG B 49 -10.66 30.29 4.74
CA ARG B 49 -10.19 29.98 3.38
C ARG B 49 -11.31 30.36 2.39
N ASP B 50 -12.57 30.05 2.74
CA ASP B 50 -13.74 30.39 1.93
C ASP B 50 -13.89 31.92 1.81
N ALA B 51 -13.72 32.65 2.93
CA ALA B 51 -13.83 34.11 3.01
C ALA B 51 -12.74 34.87 2.25
N THR B 52 -11.55 34.27 2.10
CA THR B 52 -10.43 34.92 1.40
C THR B 52 -10.22 34.30 0.01
N ASN B 53 -11.16 33.46 -0.44
CA ASN B 53 -11.09 32.74 -1.73
C ASN B 53 -9.79 31.93 -1.85
N ASP B 54 -9.38 31.31 -0.71
CA ASP B 54 -8.20 30.46 -0.52
C ASP B 54 -6.87 31.24 -0.65
N GLN B 55 -6.92 32.58 -0.59
CA GLN B 55 -5.72 33.41 -0.68
C GLN B 55 -4.86 33.28 0.59
N VAL B 56 -5.49 33.09 1.76
CA VAL B 56 -4.77 32.94 3.04
C VAL B 56 -3.73 31.77 2.96
N THR B 57 -4.07 30.68 2.25
CA THR B 57 -3.23 29.50 2.01
C THR B 57 -1.95 29.88 1.27
N LYS B 58 -2.09 30.67 0.19
CA LYS B 58 -0.97 31.16 -0.63
C LYS B 58 -0.10 32.14 0.16
N ASP B 59 -0.72 33.00 0.97
CA ASP B 59 -0.01 34.00 1.79
C ASP B 59 0.82 33.31 2.87
N ALA B 60 0.25 32.26 3.50
CA ALA B 60 0.93 31.45 4.51
C ALA B 60 2.16 30.77 3.90
N ALA B 61 2.02 30.19 2.69
CA ALA B 61 3.13 29.56 1.97
C ALA B 61 4.27 30.53 1.67
N GLU B 62 3.93 31.77 1.26
CA GLU B 62 4.92 32.83 1.00
C GLU B 62 5.62 33.29 2.30
N ALA B 63 4.87 33.37 3.41
CA ALA B 63 5.42 33.71 4.72
C ALA B 63 6.43 32.63 5.18
N ILE B 64 6.18 31.33 4.84
CA ILE B 64 7.14 30.23 5.16
C ILE B 64 8.43 30.43 4.38
N LYS B 65 8.32 30.82 3.09
CA LYS B 65 9.50 31.12 2.24
C LYS B 65 10.36 32.22 2.91
N LYS B 66 9.70 33.24 3.46
CA LYS B 66 10.33 34.39 4.11
C LYS B 66 10.96 34.05 5.49
N HIS B 67 10.21 33.37 6.39
CA HIS B 67 10.67 33.11 7.77
C HIS B 67 11.31 31.74 8.01
N ASN B 68 11.25 30.83 7.01
CA ASN B 68 11.93 29.52 6.94
C ASN B 68 11.38 28.43 7.83
N VAL B 69 10.40 28.74 8.68
CA VAL B 69 9.77 27.80 9.59
C VAL B 69 8.27 27.99 9.61
N GLY B 70 7.56 26.91 9.29
CA GLY B 70 6.11 26.88 9.38
C GLY B 70 5.70 25.70 10.22
N VAL B 71 4.57 25.83 10.94
CA VAL B 71 3.94 24.82 11.78
C VAL B 71 2.45 24.80 11.44
N LYS B 72 1.97 23.70 10.88
CA LYS B 72 0.60 23.62 10.39
C LYS B 72 -0.31 22.64 11.11
N CYS B 73 -1.51 23.12 11.49
CA CYS B 73 -2.59 22.34 12.08
C CYS B 73 -3.31 21.61 10.93
N ALA B 74 -3.92 20.45 11.21
CA ALA B 74 -4.64 19.67 10.21
C ALA B 74 -5.86 20.48 9.75
N THR B 75 -6.17 20.42 8.44
CA THR B 75 -7.27 21.18 7.82
C THR B 75 -8.23 20.26 7.05
N ILE B 76 -9.44 20.77 6.74
CA ILE B 76 -10.43 20.07 5.92
C ILE B 76 -10.13 20.36 4.42
N THR B 77 -10.10 19.28 3.60
CA THR B 77 -10.04 19.32 2.14
C THR B 77 -11.53 19.02 1.77
N PRO B 78 -12.30 20.04 1.37
CA PRO B 78 -13.74 19.82 1.19
C PRO B 78 -14.16 18.95 0.01
N ASP B 79 -15.27 18.23 0.20
CA ASP B 79 -15.96 17.40 -0.79
C ASP B 79 -17.38 18.02 -0.93
N GLU B 80 -18.32 17.32 -1.62
CA GLU B 80 -19.69 17.83 -1.83
C GLU B 80 -20.42 18.11 -0.52
N LYS B 81 -20.38 17.16 0.43
CA LYS B 81 -21.01 17.25 1.75
C LYS B 81 -20.50 18.45 2.56
N ARG B 82 -19.19 18.76 2.45
CA ARG B 82 -18.57 19.89 3.15
C ARG B 82 -19.02 21.23 2.58
N VAL B 83 -19.17 21.29 1.24
CA VAL B 83 -19.65 22.48 0.51
C VAL B 83 -21.05 22.87 1.05
N GLU B 84 -21.96 21.88 1.19
CA GLU B 84 -23.32 22.08 1.73
C GLU B 84 -23.29 22.49 3.20
N GLU B 85 -22.43 21.81 4.00
CA GLU B 85 -22.24 22.04 5.43
C GLU B 85 -21.80 23.47 5.75
N PHE B 86 -20.76 23.96 5.06
CA PHE B 86 -20.24 25.30 5.34
C PHE B 86 -20.75 26.37 4.37
N LYS B 87 -21.62 25.98 3.41
CA LYS B 87 -22.19 26.86 2.37
C LYS B 87 -21.05 27.57 1.60
N LEU B 88 -20.03 26.76 1.20
CA LEU B 88 -18.81 27.19 0.52
C LEU B 88 -19.06 27.69 -0.88
N LYS B 89 -18.28 28.70 -1.32
CA LYS B 89 -18.36 29.30 -2.65
C LYS B 89 -17.90 28.30 -3.72
N GLN B 90 -16.86 27.52 -3.39
CA GLN B 90 -16.24 26.52 -4.25
C GLN B 90 -15.77 25.36 -3.41
N MET B 91 -15.45 24.23 -4.07
CA MET B 91 -14.89 23.07 -3.41
C MET B 91 -13.36 23.28 -3.48
N TRP B 92 -12.86 24.10 -2.55
CA TRP B 92 -11.45 24.49 -2.42
C TRP B 92 -10.51 23.31 -2.40
N LYS B 93 -9.39 23.45 -3.11
CA LYS B 93 -8.34 22.44 -3.24
C LYS B 93 -7.63 22.26 -1.89
N SER B 94 -7.01 21.10 -1.69
CA SER B 94 -6.24 20.76 -0.49
C SER B 94 -5.22 21.87 -0.16
N PRO B 95 -5.27 22.48 1.05
CA PRO B 95 -4.27 23.49 1.41
C PRO B 95 -2.85 22.94 1.43
N ASN B 96 -2.69 21.64 1.80
CA ASN B 96 -1.40 20.95 1.83
C ASN B 96 -0.79 20.86 0.44
N GLY B 97 -1.62 20.54 -0.56
CA GLY B 97 -1.24 20.49 -1.98
C GLY B 97 -0.79 21.86 -2.46
N THR B 98 -1.54 22.93 -2.06
CA THR B 98 -1.23 24.32 -2.42
C THR B 98 0.12 24.76 -1.83
N ILE B 99 0.33 24.51 -0.51
CA ILE B 99 1.57 24.86 0.20
C ILE B 99 2.77 24.12 -0.37
N ARG B 100 2.64 22.78 -0.51
CA ARG B 100 3.71 21.91 -1.06
C ARG B 100 4.06 22.29 -2.50
N ASN B 101 3.05 22.66 -3.29
CA ASN B 101 3.31 23.07 -4.67
C ASN B 101 4.15 24.35 -4.70
N ILE B 102 3.87 25.32 -3.80
CA ILE B 102 4.62 26.57 -3.71
C ILE B 102 6.05 26.35 -3.18
N LEU B 103 6.19 25.59 -2.07
CA LEU B 103 7.50 25.38 -1.46
C LEU B 103 8.38 24.33 -2.11
N GLY B 104 7.79 23.22 -2.54
CA GLY B 104 8.55 22.11 -3.10
C GLY B 104 9.24 21.31 -1.99
N GLY B 105 9.93 20.26 -2.36
CA GLY B 105 10.65 19.46 -1.39
C GLY B 105 10.21 18.02 -1.21
N THR B 106 10.54 17.49 -0.04
CA THR B 106 10.29 16.11 0.37
C THR B 106 9.70 16.17 1.76
N VAL B 107 8.59 15.44 1.95
CA VAL B 107 7.93 15.33 3.23
C VAL B 107 8.49 14.07 3.86
N PHE B 108 9.19 14.22 4.96
CA PHE B 108 9.73 13.06 5.68
C PHE B 108 8.78 12.71 6.75
N ARG B 109 8.40 11.42 6.77
CA ARG B 109 7.42 10.89 7.71
C ARG B 109 7.98 9.68 8.45
N GLU B 110 7.75 9.65 9.76
CA GLU B 110 8.31 8.63 10.66
C GLU B 110 7.39 8.43 11.85
N ALA B 111 7.29 7.18 12.32
CA ALA B 111 6.47 6.85 13.48
C ALA B 111 7.04 7.43 14.79
N ILE B 112 6.17 7.80 15.73
CA ILE B 112 6.56 8.29 17.06
C ILE B 112 6.44 7.04 17.94
N ILE B 113 7.58 6.45 18.32
CA ILE B 113 7.64 5.17 19.04
C ILE B 113 7.62 5.28 20.55
N CYS B 114 6.67 4.55 21.14
CA CYS B 114 6.51 4.37 22.59
C CYS B 114 6.71 2.88 22.89
N LYS B 115 7.59 2.57 23.86
CA LYS B 115 7.94 1.21 24.28
C LYS B 115 6.76 0.30 24.61
N ASN B 116 5.67 0.86 25.10
CA ASN B 116 4.45 0.13 25.52
C ASN B 116 3.34 0.03 24.46
N ILE B 117 3.54 0.61 23.26
CA ILE B 117 2.53 0.52 22.20
C ILE B 117 2.89 -0.67 21.31
N PRO B 118 2.02 -1.69 21.19
CA PRO B 118 2.36 -2.83 20.34
C PRO B 118 2.26 -2.51 18.85
N ARG B 119 3.18 -3.05 18.08
CA ARG B 119 3.19 -2.88 16.63
C ARG B 119 2.23 -3.87 16.01
N LEU B 120 1.72 -3.59 14.79
CA LEU B 120 0.92 -4.59 14.08
C LEU B 120 1.91 -5.50 13.36
N VAL B 121 3.08 -4.95 12.98
CA VAL B 121 4.17 -5.68 12.30
C VAL B 121 5.26 -5.94 13.36
N SER B 122 5.27 -7.17 13.90
CA SER B 122 6.19 -7.57 14.96
C SER B 122 7.68 -7.47 14.58
N GLY B 123 8.00 -7.69 13.31
CA GLY B 123 9.39 -7.62 12.84
C GLY B 123 10.04 -6.25 12.80
N TRP B 124 9.25 -5.15 12.76
CA TRP B 124 9.80 -3.79 12.63
C TRP B 124 10.49 -3.29 13.93
N VAL B 125 11.73 -3.73 14.17
CA VAL B 125 12.52 -3.37 15.37
C VAL B 125 13.31 -2.07 15.20
N LYS B 126 13.51 -1.65 13.94
CA LYS B 126 14.20 -0.41 13.61
C LYS B 126 13.22 0.51 12.86
N PRO B 127 13.45 1.85 12.87
CA PRO B 127 12.50 2.75 12.18
C PRO B 127 12.50 2.70 10.66
N ILE B 128 11.37 3.03 10.06
CA ILE B 128 11.23 3.19 8.61
C ILE B 128 10.94 4.67 8.37
N ILE B 129 11.77 5.34 7.60
CA ILE B 129 11.52 6.74 7.31
C ILE B 129 11.04 6.88 5.88
N ILE B 130 9.83 7.44 5.70
CA ILE B 130 9.33 7.67 4.35
C ILE B 130 9.70 9.07 3.88
N GLY B 131 10.35 9.13 2.73
CA GLY B 131 10.69 10.37 2.05
C GLY B 131 9.70 10.54 0.90
N ARG B 132 8.60 11.26 1.13
CA ARG B 132 7.56 11.48 0.12
C ARG B 132 7.84 12.73 -0.76
N HIS B 133 8.02 12.53 -2.08
CA HIS B 133 8.24 13.65 -3.02
C HIS B 133 7.04 14.53 -2.92
N ALA B 134 7.22 15.79 -2.53
CA ALA B 134 6.05 16.64 -2.25
C ALA B 134 5.49 17.42 -3.42
N TYR B 135 6.04 17.24 -4.62
CA TYR B 135 5.64 18.05 -5.78
C TYR B 135 5.05 17.23 -6.93
N GLY B 136 4.09 17.83 -7.61
CA GLY B 136 3.50 17.32 -8.85
C GLY B 136 2.75 16.01 -8.81
N ASP B 137 2.78 15.27 -9.93
CA ASP B 137 2.06 14.01 -10.16
C ASP B 137 0.55 14.24 -9.96
N GLN B 138 -0.16 13.37 -9.21
CA GLN B 138 -1.61 13.49 -9.01
C GLN B 138 -2.01 14.73 -8.23
N TYR B 139 -1.08 15.35 -7.47
CA TYR B 139 -1.38 16.52 -6.61
C TYR B 139 -1.31 17.87 -7.36
N ARG B 140 -1.00 17.86 -8.66
CA ARG B 140 -1.06 19.05 -9.49
C ARG B 140 -1.51 18.62 -10.89
N ALA B 141 -2.51 17.73 -10.94
CA ALA B 141 -2.96 17.15 -12.18
C ALA B 141 -4.13 17.89 -12.77
N THR B 142 -4.36 17.68 -14.07
CA THR B 142 -5.50 18.24 -14.77
C THR B 142 -6.39 17.06 -15.18
N ASP B 143 -7.46 16.83 -14.44
CA ASP B 143 -8.39 15.72 -14.70
C ASP B 143 -9.75 16.25 -15.04
N PHE B 144 -10.47 15.55 -15.91
CA PHE B 144 -11.78 16.00 -16.37
C PHE B 144 -12.63 14.81 -16.80
N VAL B 145 -13.92 15.05 -16.93
CA VAL B 145 -14.89 14.08 -17.43
C VAL B 145 -14.91 14.18 -18.96
N VAL B 146 -14.88 13.03 -19.62
CA VAL B 146 -15.00 12.94 -21.08
C VAL B 146 -16.51 12.65 -21.31
N PRO B 147 -17.31 13.63 -21.81
CA PRO B 147 -18.77 13.47 -21.83
C PRO B 147 -19.34 12.49 -22.86
N GLY B 148 -18.53 12.12 -23.86
CA GLY B 148 -18.99 11.20 -24.86
C GLY B 148 -17.92 10.89 -25.87
N PRO B 149 -18.28 10.20 -26.99
CA PRO B 149 -17.27 9.85 -28.00
C PRO B 149 -16.48 11.05 -28.51
N GLY B 150 -15.20 10.83 -28.72
CA GLY B 150 -14.28 11.87 -29.13
C GLY B 150 -12.85 11.52 -28.79
N LYS B 151 -11.93 12.37 -29.19
CA LYS B 151 -10.49 12.13 -29.09
C LYS B 151 -9.84 12.92 -27.97
N VAL B 152 -9.03 12.24 -27.15
CA VAL B 152 -8.23 12.89 -26.10
C VAL B 152 -6.78 12.82 -26.56
N GLU B 153 -6.12 13.98 -26.62
CA GLU B 153 -4.73 14.07 -27.05
C GLU B 153 -3.94 14.89 -26.07
N ILE B 154 -2.65 14.64 -25.99
CA ILE B 154 -1.76 15.39 -25.11
C ILE B 154 -0.63 15.92 -25.97
N THR B 155 -0.37 17.23 -25.90
CA THR B 155 0.65 17.85 -26.74
C THR B 155 1.76 18.53 -25.98
N TYR B 156 2.96 18.51 -26.55
CA TYR B 156 4.09 19.25 -26.02
C TYR B 156 4.57 20.26 -27.10
N THR B 157 4.70 21.52 -26.70
CA THR B 157 5.19 22.58 -27.61
C THR B 157 6.42 23.25 -26.97
N PRO B 158 7.65 22.98 -27.45
CA PRO B 158 8.84 23.64 -26.86
C PRO B 158 8.74 25.16 -26.98
N SER B 159 9.28 25.89 -26.00
CA SER B 159 9.13 27.35 -26.00
C SER B 159 9.78 28.06 -27.24
N ASP B 160 10.79 27.44 -27.91
CA ASP B 160 11.38 27.99 -29.14
C ASP B 160 10.39 28.00 -30.35
N GLY B 161 9.34 27.17 -30.28
CA GLY B 161 8.29 27.06 -31.29
C GLY B 161 8.69 26.36 -32.58
N THR B 162 9.82 25.63 -32.58
CA THR B 162 10.35 24.93 -33.74
C THR B 162 9.65 23.58 -34.03
N GLN B 163 8.90 23.03 -33.05
CA GLN B 163 8.19 21.75 -33.23
C GLN B 163 6.98 21.61 -32.29
N LYS B 164 6.18 20.56 -32.52
CA LYS B 164 5.01 20.24 -31.72
C LYS B 164 4.82 18.73 -31.73
N VAL B 165 4.71 18.11 -30.55
CA VAL B 165 4.47 16.66 -30.49
C VAL B 165 3.04 16.47 -29.99
N THR B 166 2.26 15.67 -30.69
CA THR B 166 0.89 15.33 -30.29
C THR B 166 0.81 13.84 -30.07
N TYR B 167 0.47 13.41 -28.86
CA TYR B 167 0.30 11.97 -28.57
C TYR B 167 -1.19 11.72 -28.39
N LEU B 168 -1.69 10.64 -28.97
CA LEU B 168 -3.08 10.27 -28.75
C LEU B 168 -3.17 9.58 -27.37
N VAL B 169 -4.06 10.05 -26.49
CA VAL B 169 -4.29 9.45 -25.17
C VAL B 169 -5.32 8.35 -25.42
N HIS B 170 -6.47 8.71 -26.01
CA HIS B 170 -7.50 7.72 -26.31
C HIS B 170 -8.57 8.27 -27.23
N ASN B 171 -9.05 7.41 -28.11
CA ASN B 171 -10.19 7.74 -28.94
C ASN B 171 -11.39 7.01 -28.33
N PHE B 172 -12.31 7.75 -27.72
CA PHE B 172 -13.50 7.22 -27.09
C PHE B 172 -14.51 6.97 -28.21
N GLU B 173 -14.79 5.69 -28.48
CA GLU B 173 -15.69 5.28 -29.55
C GLU B 173 -17.14 5.12 -29.07
N GLU B 174 -17.34 4.50 -27.90
CA GLU B 174 -18.65 4.28 -27.31
C GLU B 174 -18.67 4.92 -25.94
N GLY B 175 -19.52 5.93 -25.75
CA GLY B 175 -19.66 6.61 -24.48
C GLY B 175 -18.47 7.46 -24.08
N GLY B 176 -18.51 7.96 -22.87
CA GLY B 176 -17.42 8.77 -22.34
C GLY B 176 -16.63 8.08 -21.25
N GLY B 177 -16.11 8.88 -20.34
CA GLY B 177 -15.28 8.41 -19.26
C GLY B 177 -14.55 9.55 -18.59
N VAL B 178 -13.24 9.36 -18.39
CA VAL B 178 -12.38 10.30 -17.69
C VAL B 178 -11.05 10.31 -18.31
N ALA B 179 -10.34 11.43 -18.16
CA ALA B 179 -8.97 11.56 -18.66
C ALA B 179 -8.24 12.51 -17.75
N MET B 180 -6.90 12.45 -17.75
CA MET B 180 -6.10 13.33 -16.95
C MET B 180 -4.71 13.47 -17.50
N GLY B 181 -4.13 14.64 -17.25
CA GLY B 181 -2.74 14.89 -17.58
C GLY B 181 -2.02 15.24 -16.30
N MET B 182 -0.77 14.81 -16.19
CA MET B 182 0.02 15.12 -14.99
C MET B 182 1.47 15.21 -15.40
N TYR B 183 2.29 15.80 -14.52
CA TYR B 183 3.68 16.01 -14.89
C TYR B 183 4.53 16.05 -13.65
N ASN B 184 5.83 16.07 -13.87
CA ASN B 184 6.83 16.35 -12.89
C ASN B 184 7.98 17.08 -13.56
N GLN B 185 8.82 17.74 -12.74
CA GLN B 185 9.94 18.58 -13.15
C GLN B 185 11.29 17.96 -12.79
N ASP B 186 12.25 17.98 -13.71
CA ASP B 186 13.61 17.44 -13.47
C ASP B 186 14.28 17.98 -12.20
N LYS B 187 14.24 19.30 -12.00
CA LYS B 187 14.81 19.98 -10.86
C LYS B 187 14.19 19.51 -9.53
N SER B 188 12.85 19.32 -9.53
CA SER B 188 12.12 18.82 -8.37
C SER B 188 12.54 17.39 -8.05
N ILE B 189 12.71 16.55 -9.08
CA ILE B 189 13.16 15.16 -8.91
C ILE B 189 14.61 15.09 -8.36
N GLU B 190 15.49 15.95 -8.90
CA GLU B 190 16.89 16.07 -8.46
C GLU B 190 16.94 16.45 -6.97
N ASP B 191 16.09 17.42 -6.53
CA ASP B 191 16.03 17.86 -5.15
C ASP B 191 15.54 16.73 -4.24
N PHE B 192 14.59 15.94 -4.71
CA PHE B 192 14.03 14.80 -4.00
C PHE B 192 15.10 13.75 -3.81
N ALA B 193 15.87 13.46 -4.88
CA ALA B 193 17.01 12.55 -4.82
C ALA B 193 18.06 13.02 -3.76
N HIS B 194 18.50 14.29 -3.85
CA HIS B 194 19.49 14.85 -2.90
C HIS B 194 19.04 14.72 -1.45
N SER B 195 17.79 15.15 -1.13
CA SER B 195 17.21 15.04 0.21
C SER B 195 17.15 13.58 0.73
N SER B 196 16.85 12.62 -0.17
CA SER B 196 16.76 11.18 0.16
C SER B 196 18.14 10.59 0.47
N PHE B 197 19.12 10.90 -0.36
CA PHE B 197 20.51 10.46 -0.16
C PHE B 197 21.10 11.05 1.14
N GLN B 198 20.84 12.34 1.41
CA GLN B 198 21.29 13.04 2.61
C GLN B 198 20.68 12.47 3.89
N MET B 199 19.39 12.10 3.83
CA MET B 199 18.66 11.51 4.95
C MET B 199 19.20 10.12 5.26
N ALA B 200 19.43 9.31 4.22
CA ALA B 200 20.00 7.97 4.40
C ALA B 200 21.41 8.05 5.07
N LEU B 201 22.22 9.04 4.66
CA LEU B 201 23.56 9.24 5.21
C LEU B 201 23.57 9.79 6.62
N SER B 202 22.58 10.62 7.00
CA SER B 202 22.51 11.17 8.35
C SER B 202 22.04 10.14 9.36
N LYS B 203 21.25 9.14 8.90
CA LYS B 203 20.71 8.08 9.76
C LYS B 203 21.56 6.84 9.73
N GLY B 204 22.38 6.70 8.70
CA GLY B 204 23.24 5.54 8.52
C GLY B 204 22.47 4.31 8.09
N TRP B 205 21.43 4.50 7.24
CA TRP B 205 20.58 3.42 6.76
C TRP B 205 20.56 3.35 5.26
N PRO B 206 20.31 2.15 4.67
CA PRO B 206 20.20 2.09 3.20
C PRO B 206 18.95 2.82 2.70
N LEU B 207 18.99 3.21 1.42
CA LEU B 207 17.89 3.94 0.79
C LEU B 207 17.31 3.11 -0.35
N TYR B 208 15.99 3.07 -0.44
CA TYR B 208 15.26 2.44 -1.52
C TYR B 208 14.34 3.47 -2.14
N LEU B 209 14.31 3.53 -3.47
CA LEU B 209 13.36 4.30 -4.25
C LEU B 209 12.39 3.31 -4.89
N SER B 210 11.08 3.54 -4.73
CA SER B 210 10.06 2.71 -5.37
C SER B 210 9.42 3.48 -6.55
N THR B 211 9.25 2.81 -7.71
CA THR B 211 8.55 3.32 -8.90
C THR B 211 7.85 2.15 -9.58
N LYS B 212 7.17 2.42 -10.69
CA LYS B 212 6.54 1.40 -11.53
C LYS B 212 7.07 1.61 -12.97
N ASN B 213 8.41 1.73 -13.09
CA ASN B 213 9.11 2.03 -14.36
C ASN B 213 8.98 0.95 -15.42
N THR B 214 8.53 -0.26 -15.05
CA THR B 214 8.30 -1.32 -16.03
C THR B 214 7.04 -0.98 -16.84
N ILE B 215 6.13 -0.17 -16.27
CA ILE B 215 4.86 0.23 -16.90
C ILE B 215 4.96 1.66 -17.45
N LEU B 216 5.35 2.62 -16.59
CA LEU B 216 5.55 4.01 -16.96
C LEU B 216 7.04 4.16 -17.26
N LYS B 217 7.47 3.62 -18.39
CA LYS B 217 8.89 3.55 -18.80
C LYS B 217 9.57 4.90 -18.87
N LYS B 218 8.86 5.90 -19.39
CA LYS B 218 9.43 7.24 -19.54
C LYS B 218 9.28 8.08 -18.27
N TYR B 219 8.07 8.10 -17.68
CA TYR B 219 7.75 8.93 -16.52
C TYR B 219 8.50 8.45 -15.27
N ASP B 220 8.34 7.17 -14.90
CA ASP B 220 9.00 6.62 -13.71
C ASP B 220 10.47 6.32 -13.99
N GLY B 221 10.77 6.04 -15.26
CA GLY B 221 12.14 5.81 -15.70
C GLY B 221 13.01 7.03 -15.43
N ARG B 222 12.44 8.22 -15.53
CA ARG B 222 13.16 9.46 -15.25
C ARG B 222 13.53 9.59 -13.75
N PHE B 223 12.63 9.18 -12.85
CA PHE B 223 12.90 9.20 -11.41
C PHE B 223 14.09 8.25 -11.13
N LYS B 224 14.01 7.00 -11.67
CA LYS B 224 15.04 5.97 -11.54
C LYS B 224 16.39 6.45 -12.10
N ASP B 225 16.41 7.06 -13.30
CA ASP B 225 17.63 7.57 -13.93
C ASP B 225 18.26 8.72 -13.17
N ILE B 226 17.44 9.66 -12.67
CA ILE B 226 17.93 10.81 -11.92
C ILE B 226 18.54 10.34 -10.57
N PHE B 227 17.88 9.41 -9.87
CA PHE B 227 18.43 8.89 -8.62
C PHE B 227 19.75 8.15 -8.84
N GLN B 228 19.82 7.27 -9.86
CA GLN B 228 21.02 6.51 -10.17
C GLN B 228 22.23 7.39 -10.53
N GLU B 229 22.00 8.38 -11.38
CA GLU B 229 22.97 9.35 -11.88
C GLU B 229 23.53 10.17 -10.71
N ILE B 230 22.66 10.67 -9.81
CA ILE B 230 23.07 11.46 -8.65
C ILE B 230 23.87 10.60 -7.66
N TYR B 231 23.43 9.33 -7.43
CA TYR B 231 24.11 8.39 -6.55
C TYR B 231 25.55 8.11 -7.02
N ASP B 232 25.71 7.73 -8.30
CA ASP B 232 26.99 7.39 -8.92
C ASP B 232 27.99 8.52 -8.91
N LYS B 233 27.51 9.76 -9.16
CA LYS B 233 28.34 10.95 -9.23
C LYS B 233 28.62 11.63 -7.88
N GLN B 234 27.69 11.56 -6.92
CA GLN B 234 27.84 12.32 -5.67
C GLN B 234 27.73 11.57 -4.34
N TYR B 235 27.19 10.34 -4.30
CA TYR B 235 26.98 9.72 -2.98
C TYR B 235 27.49 8.32 -2.80
N LYS B 236 27.81 7.59 -3.87
CA LYS B 236 28.20 6.18 -3.79
C LYS B 236 29.33 5.90 -2.77
N SER B 237 30.45 6.68 -2.81
CA SER B 237 31.58 6.48 -1.88
C SER B 237 31.16 6.73 -0.45
N GLN B 238 30.32 7.75 -0.22
CA GLN B 238 29.79 8.10 1.10
C GLN B 238 28.96 6.94 1.69
N PHE B 239 28.13 6.31 0.84
CA PHE B 239 27.30 5.15 1.21
C PHE B 239 28.20 3.93 1.51
N GLU B 240 29.22 3.69 0.65
CA GLU B 240 30.20 2.61 0.81
C GLU B 240 31.01 2.75 2.13
N ALA B 241 31.31 4.00 2.52
CA ALA B 241 32.00 4.36 3.77
C ALA B 241 31.17 4.02 5.03
N GLN B 242 29.81 4.05 4.92
CA GLN B 242 28.94 3.75 6.04
C GLN B 242 28.34 2.34 5.93
N LYS B 243 28.80 1.55 4.94
CA LYS B 243 28.36 0.17 4.66
C LYS B 243 26.83 0.11 4.39
N ILE B 244 26.31 1.17 3.73
CA ILE B 244 24.92 1.28 3.36
C ILE B 244 24.85 1.31 1.83
N TRP B 245 23.64 1.23 1.27
CA TRP B 245 23.47 1.16 -0.19
C TRP B 245 22.22 1.88 -0.61
N TYR B 246 22.10 2.14 -1.92
CA TYR B 246 20.91 2.68 -2.55
C TYR B 246 20.46 1.68 -3.62
N GLU B 247 19.16 1.32 -3.61
CA GLU B 247 18.58 0.44 -4.63
C GLU B 247 17.19 0.90 -5.06
N HIS B 248 16.90 0.74 -6.33
CA HIS B 248 15.59 1.01 -6.88
C HIS B 248 14.79 -0.31 -6.77
N ARG B 249 13.49 -0.21 -6.49
CA ARG B 249 12.60 -1.36 -6.38
C ARG B 249 11.27 -1.01 -7.03
N LEU B 250 10.58 -2.00 -7.58
CA LEU B 250 9.21 -1.82 -8.07
C LEU B 250 8.35 -1.67 -6.84
N ILE B 251 7.39 -0.75 -6.89
CA ILE B 251 6.52 -0.42 -5.75
C ILE B 251 5.86 -1.67 -5.12
N ASP B 252 5.29 -2.59 -5.92
CA ASP B 252 4.60 -3.77 -5.39
C ASP B 252 5.59 -4.73 -4.72
N ASP B 253 6.83 -4.84 -5.25
CA ASP B 253 7.89 -5.62 -4.62
C ASP B 253 8.35 -4.92 -3.32
N MET B 254 8.55 -3.59 -3.35
CA MET B 254 8.98 -2.78 -2.23
C MET B 254 8.07 -2.89 -1.01
N VAL B 255 6.74 -2.85 -1.19
CA VAL B 255 5.82 -2.95 -0.08
C VAL B 255 5.96 -4.30 0.63
N ALA B 256 5.96 -5.39 -0.16
CA ALA B 256 6.10 -6.76 0.35
C ALA B 256 7.44 -6.92 1.06
N GLN B 257 8.53 -6.38 0.47
CA GLN B 257 9.84 -6.43 1.08
C GLN B 257 9.84 -5.64 2.43
N ALA B 258 9.22 -4.43 2.45
CA ALA B 258 9.15 -3.62 3.66
C ALA B 258 8.44 -4.37 4.79
N MET B 259 7.28 -5.01 4.47
CA MET B 259 6.44 -5.76 5.39
C MET B 259 7.16 -6.92 6.06
N LYS B 260 8.04 -7.62 5.34
CA LYS B 260 8.74 -8.76 5.88
C LYS B 260 10.14 -8.40 6.40
N SER B 261 10.52 -7.10 6.34
CA SER B 261 11.83 -6.63 6.81
C SER B 261 11.79 -6.39 8.33
N GLU B 262 12.88 -5.88 8.86
CA GLU B 262 12.97 -5.49 10.27
C GLU B 262 13.07 -3.95 10.44
N GLY B 263 12.75 -3.22 9.36
CA GLY B 263 12.85 -1.77 9.32
C GLY B 263 14.29 -1.35 9.16
N GLY B 264 14.59 -0.09 9.44
CA GLY B 264 15.95 0.42 9.38
C GLY B 264 16.37 0.83 7.98
N PHE B 265 15.53 1.64 7.33
CA PHE B 265 15.83 2.14 5.99
C PHE B 265 15.00 3.36 5.68
N ILE B 266 15.47 4.09 4.68
CA ILE B 266 14.82 5.27 4.12
C ILE B 266 14.12 4.76 2.87
N TRP B 267 12.86 5.10 2.76
CA TRP B 267 12.04 4.72 1.62
C TRP B 267 11.60 6.01 0.85
N ALA B 268 12.27 6.27 -0.26
CA ALA B 268 11.93 7.40 -1.14
C ALA B 268 10.71 6.99 -2.00
N CYS B 269 9.59 7.70 -1.79
CA CYS B 269 8.29 7.48 -2.42
C CYS B 269 7.92 8.67 -3.30
N LYS B 270 7.32 8.37 -4.45
CA LYS B 270 6.71 9.39 -5.32
C LYS B 270 5.49 9.92 -4.54
N ASN B 271 5.05 11.12 -4.83
CA ASN B 271 3.99 11.85 -4.14
C ASN B 271 2.76 10.97 -3.72
N TYR B 272 2.15 10.27 -4.66
CA TYR B 272 0.99 9.42 -4.38
C TYR B 272 1.31 8.22 -3.49
N ASP B 273 2.39 7.48 -3.78
CA ASP B 273 2.79 6.33 -2.95
C ASP B 273 3.18 6.75 -1.55
N GLY B 274 3.84 7.89 -1.40
CA GLY B 274 4.27 8.38 -0.09
C GLY B 274 3.09 8.76 0.76
N ASP B 275 2.01 9.18 0.13
CA ASP B 275 0.78 9.48 0.83
C ASP B 275 0.21 8.21 1.46
N VAL B 276 0.06 7.15 0.65
CA VAL B 276 -0.50 5.86 1.11
C VAL B 276 0.46 5.12 2.06
N GLN B 277 1.73 4.97 1.67
CA GLN B 277 2.72 4.24 2.43
C GLN B 277 3.06 4.86 3.78
N SER B 278 3.10 6.18 3.89
CA SER B 278 3.38 6.81 5.19
C SER B 278 2.28 6.46 6.21
N ASP B 279 1.02 6.41 5.74
CA ASP B 279 -0.09 6.01 6.63
C ASP B 279 -0.05 4.51 6.99
N SER B 280 0.28 3.65 6.01
CA SER B 280 0.38 2.20 6.20
C SER B 280 1.48 1.87 7.21
N VAL B 281 2.66 2.51 7.03
CA VAL B 281 3.81 2.32 7.90
C VAL B 281 3.49 2.80 9.32
N ALA B 282 2.84 3.98 9.45
CA ALA B 282 2.45 4.52 10.77
C ALA B 282 1.49 3.53 11.48
N GLN B 283 0.55 2.95 10.74
CA GLN B 283 -0.39 1.94 11.25
C GLN B 283 0.33 0.65 11.65
N GLY B 284 1.32 0.22 10.86
CA GLY B 284 2.16 -0.94 11.13
C GLY B 284 2.93 -0.81 12.46
N TYR B 285 3.40 0.43 12.81
CA TYR B 285 4.08 0.67 14.08
C TYR B 285 3.11 0.73 15.27
N GLY B 286 1.82 0.80 15.00
CA GLY B 286 0.82 0.76 16.06
C GLY B 286 -0.33 1.74 15.94
N SER B 287 -0.05 3.00 15.64
CA SER B 287 -1.09 4.02 15.57
C SER B 287 -0.86 4.96 14.42
N LEU B 288 -1.91 5.12 13.58
CA LEU B 288 -1.94 6.02 12.42
C LEU B 288 -1.56 7.47 12.80
N GLY B 289 -2.07 7.94 13.93
CA GLY B 289 -1.81 9.29 14.46
C GLY B 289 -0.41 9.53 15.04
N MET B 290 0.31 8.47 15.44
CA MET B 290 1.67 8.58 16.03
C MET B 290 2.73 8.66 14.93
N MET B 291 2.81 9.83 14.25
CA MET B 291 3.67 10.02 13.10
C MET B 291 4.07 11.49 12.93
N THR B 292 5.36 11.75 12.64
CA THR B 292 5.83 13.11 12.34
C THR B 292 5.66 13.34 10.82
N SER B 293 5.59 14.61 10.38
CA SER B 293 5.48 14.96 8.97
C SER B 293 6.16 16.32 8.76
N VAL B 294 7.36 16.29 8.19
CA VAL B 294 8.12 17.52 7.97
C VAL B 294 8.49 17.69 6.50
N LEU B 295 8.05 18.81 5.90
CA LEU B 295 8.43 19.17 4.55
C LEU B 295 9.80 19.86 4.60
N VAL B 296 10.78 19.28 3.94
CA VAL B 296 12.14 19.79 3.84
C VAL B 296 12.28 20.35 2.41
N CYS B 297 12.33 21.68 2.32
CA CYS B 297 12.42 22.45 1.07
C CYS B 297 13.78 22.39 0.41
N PRO B 298 13.85 22.57 -0.95
CA PRO B 298 15.14 22.46 -1.67
C PRO B 298 16.26 23.39 -1.25
N ASP B 299 15.95 24.58 -0.68
CA ASP B 299 16.98 25.54 -0.23
C ASP B 299 17.85 25.04 0.95
N GLY B 300 17.42 23.97 1.62
CA GLY B 300 18.12 23.40 2.78
C GLY B 300 18.04 24.27 4.02
N LYS B 301 17.10 25.22 4.04
CA LYS B 301 16.93 26.20 5.09
C LYS B 301 15.48 26.26 5.55
N THR B 302 14.53 26.00 4.64
CA THR B 302 13.09 26.12 4.92
C THR B 302 12.44 24.76 5.23
N VAL B 303 11.58 24.74 6.27
CA VAL B 303 10.79 23.55 6.64
C VAL B 303 9.34 23.94 6.99
N GLU B 304 8.40 23.01 6.78
CA GLU B 304 7.03 23.16 7.21
C GLU B 304 6.67 21.84 7.96
N ALA B 305 6.43 21.94 9.27
CA ALA B 305 6.06 20.76 10.07
C ALA B 305 4.55 20.75 10.23
N GLU B 306 3.93 19.58 10.08
CA GLU B 306 2.47 19.51 10.16
C GLU B 306 1.94 18.33 10.97
N ALA B 307 0.69 18.44 11.40
CA ALA B 307 -0.07 17.35 12.00
C ALA B 307 -0.78 16.79 10.75
N ALA B 308 -0.31 15.62 10.24
CA ALA B 308 -0.76 14.98 8.99
C ALA B 308 -2.00 14.04 9.09
N HIS B 309 -2.50 13.75 10.28
CA HIS B 309 -3.65 12.84 10.38
C HIS B 309 -4.95 13.61 10.09
N GLY B 310 -6.09 12.99 10.39
CA GLY B 310 -7.41 13.57 10.20
C GLY B 310 -7.71 14.82 11.00
N THR B 311 -8.97 15.22 10.97
CA THR B 311 -9.44 16.42 11.64
C THR B 311 -10.40 15.98 12.79
N VAL B 312 -10.57 14.63 12.90
CA VAL B 312 -11.32 13.85 13.90
C VAL B 312 -12.77 14.36 14.06
N THR B 313 -13.52 14.37 12.94
CA THR B 313 -14.91 14.83 12.82
C THR B 313 -15.84 14.16 13.86
N ARG B 314 -15.72 12.82 14.02
CA ARG B 314 -16.49 12.02 14.99
C ARG B 314 -16.34 12.55 16.41
N HIS B 315 -15.09 12.82 16.84
CA HIS B 315 -14.80 13.39 18.16
C HIS B 315 -15.39 14.80 18.25
N TYR B 316 -15.25 15.60 17.17
CA TYR B 316 -15.73 16.98 17.11
C TYR B 316 -17.24 17.07 17.30
N ARG B 317 -18.00 16.15 16.67
CA ARG B 317 -19.47 16.06 16.79
C ARG B 317 -19.87 15.82 18.26
N MET B 318 -19.13 14.89 18.94
CA MET B 318 -19.32 14.56 20.36
C MET B 318 -19.06 15.78 21.22
N TYR B 319 -17.95 16.51 20.96
CA TYR B 319 -17.54 17.75 21.65
C TYR B 319 -18.61 18.84 21.55
N GLN B 320 -19.24 18.98 20.37
CA GLN B 320 -20.30 19.96 20.09
C GLN B 320 -21.55 19.64 20.93
N LYS B 321 -21.88 18.32 21.08
CA LYS B 321 -23.01 17.80 21.86
C LYS B 321 -22.70 17.74 23.37
N GLY B 322 -21.61 18.40 23.79
CA GLY B 322 -21.17 18.43 25.19
C GLY B 322 -20.68 17.12 25.76
N GLN B 323 -20.36 16.13 24.89
CA GLN B 323 -19.86 14.81 25.30
C GLN B 323 -18.35 14.84 25.61
N GLU B 324 -17.90 13.85 26.38
CA GLU B 324 -16.49 13.75 26.73
C GLU B 324 -15.72 13.14 25.55
N THR B 325 -14.52 13.71 25.28
CA THR B 325 -13.64 13.27 24.19
C THR B 325 -12.24 12.98 24.71
N SER B 326 -11.52 12.12 24.01
CA SER B 326 -10.18 11.65 24.31
C SER B 326 -9.40 11.61 22.98
N THR B 327 -8.93 12.77 22.55
CA THR B 327 -8.27 12.96 21.27
C THR B 327 -6.76 13.10 21.45
N ASN B 328 -6.02 12.25 20.73
CA ASN B 328 -4.57 12.23 20.77
C ASN B 328 -3.97 13.53 20.19
N PRO B 329 -3.26 14.34 21.01
CA PRO B 329 -2.64 15.58 20.50
C PRO B 329 -1.18 15.44 20.06
N ILE B 330 -0.60 14.23 20.09
CA ILE B 330 0.86 14.04 19.85
C ILE B 330 1.34 14.59 18.48
N ALA B 331 0.59 14.32 17.39
CA ALA B 331 0.97 14.77 16.03
C ALA B 331 1.08 16.28 15.97
N SER B 332 0.11 16.97 16.57
CA SER B 332 0.15 18.42 16.67
C SER B 332 1.31 18.88 17.56
N ILE B 333 1.60 18.16 18.67
CA ILE B 333 2.74 18.55 19.54
C ILE B 333 4.06 18.45 18.76
N PHE B 334 4.25 17.33 18.06
CA PHE B 334 5.48 17.11 17.27
C PHE B 334 5.59 18.03 16.05
N ALA B 335 4.48 18.61 15.56
CA ALA B 335 4.58 19.63 14.49
C ALA B 335 5.29 20.85 15.12
N TRP B 336 4.87 21.24 16.33
CA TRP B 336 5.51 22.34 17.07
C TRP B 336 6.97 22.08 17.38
N THR B 337 7.30 20.92 17.99
CA THR B 337 8.67 20.57 18.37
C THR B 337 9.59 20.45 17.18
N ARG B 338 9.12 19.88 16.07
CA ARG B 338 9.95 19.76 14.87
C ARG B 338 10.21 21.13 14.23
N GLY B 339 9.20 22.00 14.28
CA GLY B 339 9.33 23.37 13.78
C GLY B 339 10.31 24.18 14.62
N LEU B 340 10.15 24.10 15.97
CA LEU B 340 11.03 24.79 16.94
C LEU B 340 12.44 24.27 16.91
N ALA B 341 12.62 22.94 16.70
CA ALA B 341 13.97 22.36 16.57
C ALA B 341 14.67 22.92 15.33
N HIS B 342 13.93 23.07 14.23
CA HIS B 342 14.56 23.63 13.02
C HIS B 342 14.88 25.12 13.20
N ARG B 343 13.96 25.88 13.83
CA ARG B 343 14.13 27.28 14.18
C ARG B 343 15.40 27.44 15.03
N ALA B 344 15.57 26.57 16.06
CA ALA B 344 16.73 26.57 16.95
C ALA B 344 18.03 26.32 16.21
N LYS B 345 18.01 25.37 15.25
CA LYS B 345 19.17 25.00 14.42
C LYS B 345 19.62 26.19 13.53
N LEU B 346 18.65 26.91 12.93
CA LEU B 346 18.92 28.09 12.09
C LEU B 346 19.51 29.26 12.89
N ASP B 347 18.98 29.49 14.11
CA ASP B 347 19.36 30.58 14.99
C ASP B 347 20.49 30.24 15.96
N ASN B 348 21.01 28.99 15.90
CA ASN B 348 22.03 28.45 16.80
C ASN B 348 21.63 28.69 18.27
N ASN B 349 20.34 28.41 18.58
CA ASN B 349 19.68 28.61 19.87
C ASN B 349 19.60 27.30 20.67
N LYS B 350 20.57 27.09 21.59
CA LYS B 350 20.69 25.89 22.42
C LYS B 350 19.56 25.67 23.38
N GLU B 351 18.97 26.76 23.87
CA GLU B 351 17.86 26.76 24.82
C GLU B 351 16.58 26.30 24.15
N LEU B 352 16.33 26.75 22.89
CA LEU B 352 15.14 26.36 22.15
C LEU B 352 15.32 24.92 21.67
N ALA B 353 16.54 24.54 21.27
CA ALA B 353 16.88 23.17 20.84
C ALA B 353 16.62 22.19 22.02
N PHE B 354 17.02 22.58 23.23
CA PHE B 354 16.81 21.77 24.43
C PHE B 354 15.33 21.63 24.70
N PHE B 355 14.59 22.77 24.66
CA PHE B 355 13.16 22.78 24.92
C PHE B 355 12.39 21.86 23.97
N ALA B 356 12.66 21.95 22.65
CA ALA B 356 11.94 21.19 21.61
C ALA B 356 12.11 19.68 21.85
N ASN B 357 13.34 19.24 22.09
CA ASN B 357 13.66 17.85 22.39
C ASN B 357 12.99 17.41 23.71
N ALA B 358 13.03 18.27 24.74
CA ALA B 358 12.45 17.99 26.06
C ALA B 358 10.96 17.72 25.97
N LEU B 359 10.24 18.48 25.09
CA LEU B 359 8.79 18.32 24.94
C LEU B 359 8.46 16.98 24.22
N GLU B 360 9.35 16.54 23.31
CA GLU B 360 9.20 15.24 22.63
C GLU B 360 9.41 14.10 23.65
N GLU B 361 10.44 14.23 24.51
CA GLU B 361 10.74 13.25 25.58
C GLU B 361 9.59 13.12 26.54
N VAL B 362 9.05 14.25 27.01
CA VAL B 362 7.89 14.33 27.91
C VAL B 362 6.67 13.64 27.31
N SER B 363 6.36 13.89 26.02
CA SER B 363 5.23 13.27 25.31
C SER B 363 5.36 11.74 25.30
N ILE B 364 6.55 11.23 24.96
CA ILE B 364 6.79 9.79 24.90
C ILE B 364 6.79 9.16 26.31
N GLU B 365 7.48 9.79 27.28
CA GLU B 365 7.57 9.33 28.68
C GLU B 365 6.20 9.32 29.34
N THR B 366 5.33 10.29 29.02
CA THR B 366 3.97 10.34 29.57
C THR B 366 3.20 9.12 29.10
N ILE B 367 3.24 8.82 27.78
CA ILE B 367 2.51 7.66 27.26
C ILE B 367 3.09 6.35 27.88
N GLU B 368 4.41 6.24 27.95
CA GLU B 368 5.13 5.08 28.48
C GLU B 368 4.90 4.87 30.01
N ALA B 369 4.52 5.95 30.73
CA ALA B 369 4.16 5.90 32.15
C ALA B 369 2.71 5.38 32.30
N GLY B 370 2.02 5.13 31.18
CA GLY B 370 0.66 4.59 31.16
C GLY B 370 -0.45 5.62 31.10
N PHE B 371 -0.10 6.87 30.81
CA PHE B 371 -1.09 7.94 30.70
C PHE B 371 -1.28 8.27 29.22
N MET B 372 -2.46 7.99 28.68
CA MET B 372 -2.73 8.14 27.26
C MET B 372 -4.19 8.39 26.91
N THR B 373 -4.47 8.73 25.64
CA THR B 373 -5.80 8.92 25.11
C THR B 373 -6.42 7.53 24.74
N LYS B 374 -7.76 7.48 24.50
CA LYS B 374 -8.51 6.25 24.20
C LYS B 374 -7.94 5.40 23.05
N ASP B 375 -7.53 6.04 21.96
CA ASP B 375 -6.94 5.40 20.78
C ASP B 375 -5.71 4.59 21.16
N LEU B 376 -4.80 5.17 21.97
CA LEU B 376 -3.57 4.48 22.40
C LEU B 376 -3.89 3.38 23.39
N ALA B 377 -4.87 3.60 24.27
CA ALA B 377 -5.34 2.54 25.19
C ALA B 377 -5.91 1.34 24.38
N ALA B 378 -6.65 1.61 23.28
CA ALA B 378 -7.23 0.56 22.41
C ALA B 378 -6.14 -0.24 21.71
N CYS B 379 -5.00 0.38 21.38
CA CYS B 379 -3.85 -0.30 20.79
C CYS B 379 -3.33 -1.39 21.73
N ILE B 380 -3.22 -1.06 23.03
CA ILE B 380 -2.70 -1.98 24.05
C ILE B 380 -3.71 -3.08 24.42
N LYS B 381 -4.96 -2.72 24.72
CA LYS B 381 -6.00 -3.62 25.23
C LYS B 381 -7.01 -4.21 24.22
N GLY B 382 -7.20 -3.54 23.09
CA GLY B 382 -8.21 -3.90 22.10
C GLY B 382 -9.43 -3.06 22.44
N LEU B 383 -9.97 -2.31 21.46
CA LEU B 383 -11.12 -1.41 21.67
C LEU B 383 -12.28 -2.00 22.51
N PRO B 384 -12.74 -3.27 22.34
CA PRO B 384 -13.84 -3.76 23.21
C PRO B 384 -13.49 -3.92 24.69
N ASN B 385 -12.18 -4.09 25.02
CA ASN B 385 -11.69 -4.27 26.39
C ASN B 385 -11.29 -2.94 27.10
N VAL B 386 -11.50 -1.80 26.41
CA VAL B 386 -11.15 -0.48 26.93
C VAL B 386 -12.25 0.06 27.84
N GLN B 387 -11.87 0.42 29.08
CA GLN B 387 -12.73 1.03 30.08
C GLN B 387 -12.29 2.48 30.29
N ARG B 388 -13.19 3.35 30.77
CA ARG B 388 -12.91 4.75 31.05
C ARG B 388 -11.63 4.98 31.89
N SER B 389 -11.35 4.05 32.83
CA SER B 389 -10.17 4.10 33.70
C SER B 389 -8.83 3.85 32.96
N ASP B 390 -8.89 3.27 31.75
CA ASP B 390 -7.68 2.95 30.95
C ASP B 390 -7.08 4.16 30.23
N TYR B 391 -7.83 5.27 30.14
CA TYR B 391 -7.35 6.43 29.39
C TYR B 391 -7.70 7.77 30.02
N LEU B 392 -7.13 8.85 29.50
CA LEU B 392 -7.38 10.21 29.96
C LEU B 392 -8.13 10.96 28.86
N ASN B 393 -9.02 11.89 29.26
CA ASN B 393 -9.73 12.66 28.26
C ASN B 393 -8.75 13.65 27.71
N THR B 394 -9.12 14.42 26.70
CA THR B 394 -8.19 15.35 26.08
C THR B 394 -7.57 16.30 27.09
N PHE B 395 -8.39 16.96 27.93
CA PHE B 395 -7.93 17.93 28.93
C PHE B 395 -7.00 17.31 29.99
N GLU B 396 -7.35 16.09 30.48
CA GLU B 396 -6.55 15.40 31.48
C GLU B 396 -5.19 15.01 30.95
N PHE B 397 -5.16 14.60 29.69
CA PHE B 397 -3.91 14.21 29.07
C PHE B 397 -3.00 15.41 28.87
N MET B 398 -3.53 16.55 28.42
CA MET B 398 -2.79 17.80 28.24
C MET B 398 -2.24 18.31 29.59
N ASP B 399 -2.98 18.06 30.68
CA ASP B 399 -2.57 18.44 32.05
C ASP B 399 -1.35 17.62 32.47
N LYS B 400 -1.40 16.31 32.22
CA LYS B 400 -0.32 15.37 32.53
C LYS B 400 0.96 15.81 31.84
N LEU B 401 0.85 16.17 30.54
CA LEU B 401 1.98 16.64 29.74
C LEU B 401 2.54 17.93 30.27
N GLY B 402 1.67 18.89 30.63
CA GLY B 402 2.08 20.18 31.17
C GLY B 402 2.83 20.00 32.47
N GLU B 403 2.28 19.14 33.37
CA GLU B 403 2.91 18.79 34.65
C GLU B 403 4.30 18.17 34.40
N ASN B 404 4.38 17.19 33.50
CA ASN B 404 5.64 16.52 33.19
C ASN B 404 6.67 17.41 32.55
N LEU B 405 6.22 18.35 31.69
CA LEU B 405 7.10 19.30 31.01
C LEU B 405 7.72 20.26 32.02
N LYS B 406 6.88 20.82 32.93
CA LYS B 406 7.34 21.72 34.01
C LYS B 406 8.44 21.04 34.85
N ILE B 407 8.22 19.77 35.26
CA ILE B 407 9.18 18.97 36.04
C ILE B 407 10.50 18.81 35.29
N LYS B 408 10.45 18.37 34.03
CA LYS B 408 11.63 18.15 33.19
C LYS B 408 12.44 19.44 33.03
N LEU B 409 11.77 20.59 32.79
CA LEU B 409 12.46 21.87 32.60
C LEU B 409 13.01 22.42 33.90
N ALA B 410 12.28 22.26 35.00
CA ALA B 410 12.74 22.70 36.34
C ALA B 410 13.98 21.90 36.76
N GLN B 411 13.95 20.58 36.56
CA GLN B 411 15.10 19.72 36.88
C GLN B 411 16.31 20.02 36.05
N ALA B 412 16.11 20.36 34.77
CA ALA B 412 17.24 20.67 33.89
C ALA B 412 17.87 22.04 34.27
N LYS B 413 17.05 23.00 34.74
CA LYS B 413 17.48 24.32 35.19
C LYS B 413 18.37 24.15 36.45
N LEU B 414 17.88 23.37 37.45
CA LEU B 414 18.59 23.06 38.70
C LEU B 414 19.93 22.37 38.45
N SER B 415 19.99 21.48 37.45
CA SER B 415 21.18 20.71 37.07
C SER B 415 22.34 21.61 36.56
N LEU B 416 22.05 22.85 36.10
CA LEU B 416 23.06 23.79 35.59
C LEU B 416 24.05 24.30 36.66
N LYS C 3 50.55 -25.39 -20.76
CA LYS C 3 50.07 -24.98 -22.07
C LYS C 3 49.19 -26.08 -22.75
N LYS C 4 48.00 -26.34 -22.16
CA LYS C 4 46.98 -27.28 -22.66
C LYS C 4 46.32 -26.69 -23.92
N ILE C 5 45.74 -27.54 -24.81
CA ILE C 5 45.04 -27.04 -26.02
C ILE C 5 43.72 -26.39 -25.58
N SER C 6 43.33 -25.27 -26.22
CA SER C 6 42.09 -24.56 -25.95
C SER C 6 40.98 -25.33 -26.66
N GLY C 7 40.22 -26.11 -25.89
CA GLY C 7 39.16 -26.96 -26.43
C GLY C 7 37.87 -26.30 -26.85
N GLY C 8 37.38 -25.37 -26.05
CA GLY C 8 36.12 -24.69 -26.32
C GLY C 8 34.97 -25.30 -25.55
N SER C 9 33.73 -24.98 -25.96
CA SER C 9 32.51 -25.42 -25.28
C SER C 9 32.04 -26.80 -25.72
N VAL C 10 31.92 -27.72 -24.75
CA VAL C 10 31.47 -29.09 -25.00
C VAL C 10 30.43 -29.46 -23.95
N VAL C 11 29.27 -30.01 -24.40
CA VAL C 11 28.24 -30.51 -23.49
C VAL C 11 28.61 -31.97 -23.24
N GLU C 12 28.76 -32.37 -21.98
CA GLU C 12 29.04 -33.76 -21.68
C GLU C 12 27.89 -34.36 -20.88
N MET C 13 27.52 -35.59 -21.21
CA MET C 13 26.46 -36.33 -20.54
C MET C 13 27.06 -37.56 -19.89
N GLN C 14 27.11 -37.55 -18.56
CA GLN C 14 27.63 -38.64 -17.75
C GLN C 14 26.65 -39.76 -17.74
N GLY C 15 27.16 -40.98 -17.65
CA GLY C 15 26.32 -42.17 -17.73
C GLY C 15 26.30 -43.07 -16.52
N ASP C 16 26.12 -44.37 -16.79
CA ASP C 16 25.96 -45.39 -15.78
C ASP C 16 27.00 -46.49 -15.76
N GLU C 17 27.08 -47.14 -14.58
CA GLU C 17 27.84 -48.33 -14.24
C GLU C 17 29.31 -48.31 -14.74
N MET C 18 29.79 -49.40 -15.37
CA MET C 18 31.17 -49.49 -15.84
C MET C 18 31.55 -48.38 -16.80
N THR C 19 30.64 -48.02 -17.72
CA THR C 19 30.88 -46.95 -18.71
C THR C 19 31.12 -45.62 -18.02
N ARG C 20 30.48 -45.39 -16.85
CA ARG C 20 30.69 -44.17 -16.06
C ARG C 20 32.15 -44.13 -15.53
N ILE C 21 32.63 -45.27 -14.94
CA ILE C 21 34.01 -45.43 -14.43
C ILE C 21 35.05 -45.11 -15.53
N ILE C 22 34.91 -45.76 -16.69
CA ILE C 22 35.76 -45.59 -17.87
C ILE C 22 35.73 -44.17 -18.40
N TRP C 23 34.54 -43.53 -18.39
CA TRP C 23 34.35 -42.15 -18.87
C TRP C 23 35.25 -41.17 -18.10
N GLU C 24 35.31 -41.35 -16.75
CA GLU C 24 36.15 -40.51 -15.88
C GLU C 24 37.62 -40.84 -16.16
N LEU C 25 37.97 -42.15 -16.33
CA LEU C 25 39.32 -42.60 -16.69
C LEU C 25 39.80 -41.92 -17.96
N ILE C 26 38.93 -41.87 -18.99
CA ILE C 26 39.22 -41.21 -20.28
C ILE C 26 39.50 -39.73 -20.07
N LYS C 27 38.65 -39.07 -19.28
CA LYS C 27 38.81 -37.64 -19.01
C LYS C 27 40.15 -37.38 -18.29
N GLU C 28 40.44 -38.14 -17.22
CA GLU C 28 41.64 -38.00 -16.37
C GLU C 28 42.95 -38.34 -17.08
N LYS C 29 43.02 -39.52 -17.70
CA LYS C 29 44.22 -40.02 -18.36
C LYS C 29 44.42 -39.59 -19.80
N LEU C 30 43.34 -39.32 -20.59
CA LEU C 30 43.55 -39.04 -22.02
C LEU C 30 43.14 -37.68 -22.54
N ILE C 31 42.23 -36.98 -21.86
CA ILE C 31 41.76 -35.68 -22.39
C ILE C 31 42.31 -34.49 -21.58
N PHE C 32 41.98 -34.45 -20.26
CA PHE C 32 42.34 -33.33 -19.37
C PHE C 32 43.85 -32.97 -19.35
N PRO C 33 44.82 -33.94 -19.37
CA PRO C 33 46.25 -33.54 -19.42
C PRO C 33 46.66 -32.76 -20.67
N TYR C 34 45.88 -32.86 -21.74
CA TYR C 34 46.23 -32.22 -23.02
C TYR C 34 45.29 -31.14 -23.48
N VAL C 35 44.01 -31.23 -23.08
CA VAL C 35 42.97 -30.29 -23.53
C VAL C 35 42.27 -29.62 -22.34
N GLU C 36 42.07 -28.30 -22.48
CA GLU C 36 41.39 -27.45 -21.51
C GLU C 36 40.00 -27.20 -22.10
N LEU C 37 38.94 -27.63 -21.40
CA LEU C 37 37.59 -27.44 -21.94
C LEU C 37 36.64 -26.62 -21.09
N ASP C 38 35.71 -25.90 -21.75
CA ASP C 38 34.59 -25.24 -21.09
C ASP C 38 33.50 -26.32 -21.15
N LEU C 39 33.50 -27.19 -20.16
CA LEU C 39 32.64 -28.36 -20.07
C LEU C 39 31.31 -28.09 -19.38
N HIS C 40 30.19 -28.28 -20.11
CA HIS C 40 28.82 -28.11 -19.61
C HIS C 40 28.32 -29.52 -19.31
N SER C 41 28.47 -29.93 -18.05
CA SER C 41 28.22 -31.27 -17.57
C SER C 41 26.81 -31.53 -17.08
N TYR C 42 26.20 -32.62 -17.56
CA TYR C 42 24.85 -33.05 -17.21
C TYR C 42 24.93 -34.49 -16.79
N ASP C 43 24.47 -34.78 -15.58
CA ASP C 43 24.53 -36.13 -15.06
C ASP C 43 23.29 -36.91 -15.51
N LEU C 44 23.47 -37.80 -16.53
CA LEU C 44 22.39 -38.65 -17.01
C LEU C 44 22.44 -40.02 -16.40
N GLY C 45 23.10 -40.13 -15.23
CA GLY C 45 23.11 -41.34 -14.43
C GLY C 45 21.68 -41.60 -14.02
N ILE C 46 21.27 -42.87 -13.93
CA ILE C 46 19.89 -43.28 -13.61
C ILE C 46 19.34 -42.61 -12.31
N GLU C 47 20.19 -42.41 -11.27
CA GLU C 47 19.77 -41.80 -10.01
C GLU C 47 19.45 -40.32 -10.22
N ASN C 48 20.29 -39.58 -10.97
CA ASN C 48 20.02 -38.16 -11.23
C ASN C 48 18.83 -37.94 -12.16
N ARG C 49 18.62 -38.86 -13.12
CA ARG C 49 17.45 -38.77 -14.00
C ARG C 49 16.19 -38.98 -13.14
N ASP C 50 16.24 -39.94 -12.20
CA ASP C 50 15.14 -40.20 -11.28
C ASP C 50 14.89 -38.99 -10.38
N ALA C 51 15.97 -38.36 -9.84
CA ALA C 51 15.89 -37.20 -8.94
C ALA C 51 15.36 -35.91 -9.62
N THR C 52 15.53 -35.79 -10.96
CA THR C 52 15.08 -34.60 -11.66
C THR C 52 13.86 -34.91 -12.52
N ASN C 53 13.25 -36.09 -12.32
CA ASN C 53 12.09 -36.56 -13.09
C ASN C 53 12.36 -36.54 -14.60
N ASP C 54 13.62 -36.92 -14.98
CA ASP C 54 14.16 -37.01 -16.33
C ASP C 54 14.30 -35.64 -17.02
N GLN C 55 14.22 -34.54 -16.25
CA GLN C 55 14.37 -33.19 -16.79
C GLN C 55 15.83 -32.91 -17.21
N VAL C 56 16.81 -33.49 -16.50
CA VAL C 56 18.24 -33.33 -16.84
C VAL C 56 18.52 -33.74 -18.31
N THR C 57 17.84 -34.79 -18.81
CA THR C 57 17.94 -35.31 -20.18
C THR C 57 17.53 -34.25 -21.20
N LYS C 58 16.38 -33.60 -20.94
CA LYS C 58 15.83 -32.54 -21.78
C LYS C 58 16.73 -31.30 -21.77
N ASP C 59 17.29 -30.95 -20.59
CA ASP C 59 18.18 -29.80 -20.41
C ASP C 59 19.49 -30.00 -21.16
N ALA C 60 20.03 -31.25 -21.09
CA ALA C 60 21.25 -31.64 -21.80
C ALA C 60 21.03 -31.48 -23.32
N ALA C 61 19.88 -31.97 -23.83
CA ALA C 61 19.54 -31.85 -25.26
C ALA C 61 19.46 -30.38 -25.71
N GLU C 62 18.87 -29.49 -24.87
CA GLU C 62 18.78 -28.04 -25.16
C GLU C 62 20.17 -27.39 -25.14
N ALA C 63 21.03 -27.82 -24.21
CA ALA C 63 22.41 -27.32 -24.12
C ALA C 63 23.22 -27.71 -25.38
N ILE C 64 22.95 -28.91 -25.97
CA ILE C 64 23.58 -29.35 -27.23
C ILE C 64 23.14 -28.40 -28.36
N LYS C 65 21.84 -28.02 -28.40
CA LYS C 65 21.30 -27.08 -29.40
C LYS C 65 22.07 -25.75 -29.34
N LYS C 66 22.36 -25.28 -28.12
CA LYS C 66 23.07 -24.05 -27.82
C LYS C 66 24.57 -24.10 -28.15
N HIS C 67 25.31 -25.13 -27.68
CA HIS C 67 26.77 -25.19 -27.83
C HIS C 67 27.28 -26.02 -29.02
N ASN C 68 26.37 -26.71 -29.74
CA ASN C 68 26.59 -27.45 -30.99
C ASN C 68 27.40 -28.74 -30.90
N VAL C 69 27.99 -29.05 -29.74
CA VAL C 69 28.79 -30.26 -29.61
C VAL C 69 28.42 -30.98 -28.34
N GLY C 70 28.09 -32.25 -28.47
CA GLY C 70 27.76 -33.08 -27.32
C GLY C 70 28.47 -34.40 -27.34
N VAL C 71 28.83 -34.90 -26.14
CA VAL C 71 29.51 -36.18 -25.96
C VAL C 71 28.79 -36.95 -24.89
N LYS C 72 28.24 -38.11 -25.24
CA LYS C 72 27.40 -38.87 -24.32
C LYS C 72 27.97 -40.24 -23.92
N CYS C 73 27.96 -40.50 -22.62
CA CYS C 73 28.35 -41.76 -22.00
C CYS C 73 27.15 -42.70 -22.11
N ALA C 74 27.39 -44.02 -22.13
CA ALA C 74 26.32 -45.00 -22.20
C ALA C 74 25.47 -44.97 -20.92
N THR C 75 24.14 -45.03 -21.06
CA THR C 75 23.21 -44.93 -19.93
C THR C 75 22.31 -46.16 -19.83
N ILE C 76 21.67 -46.35 -18.66
CA ILE C 76 20.68 -47.40 -18.44
C ILE C 76 19.30 -46.90 -18.93
N THR C 77 18.60 -47.71 -19.73
CA THR C 77 17.21 -47.52 -20.15
C THR C 77 16.52 -48.54 -19.22
N PRO C 78 15.86 -48.08 -18.13
CA PRO C 78 15.35 -49.03 -17.13
C PRO C 78 14.21 -49.91 -17.56
N ASP C 79 14.21 -51.14 -17.02
CA ASP C 79 13.16 -52.14 -17.19
C ASP C 79 12.58 -52.38 -15.76
N GLU C 80 11.76 -53.44 -15.57
CA GLU C 80 11.15 -53.73 -14.26
C GLU C 80 12.18 -53.97 -13.17
N LYS C 81 13.20 -54.79 -13.46
CA LYS C 81 14.29 -55.14 -12.55
C LYS C 81 15.11 -53.94 -12.11
N ARG C 82 15.31 -52.96 -13.01
CA ARG C 82 16.04 -51.72 -12.71
C ARG C 82 15.23 -50.80 -11.78
N VAL C 83 13.90 -50.75 -11.99
CA VAL C 83 12.96 -49.96 -11.15
C VAL C 83 13.08 -50.42 -9.68
N GLU C 84 13.08 -51.75 -9.43
CA GLU C 84 13.23 -52.38 -8.11
C GLU C 84 14.60 -52.11 -7.52
N GLU C 85 15.67 -52.27 -8.35
CA GLU C 85 17.07 -52.06 -7.99
C GLU C 85 17.35 -50.63 -7.50
N PHE C 86 16.90 -49.62 -8.26
CA PHE C 86 17.17 -48.23 -7.88
C PHE C 86 16.01 -47.55 -7.15
N LYS C 87 14.89 -48.30 -6.93
CA LYS C 87 13.68 -47.80 -6.27
C LYS C 87 13.20 -46.53 -7.01
N LEU C 88 13.14 -46.63 -8.36
CA LEU C 88 12.78 -45.55 -9.28
C LEU C 88 11.32 -45.18 -9.17
N LYS C 89 11.02 -43.88 -9.35
CA LYS C 89 9.66 -43.32 -9.31
C LYS C 89 8.84 -43.83 -10.48
N GLN C 90 9.47 -43.98 -11.64
CA GLN C 90 8.87 -44.41 -12.91
C GLN C 90 9.91 -45.20 -13.70
N MET C 91 9.45 -45.91 -14.73
CA MET C 91 10.32 -46.62 -15.65
C MET C 91 10.64 -45.62 -16.77
N TRP C 92 11.58 -44.71 -16.49
CA TRP C 92 12.02 -43.63 -17.37
C TRP C 92 12.35 -44.10 -18.77
N LYS C 93 11.92 -43.31 -19.77
CA LYS C 93 12.15 -43.57 -21.20
C LYS C 93 13.64 -43.46 -21.52
N SER C 94 14.07 -44.13 -22.60
CA SER C 94 15.44 -44.09 -23.12
C SER C 94 15.92 -42.62 -23.27
N PRO C 95 17.05 -42.25 -22.61
CA PRO C 95 17.55 -40.87 -22.77
C PRO C 95 17.94 -40.56 -24.21
N ASN C 96 18.41 -41.57 -24.95
CA ASN C 96 18.80 -41.47 -26.36
C ASN C 96 17.62 -41.09 -27.24
N GLY C 97 16.46 -41.72 -26.99
CA GLY C 97 15.20 -41.43 -27.67
C GLY C 97 14.75 -40.01 -27.40
N THR C 98 14.88 -39.58 -26.11
CA THR C 98 14.53 -38.20 -25.68
C THR C 98 15.42 -37.15 -26.38
N ILE C 99 16.75 -37.37 -26.37
CA ILE C 99 17.73 -36.47 -26.99
C ILE C 99 17.52 -36.38 -28.51
N ARG C 100 17.44 -37.55 -29.18
CA ARG C 100 17.23 -37.65 -30.63
C ARG C 100 15.92 -37.00 -31.06
N ASN C 101 14.87 -37.15 -30.22
CA ASN C 101 13.58 -36.54 -30.52
C ASN C 101 13.70 -35.02 -30.52
N ILE C 102 14.45 -34.47 -29.55
CA ILE C 102 14.65 -33.02 -29.44
C ILE C 102 15.54 -32.47 -30.57
N LEU C 103 16.69 -33.10 -30.82
CA LEU C 103 17.64 -32.63 -31.83
C LEU C 103 17.30 -32.94 -33.28
N GLY C 104 16.78 -34.14 -33.54
CA GLY C 104 16.53 -34.62 -34.89
C GLY C 104 17.83 -34.96 -35.61
N GLY C 105 17.72 -35.42 -36.85
CA GLY C 105 18.88 -35.71 -37.68
C GLY C 105 19.10 -37.16 -37.99
N THR C 106 20.36 -37.51 -38.27
CA THR C 106 20.76 -38.86 -38.65
C THR C 106 21.91 -39.34 -37.79
N VAL C 107 21.80 -40.58 -37.31
CA VAL C 107 22.85 -41.22 -36.53
C VAL C 107 23.73 -42.04 -37.48
N PHE C 108 24.92 -41.54 -37.76
CA PHE C 108 25.91 -42.24 -38.58
C PHE C 108 26.73 -43.18 -37.71
N ARG C 109 26.72 -44.46 -38.08
CA ARG C 109 27.39 -45.52 -37.36
C ARG C 109 28.33 -46.29 -38.28
N GLU C 110 29.55 -46.51 -37.79
CA GLU C 110 30.61 -47.16 -38.54
C GLU C 110 31.49 -47.97 -37.61
N ALA C 111 31.99 -49.12 -38.06
CA ALA C 111 32.87 -49.96 -37.28
C ALA C 111 34.26 -49.29 -37.07
N ILE C 112 34.89 -49.59 -35.92
CA ILE C 112 36.24 -49.08 -35.62
C ILE C 112 37.14 -50.27 -35.97
N ILE C 113 37.84 -50.18 -37.10
CA ILE C 113 38.61 -51.29 -37.67
C ILE C 113 40.05 -51.37 -37.17
N CYS C 114 40.40 -52.54 -36.62
CA CYS C 114 41.76 -52.92 -36.21
C CYS C 114 42.13 -54.11 -37.10
N LYS C 115 43.28 -54.03 -37.78
CA LYS C 115 43.79 -55.01 -38.75
C LYS C 115 43.85 -56.43 -38.22
N ASN C 116 44.10 -56.58 -36.90
CA ASN C 116 44.23 -57.89 -36.23
C ASN C 116 42.92 -58.46 -35.66
N ILE C 117 41.79 -57.72 -35.76
CA ILE C 117 40.52 -58.27 -35.26
C ILE C 117 39.83 -59.01 -36.40
N PRO C 118 39.54 -60.32 -36.27
CA PRO C 118 38.89 -61.03 -37.39
C PRO C 118 37.41 -60.64 -37.57
N ARG C 119 37.00 -60.46 -38.85
CA ARG C 119 35.62 -60.17 -39.20
C ARG C 119 34.82 -61.45 -39.15
N LEU C 120 33.50 -61.38 -38.92
CA LEU C 120 32.66 -62.58 -39.00
C LEU C 120 32.31 -62.75 -40.49
N VAL C 121 32.24 -61.61 -41.22
CA VAL C 121 31.95 -61.54 -42.65
C VAL C 121 33.28 -61.28 -43.37
N SER C 122 33.91 -62.37 -43.88
CA SER C 122 35.19 -62.31 -44.58
C SER C 122 35.22 -61.36 -45.80
N GLY C 123 34.09 -61.23 -46.50
CA GLY C 123 34.01 -60.36 -47.69
C GLY C 123 34.06 -58.87 -47.47
N TRP C 124 33.74 -58.38 -46.26
CA TRP C 124 33.69 -56.93 -45.99
C TRP C 124 35.08 -56.27 -45.91
N VAL C 125 35.69 -55.99 -47.08
CA VAL C 125 37.03 -55.38 -47.17
C VAL C 125 36.99 -53.83 -47.13
N LYS C 126 35.82 -53.23 -47.39
CA LYS C 126 35.63 -51.79 -47.34
C LYS C 126 34.57 -51.47 -46.27
N PRO C 127 34.54 -50.22 -45.73
CA PRO C 127 33.56 -49.92 -44.67
C PRO C 127 32.11 -49.79 -45.10
N ILE C 128 31.20 -50.07 -44.16
CA ILE C 128 29.76 -49.86 -44.35
C ILE C 128 29.34 -48.78 -43.37
N ILE C 129 28.82 -47.67 -43.87
CA ILE C 129 28.37 -46.62 -42.98
C ILE C 129 26.83 -46.65 -42.91
N ILE C 130 26.28 -46.84 -41.69
CA ILE C 130 24.84 -46.80 -41.52
C ILE C 130 24.42 -45.41 -41.15
N GLY C 131 23.53 -44.84 -41.96
CA GLY C 131 22.90 -43.55 -41.73
C GLY C 131 21.54 -43.84 -41.16
N ARG C 132 21.37 -43.73 -39.81
CA ARG C 132 20.11 -44.06 -39.15
C ARG C 132 19.24 -42.86 -38.91
N HIS C 133 18.06 -42.85 -39.54
CA HIS C 133 17.13 -41.75 -39.32
C HIS C 133 16.83 -41.74 -37.82
N ALA C 134 17.07 -40.61 -37.16
CA ALA C 134 17.01 -40.49 -35.69
C ALA C 134 15.69 -40.10 -35.12
N TYR C 135 14.73 -39.82 -35.99
CA TYR C 135 13.46 -39.32 -35.54
C TYR C 135 12.24 -40.23 -35.81
N GLY C 136 11.28 -40.20 -34.88
CA GLY C 136 9.96 -40.82 -34.99
C GLY C 136 9.90 -42.32 -35.13
N ASP C 137 8.88 -42.79 -35.88
CA ASP C 137 8.53 -44.21 -36.06
C ASP C 137 8.29 -44.88 -34.70
N GLN C 138 8.85 -46.08 -34.45
CA GLN C 138 8.65 -46.81 -33.20
C GLN C 138 9.22 -46.09 -31.95
N TYR C 139 10.15 -45.13 -32.15
CA TYR C 139 10.83 -44.42 -31.05
C TYR C 139 10.08 -43.19 -30.54
N ARG C 140 8.90 -42.91 -31.11
CA ARG C 140 8.02 -41.85 -30.61
C ARG C 140 6.58 -42.30 -30.85
N ALA C 141 6.32 -43.57 -30.62
CA ALA C 141 5.03 -44.18 -30.85
C ALA C 141 4.09 -44.12 -29.66
N THR C 142 2.80 -44.32 -29.94
CA THR C 142 1.76 -44.39 -28.92
C THR C 142 1.20 -45.80 -28.96
N ASP C 143 1.64 -46.66 -28.06
CA ASP C 143 1.20 -48.05 -28.01
C ASP C 143 0.47 -48.34 -26.72
N PHE C 144 -0.49 -49.26 -26.79
CA PHE C 144 -1.33 -49.61 -25.65
C PHE C 144 -1.88 -51.01 -25.78
N VAL C 145 -2.34 -51.56 -24.66
CA VAL C 145 -3.00 -52.85 -24.61
C VAL C 145 -4.48 -52.62 -24.89
N VAL C 146 -5.07 -53.46 -25.74
CA VAL C 146 -6.50 -53.42 -26.06
C VAL C 146 -7.10 -54.48 -25.09
N PRO C 147 -7.81 -54.04 -24.03
CA PRO C 147 -8.24 -55.00 -22.98
C PRO C 147 -9.35 -55.97 -23.36
N GLY C 148 -10.08 -55.68 -24.41
CA GLY C 148 -11.15 -56.56 -24.87
C GLY C 148 -11.80 -56.07 -26.13
N PRO C 149 -12.94 -56.69 -26.51
CA PRO C 149 -13.63 -56.28 -27.75
C PRO C 149 -13.90 -54.77 -27.84
N GLY C 150 -13.79 -54.26 -29.04
CA GLY C 150 -13.98 -52.86 -29.32
C GLY C 150 -13.27 -52.44 -30.57
N LYS C 151 -13.45 -51.19 -30.95
CA LYS C 151 -12.91 -50.64 -32.17
C LYS C 151 -11.70 -49.75 -31.92
N VAL C 152 -10.62 -49.99 -32.69
CA VAL C 152 -9.44 -49.13 -32.68
C VAL C 152 -9.45 -48.34 -33.98
N GLU C 153 -9.42 -47.03 -33.86
CA GLU C 153 -9.45 -46.12 -34.99
C GLU C 153 -8.33 -45.12 -34.90
N ILE C 154 -7.86 -44.64 -36.04
CA ILE C 154 -6.84 -43.61 -36.10
C ILE C 154 -7.44 -42.45 -36.89
N THR C 155 -7.41 -41.24 -36.34
CA THR C 155 -8.01 -40.10 -37.01
C THR C 155 -7.05 -38.97 -37.28
N TYR C 156 -7.29 -38.27 -38.40
CA TYR C 156 -6.52 -37.09 -38.76
C TYR C 156 -7.47 -35.91 -38.85
N THR C 157 -7.17 -34.83 -38.13
CA THR C 157 -7.98 -33.62 -38.15
C THR C 157 -7.09 -32.46 -38.61
N PRO C 158 -7.21 -31.97 -39.88
CA PRO C 158 -6.39 -30.82 -40.30
C PRO C 158 -6.59 -29.61 -39.39
N SER C 159 -5.54 -28.81 -39.19
CA SER C 159 -5.60 -27.66 -38.27
C SER C 159 -6.66 -26.61 -38.65
N ASP C 160 -7.08 -26.50 -39.94
CA ASP C 160 -8.16 -25.60 -40.35
C ASP C 160 -9.55 -26.00 -39.81
N GLY C 161 -9.70 -27.28 -39.42
CA GLY C 161 -10.95 -27.83 -38.87
C GLY C 161 -12.06 -28.06 -39.86
N THR C 162 -11.75 -28.04 -41.18
CA THR C 162 -12.73 -28.19 -42.26
C THR C 162 -13.13 -29.66 -42.55
N GLN C 163 -12.33 -30.64 -42.08
CA GLN C 163 -12.60 -32.05 -42.29
C GLN C 163 -11.97 -32.94 -41.21
N LYS C 164 -12.34 -34.21 -41.21
CA LYS C 164 -11.82 -35.21 -40.29
C LYS C 164 -11.81 -36.56 -41.03
N VAL C 165 -10.67 -37.25 -41.04
CA VAL C 165 -10.56 -38.57 -41.65
C VAL C 165 -10.43 -39.58 -40.50
N THR C 166 -11.28 -40.61 -40.52
CA THR C 166 -11.23 -41.68 -39.54
C THR C 166 -10.90 -42.98 -40.26
N TYR C 167 -9.78 -43.61 -39.93
CA TYR C 167 -9.42 -44.89 -40.51
C TYR C 167 -9.62 -45.95 -39.46
N LEU C 168 -10.21 -47.07 -39.83
CA LEU C 168 -10.36 -48.19 -38.90
C LEU C 168 -9.02 -48.96 -38.86
N VAL C 169 -8.47 -49.14 -37.66
CA VAL C 169 -7.22 -49.92 -37.47
C VAL C 169 -7.67 -51.38 -37.32
N HIS C 170 -8.60 -51.64 -36.40
CA HIS C 170 -9.14 -52.99 -36.23
C HIS C 170 -10.36 -53.00 -35.33
N ASN C 171 -11.30 -53.87 -35.65
CA ASN C 171 -12.44 -54.11 -34.80
C ASN C 171 -12.18 -55.44 -34.12
N PHE C 172 -11.88 -55.39 -32.80
CA PHE C 172 -11.59 -56.57 -31.97
C PHE C 172 -12.95 -57.15 -31.61
N GLU C 173 -13.25 -58.33 -32.14
CA GLU C 173 -14.53 -59.00 -31.94
C GLU C 173 -14.47 -59.97 -30.76
N GLU C 174 -13.40 -60.77 -30.67
CA GLU C 174 -13.20 -61.74 -29.59
C GLU C 174 -11.88 -61.42 -28.89
N GLY C 175 -11.96 -61.07 -27.62
CA GLY C 175 -10.78 -60.75 -26.82
C GLY C 175 -10.13 -59.43 -27.20
N GLY C 176 -8.96 -59.21 -26.65
CA GLY C 176 -8.20 -58.01 -26.91
C GLY C 176 -6.90 -58.27 -27.66
N GLY C 177 -5.94 -57.42 -27.41
CA GLY C 177 -4.63 -57.47 -28.05
C GLY C 177 -3.84 -56.24 -27.77
N VAL C 178 -3.26 -55.67 -28.83
CA VAL C 178 -2.41 -54.48 -28.75
C VAL C 178 -2.67 -53.62 -29.97
N ALA C 179 -2.36 -52.34 -29.87
CA ALA C 179 -2.48 -51.40 -30.96
C ALA C 179 -1.51 -50.28 -30.75
N MET C 180 -1.13 -49.61 -31.82
CA MET C 180 -0.20 -48.50 -31.75
C MET C 180 -0.36 -47.55 -32.91
N GLY C 181 -0.03 -46.30 -32.64
CA GLY C 181 0.03 -45.25 -33.63
C GLY C 181 1.46 -44.75 -33.71
N MET C 182 1.96 -44.51 -34.91
CA MET C 182 3.29 -43.95 -35.07
C MET C 182 3.29 -43.00 -36.25
N TYR C 183 4.30 -42.15 -36.33
CA TYR C 183 4.32 -41.15 -37.38
C TYR C 183 5.74 -40.77 -37.73
N ASN C 184 5.85 -39.99 -38.81
CA ASN C 184 7.06 -39.32 -39.21
C ASN C 184 6.69 -37.98 -39.86
N GLN C 185 7.67 -37.09 -39.97
CA GLN C 185 7.51 -35.72 -40.45
C GLN C 185 8.27 -35.52 -41.76
N ASP C 186 7.64 -34.87 -42.75
CA ASP C 186 8.25 -34.62 -44.07
C ASP C 186 9.62 -33.93 -43.98
N LYS C 187 9.70 -32.87 -43.16
CA LYS C 187 10.92 -32.09 -42.94
C LYS C 187 12.05 -32.96 -42.38
N SER C 188 11.72 -33.86 -41.42
CA SER C 188 12.68 -34.78 -40.82
C SER C 188 13.19 -35.77 -41.87
N ILE C 189 12.28 -36.28 -42.74
CA ILE C 189 12.67 -37.21 -43.81
C ILE C 189 13.59 -36.50 -44.84
N GLU C 190 13.24 -35.25 -45.21
CA GLU C 190 14.02 -34.41 -46.14
C GLU C 190 15.44 -34.20 -45.60
N ASP C 191 15.57 -33.87 -44.29
CA ASP C 191 16.87 -33.69 -43.63
C ASP C 191 17.68 -34.97 -43.64
N PHE C 192 17.00 -36.13 -43.46
CA PHE C 192 17.59 -37.47 -43.48
C PHE C 192 18.16 -37.73 -44.87
N ALA C 193 17.37 -37.43 -45.90
CA ALA C 193 17.78 -37.58 -47.29
C ALA C 193 19.03 -36.71 -47.59
N HIS C 194 18.99 -35.40 -47.27
CA HIS C 194 20.13 -34.48 -47.46
C HIS C 194 21.41 -34.99 -46.80
N SER C 195 21.32 -35.44 -45.53
CA SER C 195 22.43 -35.98 -44.75
C SER C 195 23.01 -37.22 -45.36
N SER C 196 22.13 -38.10 -45.89
CA SER C 196 22.52 -39.36 -46.53
C SER C 196 23.25 -39.12 -47.85
N PHE C 197 22.72 -38.19 -48.69
CA PHE C 197 23.33 -37.82 -49.98
C PHE C 197 24.69 -37.14 -49.78
N GLN C 198 24.78 -36.23 -48.79
CA GLN C 198 26.02 -35.52 -48.45
C GLN C 198 27.10 -36.44 -47.93
N MET C 199 26.73 -37.46 -47.15
CA MET C 199 27.65 -38.45 -46.59
C MET C 199 28.22 -39.32 -47.70
N ALA C 200 27.34 -39.78 -48.62
CA ALA C 200 27.74 -40.58 -49.77
C ALA C 200 28.74 -39.82 -50.66
N LEU C 201 28.51 -38.51 -50.85
CA LEU C 201 29.38 -37.64 -51.67
C LEU C 201 30.72 -37.34 -51.00
N SER C 202 30.75 -37.21 -49.66
CA SER C 202 31.99 -36.92 -48.94
C SER C 202 32.90 -38.15 -48.85
N LYS C 203 32.31 -39.35 -48.89
CA LYS C 203 33.06 -40.61 -48.81
C LYS C 203 33.37 -41.17 -50.19
N GLY C 204 32.61 -40.74 -51.20
CA GLY C 204 32.72 -41.21 -52.58
C GLY C 204 32.22 -42.63 -52.74
N TRP C 205 31.11 -42.96 -52.05
CA TRP C 205 30.49 -44.28 -52.11
C TRP C 205 29.03 -44.22 -52.53
N PRO C 206 28.48 -45.29 -53.14
CA PRO C 206 27.06 -45.27 -53.46
C PRO C 206 26.17 -45.30 -52.21
N LEU C 207 24.94 -44.83 -52.34
CA LEU C 207 23.97 -44.77 -51.24
C LEU C 207 22.79 -45.67 -51.54
N TYR C 208 22.36 -46.44 -50.53
CA TYR C 208 21.17 -47.28 -50.60
C TYR C 208 20.24 -46.91 -49.47
N LEU C 209 18.95 -46.76 -49.79
CA LEU C 209 17.88 -46.55 -48.81
C LEU C 209 17.05 -47.83 -48.76
N SER C 210 16.82 -48.37 -47.54
CA SER C 210 15.99 -49.56 -47.37
C SER C 210 14.64 -49.17 -46.77
N THR C 211 13.53 -49.76 -47.30
CA THR C 211 12.15 -49.58 -46.80
C THR C 211 11.39 -50.86 -47.09
N LYS C 212 10.14 -50.91 -46.67
CA LYS C 212 9.23 -52.02 -46.97
C LYS C 212 7.98 -51.39 -47.64
N ASN C 213 8.21 -50.53 -48.65
CA ASN C 213 7.18 -49.78 -49.36
C ASN C 213 6.18 -50.64 -50.13
N THR C 214 6.49 -51.91 -50.37
CA THR C 214 5.57 -52.83 -51.03
C THR C 214 4.43 -53.18 -50.06
N ILE C 215 4.67 -53.03 -48.73
CA ILE C 215 3.72 -53.35 -47.68
C ILE C 215 3.12 -52.07 -47.11
N LEU C 216 3.97 -51.14 -46.69
CA LEU C 216 3.56 -49.84 -46.15
C LEU C 216 3.68 -48.86 -47.31
N LYS C 217 2.74 -48.97 -48.27
CA LYS C 217 2.74 -48.21 -49.53
C LYS C 217 2.77 -46.71 -49.33
N LYS C 218 2.02 -46.21 -48.37
CA LYS C 218 1.95 -44.78 -48.08
C LYS C 218 3.06 -44.29 -47.16
N TYR C 219 3.28 -44.98 -46.03
CA TYR C 219 4.25 -44.61 -45.01
C TYR C 219 5.68 -44.71 -45.53
N ASP C 220 6.09 -45.90 -46.00
CA ASP C 220 7.44 -46.11 -46.52
C ASP C 220 7.60 -45.51 -47.89
N GLY C 221 6.49 -45.46 -48.66
CA GLY C 221 6.46 -44.85 -49.98
C GLY C 221 6.87 -43.39 -49.92
N ARG C 222 6.53 -42.70 -48.82
CA ARG C 222 6.91 -41.30 -48.62
C ARG C 222 8.43 -41.13 -48.45
N PHE C 223 9.09 -42.09 -47.75
CA PHE C 223 10.56 -42.06 -47.58
C PHE C 223 11.20 -42.22 -48.96
N LYS C 224 10.75 -43.22 -49.73
CA LYS C 224 11.20 -43.53 -51.08
C LYS C 224 11.01 -42.33 -52.04
N ASP C 225 9.82 -41.68 -52.01
CA ASP C 225 9.50 -40.52 -52.85
C ASP C 225 10.32 -39.30 -52.50
N ILE C 226 10.51 -39.03 -51.19
CA ILE C 226 11.31 -37.88 -50.76
C ILE C 226 12.79 -38.07 -51.16
N PHE C 227 13.33 -39.27 -50.98
CA PHE C 227 14.73 -39.52 -51.38
C PHE C 227 14.93 -39.37 -52.90
N GLN C 228 14.03 -39.98 -53.71
CA GLN C 228 14.09 -39.91 -55.17
C GLN C 228 14.01 -38.48 -55.71
N GLU C 229 13.04 -37.71 -55.20
CA GLU C 229 12.77 -36.32 -55.52
C GLU C 229 13.99 -35.44 -55.24
N ILE C 230 14.60 -35.57 -54.04
CA ILE C 230 15.76 -34.79 -53.63
C ILE C 230 16.98 -35.18 -54.49
N TYR C 231 17.19 -36.48 -54.76
CA TYR C 231 18.28 -36.97 -55.60
C TYR C 231 18.22 -36.39 -57.02
N ASP C 232 17.06 -36.52 -57.69
CA ASP C 232 16.83 -36.04 -59.06
C ASP C 232 17.03 -34.55 -59.22
N LYS C 233 16.57 -33.75 -58.24
CA LYS C 233 16.64 -32.29 -58.25
C LYS C 233 17.94 -31.69 -57.74
N GLN C 234 18.63 -32.35 -56.79
CA GLN C 234 19.81 -31.75 -56.17
C GLN C 234 21.12 -32.54 -56.16
N TYR C 235 21.12 -33.87 -56.39
CA TYR C 235 22.36 -34.61 -56.23
C TYR C 235 22.77 -35.54 -57.36
N LYS C 236 21.87 -35.90 -58.28
CA LYS C 236 22.15 -36.86 -59.36
C LYS C 236 23.43 -36.56 -60.16
N SER C 237 23.61 -35.30 -60.63
CA SER C 237 24.80 -34.91 -61.40
C SER C 237 26.08 -35.06 -60.58
N GLN C 238 26.03 -34.67 -59.28
CA GLN C 238 27.15 -34.79 -58.34
C GLN C 238 27.57 -36.25 -58.15
N PHE C 239 26.58 -37.17 -58.08
CA PHE C 239 26.80 -38.62 -57.95
C PHE C 239 27.42 -39.18 -59.25
N GLU C 240 26.87 -38.74 -60.41
CA GLU C 240 27.35 -39.13 -61.74
C GLU C 240 28.81 -38.70 -61.94
N ALA C 241 29.18 -37.50 -61.43
CA ALA C 241 30.54 -36.94 -61.47
C ALA C 241 31.54 -37.77 -60.68
N GLN C 242 31.11 -38.46 -59.59
CA GLN C 242 31.97 -39.30 -58.76
C GLN C 242 31.83 -40.78 -59.08
N LYS C 243 31.07 -41.12 -60.13
CA LYS C 243 30.82 -42.49 -60.59
C LYS C 243 30.16 -43.35 -59.48
N ILE C 244 29.29 -42.71 -58.69
CA ILE C 244 28.52 -43.34 -57.61
C ILE C 244 27.04 -43.22 -57.93
N TRP C 245 26.18 -43.90 -57.18
CA TRP C 245 24.75 -43.92 -57.45
C TRP C 245 23.94 -43.98 -56.18
N TYR C 246 22.63 -43.72 -56.28
CA TYR C 246 21.66 -43.86 -55.22
C TYR C 246 20.59 -44.84 -55.68
N GLU C 247 20.28 -45.85 -54.86
CA GLU C 247 19.23 -46.81 -55.15
C GLU C 247 18.39 -47.16 -53.93
N HIS C 248 17.09 -47.33 -54.12
CA HIS C 248 16.19 -47.78 -53.08
C HIS C 248 16.17 -49.31 -53.16
N ARG C 249 16.07 -49.98 -52.01
CA ARG C 249 16.02 -51.44 -51.91
C ARG C 249 15.03 -51.82 -50.83
N LEU C 250 14.39 -52.99 -51.00
CA LEU C 250 13.51 -53.52 -49.96
C LEU C 250 14.43 -54.01 -48.86
N ILE C 251 14.04 -53.77 -47.59
CA ILE C 251 14.86 -54.10 -46.42
C ILE C 251 15.37 -55.55 -46.42
N ASP C 252 14.50 -56.55 -46.69
CA ASP C 252 14.91 -57.97 -46.68
C ASP C 252 15.93 -58.26 -47.80
N ASP C 253 15.78 -57.61 -48.99
CA ASP C 253 16.75 -57.72 -50.08
C ASP C 253 18.06 -57.04 -49.67
N MET C 254 17.98 -55.82 -49.10
CA MET C 254 19.11 -55.00 -48.68
C MET C 254 20.06 -55.70 -47.71
N VAL C 255 19.52 -56.32 -46.64
CA VAL C 255 20.31 -57.04 -45.64
C VAL C 255 21.12 -58.14 -46.30
N ALA C 256 20.47 -58.99 -47.12
CA ALA C 256 21.09 -60.10 -47.85
C ALA C 256 22.15 -59.59 -48.85
N GLN C 257 21.86 -58.50 -49.58
CA GLN C 257 22.80 -57.86 -50.49
C GLN C 257 24.03 -57.36 -49.71
N ALA C 258 23.82 -56.67 -48.55
CA ALA C 258 24.90 -56.17 -47.70
C ALA C 258 25.82 -57.30 -47.23
N MET C 259 25.23 -58.41 -46.76
CA MET C 259 25.93 -59.60 -46.27
C MET C 259 26.84 -60.25 -47.28
N LYS C 260 26.43 -60.29 -48.58
CA LYS C 260 27.24 -60.93 -49.61
C LYS C 260 28.11 -59.92 -50.37
N SER C 261 28.02 -58.62 -50.02
CA SER C 261 28.82 -57.57 -50.66
C SER C 261 30.25 -57.54 -50.09
N GLU C 262 31.03 -56.55 -50.53
CA GLU C 262 32.38 -56.35 -50.02
C GLU C 262 32.49 -55.04 -49.22
N GLY C 263 31.33 -54.48 -48.84
CA GLY C 263 31.23 -53.20 -48.16
C GLY C 263 31.43 -52.06 -49.14
N GLY C 264 31.72 -50.87 -48.64
CA GLY C 264 31.94 -49.70 -49.50
C GLY C 264 30.67 -49.00 -49.94
N PHE C 265 29.83 -48.64 -48.96
CA PHE C 265 28.57 -47.92 -49.24
C PHE C 265 27.95 -47.33 -48.01
N ILE C 266 27.09 -46.34 -48.24
CA ILE C 266 26.29 -45.68 -47.23
C ILE C 266 24.92 -46.36 -47.28
N TRP C 267 24.44 -46.80 -46.12
CA TRP C 267 23.15 -47.46 -45.97
C TRP C 267 22.22 -46.61 -45.11
N ALA C 268 21.30 -45.88 -45.79
CA ALA C 268 20.28 -45.06 -45.15
C ALA C 268 19.17 -45.97 -44.66
N CYS C 269 18.96 -45.93 -43.35
CA CYS C 269 18.04 -46.77 -42.61
C CYS C 269 16.97 -45.97 -41.88
N LYS C 270 15.74 -46.49 -41.85
CA LYS C 270 14.70 -45.91 -41.04
C LYS C 270 15.11 -46.20 -39.54
N ASN C 271 14.64 -45.42 -38.61
CA ASN C 271 14.95 -45.50 -37.18
C ASN C 271 15.10 -46.92 -36.63
N TYR C 272 14.07 -47.77 -36.75
CA TYR C 272 14.10 -49.13 -36.27
C TYR C 272 15.14 -50.01 -36.95
N ASP C 273 15.20 -50.00 -38.29
CA ASP C 273 16.18 -50.80 -39.04
C ASP C 273 17.60 -50.39 -38.73
N GLY C 274 17.83 -49.08 -38.64
CA GLY C 274 19.14 -48.50 -38.30
C GLY C 274 19.63 -49.00 -36.97
N ASP C 275 18.72 -49.16 -35.99
CA ASP C 275 19.04 -49.69 -34.68
C ASP C 275 19.57 -51.12 -34.79
N VAL C 276 18.80 -52.03 -35.40
CA VAL C 276 19.18 -53.42 -35.58
C VAL C 276 20.41 -53.60 -36.51
N GLN C 277 20.40 -52.98 -37.69
CA GLN C 277 21.45 -53.13 -38.67
C GLN C 277 22.81 -52.57 -38.23
N SER C 278 22.85 -51.44 -37.52
CA SER C 278 24.12 -50.89 -37.05
C SER C 278 24.81 -51.87 -36.10
N ASP C 279 24.02 -52.53 -35.24
CA ASP C 279 24.56 -53.57 -34.33
C ASP C 279 25.04 -54.84 -35.09
N SER C 280 24.27 -55.28 -36.10
CA SER C 280 24.56 -56.46 -36.92
C SER C 280 25.85 -56.22 -37.73
N VAL C 281 25.95 -55.07 -38.40
CA VAL C 281 27.11 -54.66 -39.18
C VAL C 281 28.36 -54.57 -38.26
N ALA C 282 28.24 -53.93 -37.05
CA ALA C 282 29.35 -53.84 -36.09
C ALA C 282 29.83 -55.24 -35.68
N GLN C 283 28.86 -56.17 -35.45
CA GLN C 283 29.16 -57.56 -35.12
C GLN C 283 29.83 -58.29 -36.31
N GLY C 284 29.42 -57.93 -37.54
CA GLY C 284 29.96 -58.48 -38.77
C GLY C 284 31.42 -58.14 -38.95
N TYR C 285 31.82 -56.92 -38.55
CA TYR C 285 33.21 -56.48 -38.63
C TYR C 285 34.07 -57.09 -37.51
N GLY C 286 33.44 -57.74 -36.53
CA GLY C 286 34.15 -58.44 -35.47
C GLY C 286 33.70 -58.25 -34.05
N SER C 287 33.42 -57.00 -33.67
CA SER C 287 33.02 -56.68 -32.30
C SER C 287 31.91 -55.65 -32.27
N LEU C 288 30.82 -56.00 -31.56
CA LEU C 288 29.64 -55.15 -31.35
C LEU C 288 30.01 -53.77 -30.79
N GLY C 289 30.91 -53.75 -29.80
CA GLY C 289 31.39 -52.53 -29.15
C GLY C 289 32.31 -51.64 -29.96
N MET C 290 32.97 -52.17 -31.01
CA MET C 290 33.89 -51.39 -31.85
C MET C 290 33.12 -50.64 -32.94
N MET C 291 32.43 -49.57 -32.54
CA MET C 291 31.58 -48.79 -33.43
C MET C 291 31.44 -47.32 -32.99
N THR C 292 31.50 -46.38 -33.95
CA THR C 292 31.26 -44.96 -33.68
C THR C 292 29.74 -44.70 -33.84
N SER C 293 29.23 -43.64 -33.19
CA SER C 293 27.83 -43.28 -33.29
C SER C 293 27.71 -41.78 -33.16
N VAL C 294 27.52 -41.09 -34.28
CA VAL C 294 27.44 -39.63 -34.28
C VAL C 294 26.13 -39.15 -34.85
N LEU C 295 25.37 -38.40 -34.04
CA LEU C 295 24.12 -37.78 -34.48
C LEU C 295 24.46 -36.46 -35.16
N VAL C 296 24.13 -36.36 -36.44
CA VAL C 296 24.35 -35.16 -37.24
C VAL C 296 22.99 -34.50 -37.41
N CYS C 297 22.81 -33.36 -36.74
CA CYS C 297 21.59 -32.58 -36.70
C CYS C 297 21.31 -31.84 -38.02
N PRO C 298 20.02 -31.51 -38.30
CA PRO C 298 19.66 -30.86 -39.58
C PRO C 298 20.33 -29.53 -39.91
N ASP C 299 20.70 -28.72 -38.87
CA ASP C 299 21.35 -27.41 -39.05
C ASP C 299 22.75 -27.47 -39.71
N GLY C 300 23.35 -28.66 -39.77
CA GLY C 300 24.69 -28.88 -40.33
C GLY C 300 25.80 -28.29 -39.48
N LYS C 301 25.49 -28.00 -38.20
CA LYS C 301 26.40 -27.37 -37.26
C LYS C 301 26.45 -28.14 -35.93
N THR C 302 25.35 -28.80 -35.55
CA THR C 302 25.23 -29.50 -34.28
C THR C 302 25.42 -31.01 -34.39
N VAL C 303 26.20 -31.59 -33.45
CA VAL C 303 26.44 -33.03 -33.38
C VAL C 303 26.37 -33.53 -31.94
N GLU C 304 26.02 -34.82 -31.77
CA GLU C 304 26.04 -35.50 -30.47
C GLU C 304 26.73 -36.83 -30.72
N ALA C 305 27.93 -37.01 -30.16
CA ALA C 305 28.69 -38.24 -30.31
C ALA C 305 28.44 -39.10 -29.08
N GLU C 306 28.28 -40.41 -29.27
CA GLU C 306 27.98 -41.26 -28.13
C GLU C 306 28.67 -42.60 -28.15
N ALA C 307 28.70 -43.24 -26.99
CA ALA C 307 29.12 -44.61 -26.79
C ALA C 307 27.77 -45.35 -26.88
N ALA C 308 27.46 -45.97 -28.03
CA ALA C 308 26.16 -46.60 -28.30
C ALA C 308 25.85 -47.90 -27.52
N HIS C 309 26.87 -48.71 -27.16
CA HIS C 309 26.73 -49.99 -26.47
C HIS C 309 26.15 -49.88 -25.03
N GLY C 310 26.12 -51.00 -24.31
CA GLY C 310 25.64 -51.09 -22.94
C GLY C 310 26.54 -50.46 -21.89
N THR C 311 26.15 -50.61 -20.61
CA THR C 311 26.88 -50.05 -19.45
C THR C 311 27.77 -51.08 -18.75
N VAL C 312 27.79 -52.34 -19.26
CA VAL C 312 28.57 -53.50 -18.77
C VAL C 312 28.36 -53.76 -17.26
N THR C 313 27.14 -54.21 -16.87
CA THR C 313 26.74 -54.48 -15.48
C THR C 313 27.61 -55.56 -14.82
N ARG C 314 27.88 -56.68 -15.54
CA ARG C 314 28.71 -57.79 -15.07
C ARG C 314 30.06 -57.30 -14.57
N HIS C 315 30.73 -56.42 -15.33
CA HIS C 315 32.03 -55.88 -14.96
C HIS C 315 31.88 -54.89 -13.82
N TYR C 316 30.76 -54.14 -13.82
CA TYR C 316 30.50 -53.17 -12.77
C TYR C 316 30.31 -53.86 -11.40
N ARG C 317 29.62 -55.01 -11.37
CA ARG C 317 29.42 -55.80 -10.14
C ARG C 317 30.77 -56.27 -9.58
N MET C 318 31.67 -56.74 -10.48
CA MET C 318 33.03 -57.19 -10.16
C MET C 318 33.83 -56.04 -9.58
N TYR C 319 33.78 -54.86 -10.22
CA TYR C 319 34.45 -53.62 -9.81
C TYR C 319 34.02 -53.15 -8.40
N GLN C 320 32.71 -53.29 -8.09
CA GLN C 320 32.12 -52.93 -6.79
C GLN C 320 32.69 -53.86 -5.69
N LYS C 321 32.85 -55.17 -6.00
CA LYS C 321 33.38 -56.20 -5.11
C LYS C 321 34.94 -56.18 -5.06
N GLY C 322 35.55 -55.11 -5.56
CA GLY C 322 37.00 -54.94 -5.61
C GLY C 322 37.75 -55.91 -6.53
N GLN C 323 37.04 -56.58 -7.47
CA GLN C 323 37.63 -57.54 -8.40
C GLN C 323 38.25 -56.87 -9.62
N GLU C 324 39.08 -57.64 -10.33
CA GLU C 324 39.77 -57.16 -11.53
C GLU C 324 38.83 -57.29 -12.73
N THR C 325 38.77 -56.23 -13.54
CA THR C 325 37.92 -56.18 -14.73
C THR C 325 38.76 -55.92 -15.96
N SER C 326 38.23 -56.26 -17.14
CA SER C 326 38.90 -55.96 -18.41
C SER C 326 37.82 -55.37 -19.34
N THR C 327 37.63 -54.06 -19.29
CA THR C 327 36.55 -53.39 -20.04
C THR C 327 37.07 -52.57 -21.19
N ASN C 328 36.49 -52.82 -22.40
CA ASN C 328 36.87 -52.12 -23.61
C ASN C 328 36.37 -50.66 -23.59
N PRO C 329 37.30 -49.66 -23.62
CA PRO C 329 36.87 -48.25 -23.59
C PRO C 329 36.80 -47.53 -24.94
N ILE C 330 37.09 -48.21 -26.06
CA ILE C 330 37.23 -47.61 -27.39
C ILE C 330 36.02 -46.81 -27.83
N ALA C 331 34.79 -47.39 -27.71
CA ALA C 331 33.59 -46.65 -28.15
C ALA C 331 33.44 -45.34 -27.36
N SER C 332 33.72 -45.35 -26.04
CA SER C 332 33.69 -44.12 -25.21
C SER C 332 34.77 -43.14 -25.65
N ILE C 333 35.99 -43.64 -26.00
CA ILE C 333 37.08 -42.76 -26.48
C ILE C 333 36.66 -42.08 -27.78
N PHE C 334 36.12 -42.86 -28.73
CA PHE C 334 35.72 -42.31 -30.02
C PHE C 334 34.51 -41.36 -29.92
N ALA C 335 33.70 -41.43 -28.85
CA ALA C 335 32.63 -40.43 -28.65
C ALA C 335 33.34 -39.07 -28.39
N TRP C 336 34.38 -39.09 -27.53
CA TRP C 336 35.19 -37.89 -27.25
C TRP C 336 35.90 -37.35 -28.48
N THR C 337 36.64 -38.21 -29.22
CA THR C 337 37.39 -37.79 -30.41
C THR C 337 36.51 -37.27 -31.51
N ARG C 338 35.33 -37.91 -31.73
CA ARG C 338 34.41 -37.45 -32.77
C ARG C 338 33.78 -36.10 -32.36
N GLY C 339 33.49 -35.94 -31.06
CA GLY C 339 32.95 -34.68 -30.54
C GLY C 339 33.97 -33.56 -30.65
N LEU C 340 35.23 -33.83 -30.21
CA LEU C 340 36.34 -32.85 -30.27
C LEU C 340 36.72 -32.51 -31.69
N ALA C 341 36.66 -33.50 -32.62
CA ALA C 341 36.95 -33.23 -34.04
C ALA C 341 35.90 -32.28 -34.61
N HIS C 342 34.61 -32.44 -34.23
CA HIS C 342 33.59 -31.54 -34.72
C HIS C 342 33.75 -30.15 -34.11
N ARG C 343 34.07 -30.08 -32.80
CA ARG C 343 34.33 -28.83 -32.07
C ARG C 343 35.48 -28.09 -32.77
N ALA C 344 36.57 -28.80 -33.11
CA ALA C 344 37.75 -28.26 -33.80
C ALA C 344 37.38 -27.70 -35.18
N LYS C 345 36.51 -28.40 -35.93
CA LYS C 345 36.04 -28.00 -37.26
C LYS C 345 35.24 -26.70 -37.19
N LEU C 346 34.36 -26.55 -36.18
CA LEU C 346 33.54 -25.34 -35.97
C LEU C 346 34.39 -24.14 -35.58
N ASP C 347 35.39 -24.34 -34.72
CA ASP C 347 36.27 -23.31 -34.18
C ASP C 347 37.53 -23.07 -35.01
N ASN C 348 37.70 -23.83 -36.13
CA ASN C 348 38.88 -23.81 -37.01
C ASN C 348 40.17 -23.95 -36.18
N ASN C 349 40.16 -24.93 -35.26
CA ASN C 349 41.21 -25.25 -34.30
C ASN C 349 42.03 -26.48 -34.74
N LYS C 350 43.17 -26.22 -35.40
CA LYS C 350 44.07 -27.25 -35.95
C LYS C 350 44.72 -28.10 -34.90
N GLU C 351 44.98 -27.53 -33.72
CA GLU C 351 45.61 -28.21 -32.59
C GLU C 351 44.66 -29.24 -31.96
N LEU C 352 43.37 -28.88 -31.83
CA LEU C 352 42.35 -29.79 -31.28
C LEU C 352 42.05 -30.86 -32.33
N ALA C 353 41.99 -30.48 -33.63
CA ALA C 353 41.77 -31.41 -34.74
C ALA C 353 42.89 -32.46 -34.78
N PHE C 354 44.15 -32.02 -34.56
CA PHE C 354 45.30 -32.91 -34.54
C PHE C 354 45.20 -33.87 -33.38
N PHE C 355 44.87 -33.33 -32.18
CA PHE C 355 44.75 -34.12 -30.96
C PHE C 355 43.70 -35.24 -31.11
N ALA C 356 42.50 -34.90 -31.63
CA ALA C 356 41.37 -35.84 -31.77
C ALA C 356 41.76 -37.01 -32.67
N ASN C 357 42.37 -36.71 -33.83
CA ASN C 357 42.84 -37.71 -34.77
C ASN C 357 43.94 -38.60 -34.17
N ALA C 358 44.92 -38.00 -33.47
CA ALA C 358 46.02 -38.72 -32.82
C ALA C 358 45.49 -39.73 -31.83
N LEU C 359 44.48 -39.34 -31.02
CA LEU C 359 43.92 -40.26 -30.03
C LEU C 359 43.25 -41.48 -30.70
N GLU C 360 42.63 -41.29 -31.88
CA GLU C 360 42.02 -42.37 -32.66
C GLU C 360 43.12 -43.30 -33.20
N GLU C 361 44.22 -42.72 -33.74
CA GLU C 361 45.39 -43.47 -34.23
C GLU C 361 46.03 -44.31 -33.14
N VAL C 362 46.26 -43.69 -31.96
CA VAL C 362 46.83 -44.36 -30.78
C VAL C 362 46.00 -45.54 -30.35
N SER C 363 44.65 -45.36 -30.29
CA SER C 363 43.73 -46.43 -29.86
C SER C 363 43.86 -47.64 -30.75
N ILE C 364 43.83 -47.41 -32.07
CA ILE C 364 43.93 -48.46 -33.09
C ILE C 364 45.32 -49.11 -33.10
N GLU C 365 46.39 -48.29 -33.08
CA GLU C 365 47.79 -48.78 -33.07
C GLU C 365 48.09 -49.63 -31.84
N THR C 366 47.50 -49.31 -30.66
CA THR C 366 47.71 -50.06 -29.41
C THR C 366 47.18 -51.48 -29.56
N ILE C 367 45.88 -51.62 -29.97
CA ILE C 367 45.23 -52.92 -30.16
C ILE C 367 45.98 -53.72 -31.24
N GLU C 368 46.35 -53.05 -32.34
CA GLU C 368 47.10 -53.68 -33.43
C GLU C 368 48.51 -54.13 -33.02
N ALA C 369 49.10 -53.49 -31.99
CA ALA C 369 50.42 -53.86 -31.43
C ALA C 369 50.26 -55.05 -30.46
N GLY C 370 49.03 -55.56 -30.31
CA GLY C 370 48.75 -56.71 -29.45
C GLY C 370 48.35 -56.38 -28.03
N PHE C 371 48.13 -55.08 -27.70
CA PHE C 371 47.72 -54.63 -26.36
C PHE C 371 46.19 -54.41 -26.36
N MET C 372 45.43 -55.22 -25.63
CA MET C 372 43.96 -55.15 -25.65
C MET C 372 43.30 -55.77 -24.42
N THR C 373 42.01 -55.46 -24.22
CA THR C 373 41.13 -55.99 -23.18
C THR C 373 40.69 -57.40 -23.59
N LYS C 374 40.26 -58.22 -22.63
CA LYS C 374 39.83 -59.62 -22.79
C LYS C 374 38.86 -59.91 -23.96
N ASP C 375 37.87 -59.02 -24.19
CA ASP C 375 36.86 -59.17 -25.28
C ASP C 375 37.55 -59.30 -26.63
N LEU C 376 38.50 -58.40 -26.90
CA LEU C 376 39.25 -58.40 -28.15
C LEU C 376 40.18 -59.60 -28.26
N ALA C 377 40.80 -60.02 -27.12
CA ALA C 377 41.64 -61.21 -27.08
C ALA C 377 40.80 -62.43 -27.44
N ALA C 378 39.55 -62.50 -26.92
CA ALA C 378 38.60 -63.58 -27.22
C ALA C 378 38.20 -63.59 -28.70
N CYS C 379 38.06 -62.41 -29.35
CA CYS C 379 37.76 -62.33 -30.79
C CYS C 379 38.87 -63.03 -31.59
N ILE C 380 40.15 -62.77 -31.23
CA ILE C 380 41.31 -63.34 -31.94
C ILE C 380 41.53 -64.83 -31.64
N LYS C 381 41.54 -65.22 -30.34
CA LYS C 381 41.87 -66.58 -29.87
C LYS C 381 40.71 -67.55 -29.60
N GLY C 382 39.52 -67.02 -29.31
CA GLY C 382 38.37 -67.81 -28.91
C GLY C 382 38.37 -67.80 -27.40
N LEU C 383 37.24 -67.41 -26.76
CA LEU C 383 37.14 -67.28 -25.29
C LEU C 383 37.74 -68.48 -24.48
N PRO C 384 37.56 -69.78 -24.85
CA PRO C 384 38.18 -70.85 -24.04
C PRO C 384 39.71 -70.90 -24.09
N ASN C 385 40.33 -70.35 -25.17
CA ASN C 385 41.78 -70.33 -25.37
C ASN C 385 42.47 -69.06 -24.80
N VAL C 386 41.69 -68.18 -24.15
CA VAL C 386 42.20 -66.93 -23.58
C VAL C 386 42.80 -67.16 -22.19
N GLN C 387 44.07 -66.72 -22.03
CA GLN C 387 44.82 -66.79 -20.78
C GLN C 387 45.03 -65.37 -20.28
N ARG C 388 45.25 -65.19 -18.96
CA ARG C 388 45.47 -63.87 -18.35
C ARG C 388 46.57 -63.06 -19.06
N SER C 389 47.60 -63.74 -19.57
CA SER C 389 48.71 -63.12 -20.30
C SER C 389 48.31 -62.53 -21.67
N ASP C 390 47.17 -62.96 -22.24
CA ASP C 390 46.69 -62.49 -23.56
C ASP C 390 46.03 -61.12 -23.52
N TYR C 391 45.67 -60.66 -22.31
CA TYR C 391 45.00 -59.37 -22.19
C TYR C 391 45.50 -58.49 -21.06
N LEU C 392 45.09 -57.21 -21.13
CA LEU C 392 45.32 -56.16 -20.15
C LEU C 392 44.00 -55.86 -19.46
N ASN C 393 44.03 -55.67 -18.12
CA ASN C 393 42.86 -55.27 -17.33
C ASN C 393 42.49 -53.82 -17.69
N THR C 394 41.33 -53.32 -17.22
CA THR C 394 40.83 -51.97 -17.54
C THR C 394 41.86 -50.84 -17.32
N PHE C 395 42.58 -50.87 -16.19
CA PHE C 395 43.56 -49.83 -15.88
C PHE C 395 44.84 -50.01 -16.65
N GLU C 396 45.29 -51.28 -16.78
CA GLU C 396 46.51 -51.61 -17.56
C GLU C 396 46.34 -51.09 -18.99
N PHE C 397 45.15 -51.34 -19.60
CA PHE C 397 44.87 -50.91 -20.97
C PHE C 397 44.82 -49.37 -21.09
N MET C 398 44.12 -48.69 -20.15
CA MET C 398 44.03 -47.21 -20.13
C MET C 398 45.42 -46.56 -19.95
N ASP C 399 46.27 -47.17 -19.09
CA ASP C 399 47.67 -46.75 -18.83
C ASP C 399 48.49 -46.91 -20.10
N LYS C 400 48.34 -48.10 -20.79
CA LYS C 400 49.05 -48.35 -22.05
C LYS C 400 48.69 -47.30 -23.12
N LEU C 401 47.39 -47.00 -23.25
CA LEU C 401 46.84 -46.02 -24.17
C LEU C 401 47.38 -44.61 -23.87
N GLY C 402 47.38 -44.22 -22.57
CA GLY C 402 47.89 -42.96 -22.08
C GLY C 402 49.37 -42.80 -22.41
N GLU C 403 50.16 -43.86 -22.14
CA GLU C 403 51.59 -43.94 -22.48
C GLU C 403 51.80 -43.70 -23.99
N ASN C 404 51.00 -44.39 -24.86
CA ASN C 404 51.12 -44.27 -26.31
C ASN C 404 50.70 -42.93 -26.82
N LEU C 405 49.68 -42.31 -26.19
CA LEU C 405 49.19 -40.97 -26.56
C LEU C 405 50.27 -39.90 -26.24
N LYS C 406 50.87 -39.98 -25.04
CA LYS C 406 51.95 -39.07 -24.60
C LYS C 406 53.11 -39.13 -25.64
N ILE C 407 53.55 -40.35 -26.05
CA ILE C 407 54.59 -40.57 -27.06
C ILE C 407 54.23 -39.93 -28.40
N LYS C 408 53.01 -40.18 -28.90
CA LYS C 408 52.55 -39.63 -30.18
C LYS C 408 52.53 -38.10 -30.19
N LEU C 409 52.05 -37.51 -29.10
CA LEU C 409 51.97 -36.04 -28.98
C LEU C 409 53.36 -35.42 -28.76
N ALA C 410 54.24 -36.09 -27.97
CA ALA C 410 55.62 -35.63 -27.76
C ALA C 410 56.40 -35.67 -29.07
N GLN C 411 56.25 -36.74 -29.88
CA GLN C 411 56.91 -36.83 -31.19
C GLN C 411 56.44 -35.78 -32.17
N ALA C 412 55.15 -35.43 -32.12
CA ALA C 412 54.58 -34.40 -33.00
C ALA C 412 55.08 -32.99 -32.60
N LYS C 413 55.30 -32.78 -31.29
CA LYS C 413 55.79 -31.51 -30.72
C LYS C 413 57.26 -31.29 -31.17
N LEU C 414 58.09 -32.35 -31.06
CA LEU C 414 59.50 -32.38 -31.47
C LEU C 414 59.68 -32.17 -32.99
N SER C 415 58.70 -32.63 -33.80
CA SER C 415 58.71 -32.50 -35.25
C SER C 415 58.58 -31.04 -35.70
N LYS D 3 -51.10 24.09 24.27
CA LYS D 3 -49.71 23.68 24.39
C LYS D 3 -48.84 24.76 25.11
N LYS D 4 -47.50 24.57 25.11
CA LYS D 4 -46.51 25.50 25.68
C LYS D 4 -46.08 26.49 24.60
N ILE D 5 -45.64 27.71 24.99
CA ILE D 5 -45.17 28.74 24.03
C ILE D 5 -43.89 28.23 23.36
N SER D 6 -43.74 28.49 22.05
CA SER D 6 -42.57 28.11 21.26
C SER D 6 -41.51 29.19 21.53
N GLY D 7 -40.54 28.85 22.37
CA GLY D 7 -39.49 29.77 22.81
C GLY D 7 -38.39 30.08 21.83
N GLY D 8 -37.89 29.05 21.16
CA GLY D 8 -36.78 29.20 20.21
C GLY D 8 -35.45 28.86 20.84
N SER D 9 -34.35 29.27 20.19
CA SER D 9 -32.99 28.94 20.63
C SER D 9 -32.44 29.90 21.67
N VAL D 10 -32.03 29.35 22.83
CA VAL D 10 -31.48 30.14 23.93
C VAL D 10 -30.24 29.43 24.45
N VAL D 11 -29.12 30.17 24.60
CA VAL D 11 -27.90 29.65 25.20
C VAL D 11 -28.06 29.89 26.70
N GLU D 12 -27.90 28.84 27.52
CA GLU D 12 -27.95 29.05 28.96
C GLU D 12 -26.61 28.67 29.58
N MET D 13 -26.17 29.46 30.55
CA MET D 13 -24.94 29.22 31.27
C MET D 13 -25.26 29.00 32.74
N GLN D 14 -25.07 27.75 33.19
CA GLN D 14 -25.33 27.35 34.56
C GLN D 14 -24.22 27.87 35.44
N GLY D 15 -24.55 28.17 36.69
CA GLY D 15 -23.61 28.77 37.61
C GLY D 15 -23.28 27.99 38.85
N ASP D 16 -23.00 28.72 39.92
CA ASP D 16 -22.56 28.18 41.19
C ASP D 16 -23.44 28.42 42.39
N GLU D 17 -23.23 27.56 43.40
CA GLU D 17 -23.78 27.59 44.75
C GLU D 17 -25.31 27.88 44.80
N MET D 18 -25.75 28.79 45.69
CA MET D 18 -27.18 29.09 45.85
C MET D 18 -27.85 29.54 44.56
N THR D 19 -27.16 30.38 43.75
CA THR D 19 -27.69 30.87 42.47
C THR D 19 -27.98 29.73 41.52
N ARG D 20 -27.17 28.62 41.58
CA ARG D 20 -27.38 27.44 40.76
C ARG D 20 -28.71 26.76 41.17
N ILE D 21 -28.95 26.59 42.50
CA ILE D 21 -30.19 26.01 43.09
C ILE D 21 -31.42 26.77 42.56
N ILE D 22 -31.43 28.09 42.77
CA ILE D 22 -32.49 29.02 42.35
C ILE D 22 -32.72 28.98 40.85
N TRP D 23 -31.64 28.91 40.05
CA TRP D 23 -31.70 28.89 38.58
C TRP D 23 -32.56 27.68 38.10
N GLU D 24 -32.34 26.50 38.73
CA GLU D 24 -33.10 25.28 38.42
C GLU D 24 -34.53 25.47 38.91
N LEU D 25 -34.73 26.09 40.11
CA LEU D 25 -36.07 26.43 40.61
C LEU D 25 -36.85 27.29 39.63
N ILE D 26 -36.22 28.33 39.06
CA ILE D 26 -36.82 29.23 38.06
C ILE D 26 -37.20 28.45 36.82
N LYS D 27 -36.30 27.62 36.32
CA LYS D 27 -36.56 26.83 35.12
C LYS D 27 -37.76 25.90 35.34
N GLU D 28 -37.82 25.17 36.46
CA GLU D 28 -38.88 24.20 36.78
C GLU D 28 -40.23 24.85 37.08
N LYS D 29 -40.26 25.76 38.04
CA LYS D 29 -41.48 26.44 38.49
C LYS D 29 -41.96 27.60 37.61
N LEU D 30 -41.05 28.36 36.94
CA LEU D 30 -41.56 29.54 36.19
C LEU D 30 -41.40 29.54 34.70
N ILE D 31 -40.42 28.83 34.15
CA ILE D 31 -40.22 28.90 32.70
C ILE D 31 -40.80 27.67 31.98
N PHE D 32 -40.26 26.47 32.30
CA PHE D 32 -40.59 25.21 31.63
C PHE D 32 -42.10 24.88 31.58
N PRO D 33 -42.94 25.14 32.63
CA PRO D 33 -44.38 24.84 32.50
C PRO D 33 -45.11 25.64 31.42
N TYR D 34 -44.55 26.76 31.00
CA TYR D 34 -45.19 27.66 30.04
C TYR D 34 -44.48 27.80 28.72
N VAL D 35 -43.15 27.64 28.71
CA VAL D 35 -42.31 27.83 27.53
C VAL D 35 -41.52 26.56 27.19
N GLU D 36 -41.50 26.24 25.89
CA GLU D 36 -40.77 25.13 25.29
C GLU D 36 -39.54 25.74 24.63
N LEU D 37 -38.33 25.37 25.07
CA LEU D 37 -37.13 25.97 24.49
C LEU D 37 -36.15 25.00 23.85
N ASP D 38 -35.45 25.46 22.80
CA ASP D 38 -34.31 24.74 22.22
C ASP D 38 -33.12 25.33 23.02
N LEU D 39 -32.86 24.73 24.18
CA LEU D 39 -31.86 25.18 25.13
C LEU D 39 -30.46 24.60 24.89
N HIS D 40 -29.48 25.48 24.62
CA HIS D 40 -28.07 25.13 24.41
C HIS D 40 -27.38 25.41 25.73
N SER D 41 -27.25 24.36 26.56
CA SER D 41 -26.75 24.44 27.92
C SER D 41 -25.25 24.25 28.08
N TYR D 42 -24.61 25.16 28.83
CA TYR D 42 -23.18 25.15 29.11
C TYR D 42 -23.01 25.26 30.60
N ASP D 43 -22.32 24.30 31.19
CA ASP D 43 -22.13 24.31 32.63
C ASP D 43 -20.90 25.15 32.98
N LEU D 44 -21.15 26.40 33.50
CA LEU D 44 -20.06 27.29 33.92
C LEU D 44 -19.85 27.20 35.41
N GLY D 45 -20.28 26.09 36.02
CA GLY D 45 -20.01 25.78 37.42
C GLY D 45 -18.50 25.66 37.54
N ILE D 46 -17.94 26.09 38.68
CA ILE D 46 -16.49 26.11 38.92
C ILE D 46 -15.80 24.73 38.66
N GLU D 47 -16.48 23.60 38.96
CA GLU D 47 -15.92 22.26 38.75
C GLU D 47 -15.82 21.96 37.25
N ASN D 48 -16.86 22.29 36.45
CA ASN D 48 -16.81 22.05 35.01
C ASN D 48 -15.83 22.97 34.29
N ARG D 49 -15.68 24.22 34.79
CA ARG D 49 -14.70 25.14 34.21
C ARG D 49 -13.29 24.57 34.47
N ASP D 50 -13.07 24.03 35.68
CA ASP D 50 -11.81 23.41 36.04
C ASP D 50 -11.55 22.16 35.18
N ALA D 51 -12.58 21.31 34.97
CA ALA D 51 -12.49 20.08 34.19
C ALA D 51 -12.24 20.30 32.68
N THR D 52 -12.64 21.47 32.15
CA THR D 52 -12.47 21.76 30.72
C THR D 52 -11.38 22.80 30.51
N ASN D 53 -10.61 23.12 31.56
CA ASN D 53 -9.56 24.15 31.53
C ASN D 53 -10.09 25.51 31.06
N ASP D 54 -11.34 25.83 31.49
CA ASP D 54 -12.10 27.05 31.21
C ASP D 54 -12.53 27.18 29.74
N GLN D 55 -12.45 26.08 28.97
CA GLN D 55 -12.85 26.06 27.56
C GLN D 55 -14.38 26.19 27.43
N VAL D 56 -15.16 25.63 28.37
CA VAL D 56 -16.63 25.71 28.35
C VAL D 56 -17.12 27.18 28.28
N THR D 57 -16.40 28.10 28.95
CA THR D 57 -16.68 29.55 28.99
C THR D 57 -16.58 30.14 27.59
N LYS D 58 -15.48 29.81 26.88
CA LYS D 58 -15.22 30.26 25.51
C LYS D 58 -16.26 29.70 24.53
N ASP D 59 -16.63 28.41 24.72
CA ASP D 59 -17.61 27.73 23.86
C ASP D 59 -19.00 28.34 24.02
N ALA D 60 -19.37 28.68 25.29
CA ALA D 60 -20.64 29.33 25.61
C ALA D 60 -20.70 30.70 24.92
N ALA D 61 -19.60 31.49 24.98
CA ALA D 61 -19.53 32.80 24.34
C ALA D 61 -19.70 32.69 22.80
N GLU D 62 -19.10 31.67 22.16
CA GLU D 62 -19.23 31.42 20.72
C GLU D 62 -20.67 31.00 20.36
N ALA D 63 -21.31 30.19 21.22
CA ALA D 63 -22.70 29.77 21.04
C ALA D 63 -23.64 30.98 21.11
N ILE D 64 -23.33 31.98 21.96
CA ILE D 64 -24.11 33.23 22.05
C ILE D 64 -23.99 34.02 20.72
N LYS D 65 -22.79 34.05 20.12
CA LYS D 65 -22.55 34.69 18.82
C LYS D 65 -23.45 34.06 17.75
N LYS D 66 -23.58 32.74 17.78
CA LYS D 66 -24.36 31.93 16.86
C LYS D 66 -25.89 32.06 17.06
N HIS D 67 -26.41 31.91 18.29
CA HIS D 67 -27.85 31.90 18.55
C HIS D 67 -28.46 33.23 19.01
N ASN D 68 -27.61 34.25 19.25
CA ASN D 68 -27.96 35.65 19.55
C ASN D 68 -28.57 35.94 20.92
N VAL D 69 -28.91 34.95 21.72
CA VAL D 69 -29.46 35.26 23.03
C VAL D 69 -28.87 34.30 24.06
N GLY D 70 -28.35 34.88 25.13
CA GLY D 70 -27.75 34.12 26.20
C GLY D 70 -28.28 34.55 27.54
N VAL D 71 -28.39 33.60 28.47
CA VAL D 71 -28.88 33.83 29.82
C VAL D 71 -27.90 33.19 30.76
N LYS D 72 -27.29 34.00 31.63
CA LYS D 72 -26.21 33.54 32.50
C LYS D 72 -26.53 33.60 33.99
N CYS D 73 -26.26 32.48 34.68
CA CYS D 73 -26.39 32.32 36.12
C CYS D 73 -25.12 32.91 36.75
N ALA D 74 -25.20 33.38 38.00
CA ALA D 74 -24.04 33.94 38.70
C ALA D 74 -23.01 32.84 38.95
N THR D 75 -21.72 33.16 38.74
CA THR D 75 -20.62 32.19 38.88
C THR D 75 -19.59 32.64 39.89
N ILE D 76 -18.74 31.71 40.36
CA ILE D 76 -17.61 32.00 41.23
C ILE D 76 -16.40 32.43 40.36
N THR D 77 -15.75 33.55 40.71
CA THR D 77 -14.47 34.03 40.15
C THR D 77 -13.52 33.62 41.31
N PRO D 78 -12.76 32.52 41.13
CA PRO D 78 -11.97 32.00 42.26
C PRO D 78 -10.81 32.85 42.74
N ASP D 79 -10.58 32.78 44.05
CA ASP D 79 -9.46 33.42 44.74
C ASP D 79 -8.63 32.26 45.35
N GLU D 80 -7.65 32.56 46.25
CA GLU D 80 -6.80 31.53 46.86
C GLU D 80 -7.61 30.49 47.62
N LYS D 81 -8.56 30.94 48.46
CA LYS D 81 -9.42 30.09 49.29
C LYS D 81 -10.28 29.14 48.46
N ARG D 82 -10.75 29.60 47.29
CA ARG D 82 -11.57 28.78 46.37
C ARG D 82 -10.72 27.69 45.70
N VAL D 83 -9.46 28.01 45.36
CA VAL D 83 -8.50 27.07 44.75
C VAL D 83 -8.31 25.87 45.70
N GLU D 84 -8.10 26.12 47.01
CA GLU D 84 -7.95 25.11 48.06
C GLU D 84 -9.23 24.30 48.25
N GLU D 85 -10.39 25.00 48.29
CA GLU D 85 -11.72 24.42 48.46
C GLU D 85 -12.09 23.41 47.35
N PHE D 86 -11.90 23.80 46.08
CA PHE D 86 -12.27 22.91 44.98
C PHE D 86 -11.09 22.13 44.41
N LYS D 87 -9.86 22.34 44.97
CA LYS D 87 -8.61 21.71 44.53
C LYS D 87 -8.43 21.97 43.02
N LEU D 88 -8.60 23.26 42.64
CA LEU D 88 -8.53 23.76 41.27
C LEU D 88 -7.11 23.70 40.70
N LYS D 89 -7.01 23.43 39.38
CA LYS D 89 -5.74 23.37 38.66
C LYS D 89 -5.08 24.74 38.59
N GLN D 90 -5.88 25.80 38.44
CA GLN D 90 -5.47 27.19 38.32
C GLN D 90 -6.52 28.08 38.94
N MET D 91 -6.17 29.35 39.18
CA MET D 91 -7.10 30.35 39.67
C MET D 91 -7.72 30.98 38.42
N TRP D 92 -8.71 30.28 37.85
CA TRP D 92 -9.41 30.65 36.62
C TRP D 92 -9.92 32.07 36.63
N LYS D 93 -9.77 32.76 35.48
CA LYS D 93 -10.20 34.14 35.28
C LYS D 93 -11.72 34.24 35.32
N SER D 94 -12.25 35.43 35.63
CA SER D 94 -13.68 35.73 35.66
C SER D 94 -14.36 35.28 34.35
N PRO D 95 -15.38 34.40 34.41
CA PRO D 95 -16.07 33.99 33.18
C PRO D 95 -16.73 35.17 32.47
N ASN D 96 -17.20 36.16 33.24
CA ASN D 96 -17.84 37.39 32.72
C ASN D 96 -16.89 38.20 31.88
N GLY D 97 -15.64 38.33 32.34
CA GLY D 97 -14.57 39.01 31.63
C GLY D 97 -14.25 38.29 30.33
N THR D 98 -14.19 36.93 30.37
CA THR D 98 -13.92 36.08 29.20
C THR D 98 -15.04 36.23 28.14
N ILE D 99 -16.32 36.13 28.57
CA ILE D 99 -17.48 36.26 27.69
C ILE D 99 -17.56 37.67 27.07
N ARG D 100 -17.44 38.72 27.91
CA ARG D 100 -17.49 40.12 27.47
C ARG D 100 -16.36 40.43 26.51
N ASN D 101 -15.16 39.84 26.75
CA ASN D 101 -14.02 40.06 25.85
C ASN D 101 -14.32 39.48 24.48
N ILE D 102 -14.97 38.30 24.42
CA ILE D 102 -15.32 37.65 23.16
C ILE D 102 -16.45 38.40 22.41
N LEU D 103 -17.52 38.74 23.12
CA LEU D 103 -18.68 39.37 22.50
C LEU D 103 -18.57 40.87 22.24
N GLY D 104 -17.98 41.60 23.18
CA GLY D 104 -17.89 43.06 23.12
C GLY D 104 -19.26 43.69 23.40
N GLY D 105 -19.31 45.01 23.37
CA GLY D 105 -20.55 45.74 23.56
C GLY D 105 -20.62 46.54 24.83
N THR D 106 -21.85 46.78 25.30
CA THR D 106 -22.16 47.58 26.49
C THR D 106 -23.07 46.79 27.41
N VAL D 107 -22.80 46.82 28.71
CA VAL D 107 -23.63 46.21 29.72
C VAL D 107 -24.52 47.30 30.32
N PHE D 108 -25.79 47.22 30.01
CA PHE D 108 -26.81 48.14 30.51
C PHE D 108 -27.39 47.58 31.81
N ARG D 109 -27.27 48.37 32.88
CA ARG D 109 -27.71 48.00 34.20
C ARG D 109 -28.69 49.01 34.74
N GLU D 110 -29.71 48.50 35.39
CA GLU D 110 -30.80 49.31 35.91
C GLU D 110 -31.40 48.61 37.12
N ALA D 111 -31.84 49.40 38.11
CA ALA D 111 -32.46 48.86 39.31
C ALA D 111 -33.86 48.27 38.99
N ILE D 112 -34.25 47.24 39.75
CA ILE D 112 -35.58 46.61 39.61
C ILE D 112 -36.37 47.27 40.75
N ILE D 113 -37.25 48.21 40.40
CA ILE D 113 -37.98 49.03 41.38
C ILE D 113 -39.30 48.43 41.86
N CYS D 114 -39.41 48.30 43.18
CA CYS D 114 -40.62 47.89 43.90
C CYS D 114 -41.00 49.10 44.76
N LYS D 115 -42.25 49.58 44.64
CA LYS D 115 -42.80 50.76 45.31
C LYS D 115 -42.58 50.77 46.80
N ASN D 116 -42.58 49.59 47.45
CA ASN D 116 -42.44 49.44 48.91
C ASN D 116 -41.00 49.26 49.41
N ILE D 117 -40.01 49.24 48.49
CA ILE D 117 -38.60 49.13 48.94
C ILE D 117 -38.04 50.53 49.13
N PRO D 118 -37.58 50.91 50.33
CA PRO D 118 -37.07 52.29 50.49
C PRO D 118 -35.70 52.50 49.83
N ARG D 119 -35.54 53.66 49.18
CA ARG D 119 -34.27 54.03 48.57
C ARG D 119 -33.33 54.54 49.63
N LEU D 120 -32.01 54.46 49.41
CA LEU D 120 -31.06 55.08 50.35
C LEU D 120 -30.95 56.53 49.92
N VAL D 121 -31.14 56.82 48.61
CA VAL D 121 -31.11 58.15 48.00
C VAL D 121 -32.56 58.57 47.75
N SER D 122 -33.13 59.35 48.70
CA SER D 122 -34.52 59.82 48.63
C SER D 122 -34.86 60.60 47.35
N GLY D 123 -33.91 61.33 46.78
CA GLY D 123 -34.13 62.13 45.58
C GLY D 123 -34.34 61.38 44.28
N TRP D 124 -33.86 60.12 44.17
CA TRP D 124 -33.94 59.35 42.92
C TRP D 124 -35.37 58.88 42.58
N VAL D 125 -36.20 59.78 42.03
CA VAL D 125 -37.60 59.49 41.67
C VAL D 125 -37.74 58.89 40.25
N LYS D 126 -36.70 59.06 39.41
CA LYS D 126 -36.68 58.52 38.06
C LYS D 126 -35.50 57.53 37.94
N PRO D 127 -35.51 56.59 36.96
CA PRO D 127 -34.43 55.61 36.86
C PRO D 127 -33.10 56.15 36.35
N ILE D 128 -32.01 55.48 36.77
CA ILE D 128 -30.66 55.75 36.26
C ILE D 128 -30.22 54.49 35.52
N ILE D 129 -29.92 54.62 34.24
CA ILE D 129 -29.45 53.47 33.50
C ILE D 129 -27.93 53.61 33.30
N ILE D 130 -27.17 52.62 33.79
CA ILE D 130 -25.72 52.61 33.57
C ILE D 130 -25.42 51.82 32.34
N GLY D 131 -24.71 52.46 31.40
CA GLY D 131 -24.20 51.87 30.18
C GLY D 131 -22.73 51.60 30.40
N ARG D 132 -22.37 50.35 30.73
CA ARG D 132 -20.99 49.99 31.03
C ARG D 132 -20.28 49.42 29.84
N HIS D 133 -19.22 50.10 29.38
CA HIS D 133 -18.41 49.61 28.27
C HIS D 133 -17.88 48.23 28.69
N ALA D 134 -18.12 47.19 27.90
CA ALA D 134 -17.82 45.80 28.30
C ALA D 134 -16.48 45.28 27.92
N TYR D 135 -15.70 46.13 27.24
CA TYR D 135 -14.44 45.69 26.70
C TYR D 135 -13.21 46.42 27.23
N GLY D 136 -12.11 45.67 27.34
CA GLY D 136 -10.77 46.17 27.67
C GLY D 136 -10.56 46.86 29.00
N ASP D 137 -9.62 47.83 29.01
CA ASP D 137 -9.16 48.56 30.19
C ASP D 137 -8.61 47.57 31.24
N GLN D 138 -8.96 47.72 32.52
CA GLN D 138 -8.47 46.84 33.60
C GLN D 138 -8.89 45.38 33.45
N TYR D 139 -9.95 45.08 32.66
CA TYR D 139 -10.51 43.73 32.50
C TYR D 139 -9.84 42.91 31.41
N ARG D 140 -8.82 43.46 30.74
CA ARG D 140 -7.99 42.73 29.79
C ARG D 140 -6.58 43.28 29.87
N ALA D 141 -6.12 43.55 31.08
CA ALA D 141 -4.83 44.15 31.35
C ALA D 141 -3.71 43.14 31.53
N THR D 142 -2.49 43.61 31.41
CA THR D 142 -1.29 42.81 31.63
C THR D 142 -0.56 43.44 32.81
N ASP D 143 -0.73 42.86 33.99
CA ASP D 143 -0.12 43.38 35.21
C ASP D 143 0.85 42.39 35.78
N PHE D 144 1.91 42.90 36.43
CA PHE D 144 2.95 42.07 37.00
C PHE D 144 3.63 42.77 38.15
N VAL D 145 4.32 41.98 38.97
CA VAL D 145 5.11 42.48 40.08
C VAL D 145 6.50 42.83 39.50
N VAL D 146 7.02 44.01 39.87
CA VAL D 146 8.37 44.44 39.49
C VAL D 146 9.23 44.01 40.70
N PRO D 147 10.07 42.95 40.55
CA PRO D 147 10.78 42.38 41.71
C PRO D 147 11.91 43.23 42.30
N GLY D 148 12.41 44.16 41.54
CA GLY D 148 13.48 45.03 42.01
C GLY D 148 13.85 46.09 41.01
N PRO D 149 14.99 46.82 41.25
CA PRO D 149 15.38 47.90 40.35
C PRO D 149 15.44 47.48 38.88
N GLY D 150 15.09 48.41 38.02
CA GLY D 150 15.04 48.17 36.59
C GLY D 150 14.08 49.08 35.91
N LYS D 151 14.05 49.00 34.59
CA LYS D 151 13.24 49.86 33.74
C LYS D 151 12.01 49.17 33.23
N VAL D 152 10.84 49.84 33.36
CA VAL D 152 9.59 49.37 32.78
C VAL D 152 9.28 50.28 31.60
N GLU D 153 9.12 49.68 30.42
CA GLU D 153 8.85 50.41 29.19
C GLU D 153 7.65 49.81 28.49
N ILE D 154 6.93 50.65 27.75
CA ILE D 154 5.81 50.19 26.95
C ILE D 154 6.12 50.58 25.50
N THR D 155 6.03 49.62 24.60
CA THR D 155 6.37 49.90 23.20
C THR D 155 5.23 49.65 22.23
N TYR D 156 5.20 50.44 21.17
CA TYR D 156 4.26 50.26 20.09
C TYR D 156 5.03 50.00 18.80
N THR D 157 4.72 48.91 18.10
CA THR D 157 5.37 48.59 16.84
C THR D 157 4.30 48.50 15.76
N PRO D 158 4.16 49.53 14.87
CA PRO D 158 3.19 49.43 13.75
C PRO D 158 3.36 48.13 12.95
N SER D 159 2.26 47.53 12.47
CA SER D 159 2.34 46.26 11.73
C SER D 159 3.21 46.33 10.46
N ASP D 160 3.36 47.53 9.83
CA ASP D 160 4.25 47.72 8.66
C ASP D 160 5.75 47.55 9.00
N GLY D 161 6.11 47.69 10.27
CA GLY D 161 7.49 47.54 10.75
C GLY D 161 8.44 48.69 10.39
N THR D 162 7.88 49.85 9.98
CA THR D 162 8.66 51.03 9.58
C THR D 162 9.19 51.88 10.76
N GLN D 163 8.62 51.70 11.97
CA GLN D 163 9.02 52.43 13.18
C GLN D 163 8.67 51.68 14.46
N LYS D 164 9.18 52.17 15.58
CA LYS D 164 8.95 51.63 16.90
C LYS D 164 8.97 52.78 17.90
N VAL D 165 7.93 52.90 18.73
CA VAL D 165 7.87 53.94 19.75
C VAL D 165 8.06 53.24 21.09
N THR D 166 9.01 53.73 21.89
CA THR D 166 9.27 53.21 23.24
C THR D 166 8.97 54.31 24.25
N TYR D 167 8.00 54.09 25.14
CA TYR D 167 7.69 55.05 26.19
C TYR D 167 8.21 54.50 27.50
N LEU D 168 8.88 55.32 28.31
CA LEU D 168 9.32 54.87 29.62
C LEU D 168 8.11 54.97 30.57
N VAL D 169 7.78 53.85 31.25
CA VAL D 169 6.69 53.80 32.24
C VAL D 169 7.32 54.25 33.56
N HIS D 170 8.43 53.60 33.97
CA HIS D 170 9.14 54.00 35.18
C HIS D 170 10.49 53.33 35.29
N ASN D 171 11.45 54.05 35.84
CA ASN D 171 12.73 53.48 36.13
C ASN D 171 12.75 53.30 37.66
N PHE D 172 12.68 52.05 38.11
CA PHE D 172 12.68 51.67 39.53
C PHE D 172 14.13 51.71 39.97
N GLU D 173 14.46 52.66 40.83
CA GLU D 173 15.83 52.88 41.30
C GLU D 173 16.11 52.12 42.60
N GLU D 174 15.18 52.18 43.56
CA GLU D 174 15.30 51.49 44.85
C GLU D 174 14.09 50.58 45.01
N GLY D 175 14.34 49.28 45.11
CA GLY D 175 13.29 48.30 45.28
C GLY D 175 12.42 48.10 44.04
N GLY D 176 11.35 47.37 44.22
CA GLY D 176 10.41 47.10 43.14
C GLY D 176 9.05 47.72 43.36
N GLY D 177 8.05 47.06 42.83
CA GLY D 177 6.66 47.51 42.90
C GLY D 177 5.78 46.73 41.97
N VAL D 178 4.99 47.45 41.18
CA VAL D 178 4.03 46.85 40.24
C VAL D 178 3.96 47.69 39.00
N ALA D 179 3.53 47.08 37.90
CA ALA D 179 3.36 47.76 36.63
C ALA D 179 2.31 47.04 35.85
N MET D 180 1.69 47.75 34.91
CA MET D 180 0.65 47.18 34.09
C MET D 180 0.48 47.92 32.79
N GLY D 181 0.04 47.18 31.79
CA GLY D 181 -0.31 47.70 30.49
C GLY D 181 -1.77 47.40 30.26
N MET D 182 -2.51 48.37 29.71
CA MET D 182 -3.90 48.16 29.37
C MET D 182 -4.21 48.92 28.10
N TYR D 183 -5.30 48.57 27.45
CA TYR D 183 -5.63 49.18 26.18
C TYR D 183 -7.12 49.19 25.96
N ASN D 184 -7.53 49.89 24.91
CA ASN D 184 -8.86 49.87 24.35
C ASN D 184 -8.77 50.04 22.83
N GLN D 185 -9.84 49.70 22.13
CA GLN D 185 -9.94 49.67 20.68
C GLN D 185 -10.92 50.72 20.17
N ASP D 186 -10.54 51.48 19.12
CA ASP D 186 -11.41 52.52 18.55
C ASP D 186 -12.81 52.02 18.17
N LYS D 187 -12.87 50.87 17.48
CA LYS D 187 -14.12 50.24 17.04
C LYS D 187 -15.02 49.89 18.23
N SER D 188 -14.43 49.37 19.33
CA SER D 188 -15.16 49.03 20.55
C SER D 188 -15.72 50.31 21.19
N ILE D 189 -14.92 51.39 21.22
CA ILE D 189 -15.37 52.68 21.77
C ILE D 189 -16.54 53.27 20.93
N GLU D 190 -16.41 53.19 19.59
CA GLU D 190 -17.43 53.65 18.64
C GLU D 190 -18.74 52.92 18.88
N ASP D 191 -18.69 51.58 19.05
CA ASP D 191 -19.87 50.74 19.33
C ASP D 191 -20.51 51.12 20.65
N PHE D 192 -19.68 51.44 21.67
CA PHE D 192 -20.12 51.88 23.00
C PHE D 192 -20.88 53.21 22.87
N ALA D 193 -20.31 54.14 22.10
CA ALA D 193 -20.92 55.44 21.84
C ALA D 193 -22.30 55.25 21.15
N HIS D 194 -22.36 54.48 20.04
CA HIS D 194 -23.62 54.19 19.32
C HIS D 194 -24.70 53.62 20.23
N SER D 195 -24.34 52.63 21.08
CA SER D 195 -25.27 51.98 22.04
C SER D 195 -25.79 52.95 23.05
N SER D 196 -24.89 53.82 23.57
CA SER D 196 -25.22 54.83 24.58
C SER D 196 -26.17 55.89 24.03
N PHE D 197 -25.92 56.37 22.79
CA PHE D 197 -26.78 57.34 22.11
C PHE D 197 -28.16 56.75 21.79
N GLN D 198 -28.19 55.50 21.29
CA GLN D 198 -29.42 54.78 20.97
C GLN D 198 -30.29 54.51 22.18
N MET D 199 -29.66 54.20 23.34
CA MET D 199 -30.34 53.94 24.61
C MET D 199 -30.99 55.20 25.12
N ALA D 200 -30.23 56.33 25.08
CA ALA D 200 -30.73 57.63 25.50
C ALA D 200 -31.95 58.06 24.66
N LEU D 201 -31.91 57.80 23.35
CA LEU D 201 -33.00 58.13 22.44
C LEU D 201 -34.24 57.25 22.61
N SER D 202 -34.05 55.96 22.95
CA SER D 202 -35.17 55.04 23.14
C SER D 202 -35.91 55.29 24.46
N LYS D 203 -35.20 55.84 25.47
CA LYS D 203 -35.77 56.13 26.78
C LYS D 203 -36.23 57.58 26.88
N GLY D 204 -35.71 58.44 26.00
CA GLY D 204 -36.01 59.86 25.99
C GLY D 204 -35.37 60.60 27.15
N TRP D 205 -34.12 60.21 27.51
CA TRP D 205 -33.37 60.82 28.60
C TRP D 205 -32.04 61.35 28.15
N PRO D 206 -31.48 62.37 28.83
CA PRO D 206 -30.14 62.84 28.46
C PRO D 206 -29.05 61.78 28.75
N LEU D 207 -27.92 61.88 28.06
CA LEU D 207 -26.80 60.96 28.21
C LEU D 207 -25.58 61.70 28.73
N TYR D 208 -24.89 61.09 29.70
CA TYR D 208 -23.64 61.61 30.25
C TYR D 208 -22.58 60.55 30.14
N LEU D 209 -21.38 60.93 29.66
CA LEU D 209 -20.21 60.08 29.61
C LEU D 209 -19.25 60.58 30.68
N SER D 210 -18.74 59.68 31.55
CA SER D 210 -17.76 60.06 32.56
C SER D 210 -16.37 59.53 32.18
N THR D 211 -15.33 60.37 32.33
CA THR D 211 -13.91 60.00 32.09
C THR D 211 -13.06 60.82 33.06
N LYS D 212 -11.76 60.61 33.02
CA LYS D 212 -10.79 61.40 33.80
C LYS D 212 -9.76 61.93 32.77
N ASN D 213 -10.28 62.53 31.67
CA ASN D 213 -9.47 63.03 30.54
C ASN D 213 -8.51 64.18 30.91
N THR D 214 -8.71 64.83 32.06
CA THR D 214 -7.80 65.88 32.52
C THR D 214 -6.47 65.23 32.98
N ILE D 215 -6.50 63.92 33.34
CA ILE D 215 -5.35 63.18 33.83
C ILE D 215 -4.82 62.28 32.73
N LEU D 216 -5.70 61.42 32.17
CA LEU D 216 -5.38 60.51 31.09
C LEU D 216 -5.80 61.21 29.81
N LYS D 217 -5.04 62.24 29.41
CA LYS D 217 -5.33 63.13 28.28
C LYS D 217 -5.49 62.41 26.97
N LYS D 218 -4.66 61.42 26.72
CA LYS D 218 -4.71 60.66 25.47
C LYS D 218 -5.71 59.50 25.52
N TYR D 219 -5.65 58.68 26.57
CA TYR D 219 -6.47 57.49 26.76
C TYR D 219 -7.95 57.83 26.91
N ASP D 220 -8.29 58.65 27.92
CA ASP D 220 -9.67 59.04 28.17
C ASP D 220 -10.13 60.08 27.19
N GLY D 221 -9.19 60.90 26.69
CA GLY D 221 -9.45 61.90 25.67
C GLY D 221 -10.02 61.28 24.42
N ARG D 222 -9.58 60.04 24.09
CA ARG D 222 -10.09 59.30 22.93
C ARG D 222 -11.56 58.91 23.10
N PHE D 223 -11.98 58.53 24.33
CA PHE D 223 -13.38 58.18 24.61
C PHE D 223 -14.23 59.44 24.39
N LYS D 224 -13.79 60.57 24.99
CA LYS D 224 -14.44 61.88 24.88
C LYS D 224 -14.56 62.34 23.42
N ASP D 225 -13.47 62.23 22.63
CA ASP D 225 -13.44 62.63 21.21
C ASP D 225 -14.33 61.76 20.35
N ILE D 226 -14.32 60.44 20.57
CA ILE D 226 -15.16 59.52 19.80
C ILE D 226 -16.64 59.78 20.09
N PHE D 227 -17.02 59.97 21.36
CA PHE D 227 -18.42 60.27 21.70
C PHE D 227 -18.88 61.60 21.08
N GLN D 228 -18.08 62.67 21.21
CA GLN D 228 -18.40 63.99 20.66
C GLN D 228 -18.58 63.99 19.15
N GLU D 229 -17.64 63.35 18.44
CA GLU D 229 -17.60 63.19 16.99
C GLU D 229 -18.85 62.46 16.48
N ILE D 230 -19.22 61.32 17.12
CA ILE D 230 -20.39 60.52 16.75
C ILE D 230 -21.67 61.30 17.02
N TYR D 231 -21.77 62.01 18.17
CA TYR D 231 -22.92 62.84 18.53
C TYR D 231 -23.17 63.93 17.50
N ASP D 232 -22.14 64.74 17.18
CA ASP D 232 -22.21 65.86 16.24
C ASP D 232 -22.61 65.45 14.83
N LYS D 233 -22.09 64.30 14.36
CA LYS D 233 -22.34 63.78 13.01
C LYS D 233 -23.60 62.93 12.86
N GLN D 234 -24.03 62.21 13.92
CA GLN D 234 -25.15 61.27 13.78
C GLN D 234 -26.33 61.41 14.75
N TYR D 235 -26.20 62.10 15.89
CA TYR D 235 -27.30 62.07 16.86
C TYR D 235 -27.79 63.40 17.40
N LYS D 236 -27.02 64.49 17.26
CA LYS D 236 -27.37 65.81 17.82
C LYS D 236 -28.80 66.28 17.49
N SER D 237 -29.20 66.22 16.20
CA SER D 237 -30.54 66.66 15.77
C SER D 237 -31.64 65.81 16.42
N GLN D 238 -31.42 64.48 16.50
CA GLN D 238 -32.33 63.51 17.12
C GLN D 238 -32.54 63.83 18.61
N PHE D 239 -31.45 64.21 19.32
CA PHE D 239 -31.46 64.60 20.74
C PHE D 239 -32.22 65.91 20.91
N GLU D 240 -31.95 66.90 20.02
CA GLU D 240 -32.59 68.21 20.00
C GLU D 240 -34.10 68.09 19.80
N ALA D 241 -34.52 67.13 18.93
CA ALA D 241 -35.91 66.80 18.63
C ALA D 241 -36.67 66.26 19.84
N GLN D 242 -35.96 65.55 20.77
CA GLN D 242 -36.57 64.98 21.99
C GLN D 242 -36.31 65.83 23.23
N LYS D 243 -35.71 67.02 23.03
CA LYS D 243 -35.37 67.97 24.10
C LYS D 243 -34.43 67.35 25.17
N ILE D 244 -33.53 66.47 24.69
CA ILE D 244 -32.52 65.79 25.51
C ILE D 244 -31.13 66.22 25.03
N TRP D 245 -30.08 65.88 25.77
CA TRP D 245 -28.73 66.29 25.44
C TRP D 245 -27.71 65.23 25.80
N TYR D 246 -26.49 65.40 25.29
CA TYR D 246 -25.34 64.58 25.61
C TYR D 246 -24.26 65.49 26.17
N GLU D 247 -23.69 65.13 27.32
CA GLU D 247 -22.59 65.87 27.92
C GLU D 247 -21.53 64.96 28.53
N HIS D 248 -20.26 65.37 28.37
CA HIS D 248 -19.14 64.69 29.00
C HIS D 248 -18.96 65.30 30.39
N ARG D 249 -18.59 64.50 31.37
CA ARG D 249 -18.35 64.94 32.75
C ARG D 249 -17.14 64.21 33.29
N LEU D 250 -16.40 64.85 34.20
CA LEU D 250 -15.30 64.20 34.90
C LEU D 250 -15.95 63.25 35.89
N ILE D 251 -15.40 62.04 36.03
CA ILE D 251 -15.96 60.98 36.87
C ILE D 251 -16.27 61.42 38.31
N ASP D 252 -15.32 62.06 39.01
CA ASP D 252 -15.51 62.49 40.40
C ASP D 252 -16.69 63.52 40.52
N ASP D 253 -16.85 64.39 39.50
CA ASP D 253 -17.94 65.37 39.34
C ASP D 253 -19.27 64.63 39.15
N MET D 254 -19.30 63.71 38.15
CA MET D 254 -20.44 62.88 37.74
C MET D 254 -21.07 62.12 38.88
N VAL D 255 -20.26 61.36 39.66
CA VAL D 255 -20.76 60.59 40.79
C VAL D 255 -21.55 61.52 41.71
N ALA D 256 -20.94 62.66 42.11
CA ALA D 256 -21.54 63.69 42.97
C ALA D 256 -22.83 64.30 42.36
N GLN D 257 -22.80 64.65 41.07
CA GLN D 257 -23.96 65.16 40.32
C GLN D 257 -25.10 64.10 40.35
N ALA D 258 -24.77 62.80 40.10
CA ALA D 258 -25.76 61.70 40.10
C ALA D 258 -26.43 61.58 41.47
N MET D 259 -25.63 61.62 42.56
CA MET D 259 -26.08 61.52 43.93
C MET D 259 -27.08 62.59 44.34
N LYS D 260 -26.89 63.85 43.86
CA LYS D 260 -27.79 64.93 44.24
C LYS D 260 -28.89 65.17 43.20
N SER D 261 -28.90 64.38 42.11
CA SER D 261 -29.92 64.49 41.07
C SER D 261 -31.23 63.78 41.49
N GLU D 262 -32.17 63.74 40.55
CA GLU D 262 -33.44 63.04 40.78
C GLU D 262 -33.56 61.81 39.86
N GLY D 263 -32.43 61.41 39.27
CA GLY D 263 -32.35 60.32 38.30
C GLY D 263 -32.86 60.78 36.95
N GLY D 264 -33.16 59.86 36.06
CA GLY D 264 -33.67 60.21 34.74
C GLY D 264 -32.61 60.50 33.72
N PHE D 265 -31.65 59.57 33.58
CA PHE D 265 -30.57 59.72 32.60
C PHE D 265 -29.82 58.43 32.36
N ILE D 266 -29.13 58.38 31.22
CA ILE D 266 -28.26 57.31 30.82
C ILE D 266 -26.84 57.77 31.20
N TRP D 267 -26.13 56.91 31.93
CA TRP D 267 -24.76 57.17 32.36
C TRP D 267 -23.80 56.18 31.70
N ALA D 268 -23.11 56.64 30.64
CA ALA D 268 -22.11 55.86 29.91
C ALA D 268 -20.82 55.88 30.74
N CYS D 269 -20.36 54.68 31.11
CA CYS D 269 -19.23 54.41 31.99
C CYS D 269 -18.18 53.57 31.32
N LYS D 270 -16.92 53.88 31.57
CA LYS D 270 -15.84 53.03 31.12
C LYS D 270 -15.93 51.73 31.98
N ASN D 271 -15.40 50.61 31.49
CA ASN D 271 -15.47 49.29 32.11
C ASN D 271 -15.35 49.29 33.65
N TYR D 272 -14.24 49.83 34.20
CA TYR D 272 -14.04 49.88 35.63
C TYR D 272 -15.08 50.70 36.39
N ASP D 273 -15.37 51.93 35.93
CA ASP D 273 -16.35 52.79 36.58
C ASP D 273 -17.75 52.19 36.55
N GLY D 274 -18.13 51.58 35.44
CA GLY D 274 -19.43 50.93 35.29
C GLY D 274 -19.59 49.80 36.27
N ASP D 275 -18.51 49.07 36.56
CA ASP D 275 -18.52 48.01 37.56
C ASP D 275 -18.90 48.56 38.93
N VAL D 276 -18.15 49.56 39.42
CA VAL D 276 -18.38 50.20 40.71
C VAL D 276 -19.71 50.97 40.77
N GLN D 277 -19.97 51.84 39.80
CA GLN D 277 -21.16 52.68 39.79
C GLN D 277 -22.48 51.91 39.66
N SER D 278 -22.53 50.83 38.86
CA SER D 278 -23.76 50.05 38.72
C SER D 278 -24.14 49.44 40.06
N ASP D 279 -23.15 48.97 40.84
CA ASP D 279 -23.40 48.45 42.19
C ASP D 279 -23.85 49.55 43.19
N SER D 280 -23.22 50.74 43.13
CA SER D 280 -23.51 51.90 44.00
C SER D 280 -24.93 52.40 43.72
N VAL D 281 -25.29 52.57 42.45
CA VAL D 281 -26.60 53.00 42.01
C VAL D 281 -27.67 51.98 42.45
N ALA D 282 -27.43 50.66 42.25
CA ALA D 282 -28.36 49.60 42.68
C ALA D 282 -28.58 49.68 44.21
N GLN D 283 -27.50 49.91 44.98
CA GLN D 283 -27.57 50.08 46.42
C GLN D 283 -28.34 51.38 46.80
N GLY D 284 -28.20 52.42 45.99
CA GLY D 284 -28.86 53.70 46.17
C GLY D 284 -30.37 53.57 46.05
N TYR D 285 -30.83 52.71 45.11
CA TYR D 285 -32.26 52.44 44.92
C TYR D 285 -32.83 51.55 46.01
N GLY D 286 -31.97 50.94 46.83
CA GLY D 286 -32.41 50.13 47.97
C GLY D 286 -31.75 48.79 48.18
N SER D 287 -31.56 48.03 47.11
CA SER D 287 -30.96 46.70 47.21
C SER D 287 -29.98 46.41 46.09
N LEU D 288 -28.75 46.03 46.48
CA LEU D 288 -27.65 45.66 45.56
C LEU D 288 -28.09 44.59 44.53
N GLY D 289 -28.81 43.57 45.01
CA GLY D 289 -29.31 42.47 44.20
C GLY D 289 -30.44 42.80 43.23
N MET D 290 -31.21 43.87 43.48
CA MET D 290 -32.34 44.26 42.63
C MET D 290 -31.88 45.08 41.44
N MET D 291 -31.27 44.42 40.45
CA MET D 291 -30.72 45.07 39.27
C MET D 291 -30.71 44.14 38.05
N THR D 292 -30.98 44.67 36.85
CA THR D 292 -30.87 43.95 35.59
C THR D 292 -29.45 44.19 35.02
N SER D 293 -28.96 43.27 34.18
CA SER D 293 -27.64 43.38 33.58
C SER D 293 -27.69 42.72 32.22
N VAL D 294 -27.75 43.53 31.17
CA VAL D 294 -27.87 43.00 29.82
C VAL D 294 -26.73 43.52 28.95
N LEU D 295 -25.93 42.59 28.41
CA LEU D 295 -24.86 42.91 27.47
C LEU D 295 -25.48 43.02 26.09
N VAL D 296 -25.40 44.21 25.49
CA VAL D 296 -25.89 44.50 24.16
C VAL D 296 -24.66 44.56 23.24
N CYS D 297 -24.51 43.56 22.40
CA CYS D 297 -23.39 43.38 21.47
C CYS D 297 -23.43 44.34 20.29
N PRO D 298 -22.25 44.64 19.68
CA PRO D 298 -22.19 45.63 18.57
C PRO D 298 -23.08 45.38 17.35
N ASP D 299 -23.35 44.10 17.01
CA ASP D 299 -24.17 43.71 15.85
C ASP D 299 -25.65 44.17 15.93
N GLY D 300 -26.10 44.60 17.11
CA GLY D 300 -27.47 45.04 17.35
C GLY D 300 -28.49 43.90 17.30
N LYS D 301 -28.00 42.66 17.41
CA LYS D 301 -28.82 41.45 17.31
C LYS D 301 -28.55 40.50 18.48
N THR D 302 -27.33 40.51 19.01
CA THR D 302 -26.90 39.59 20.08
C THR D 302 -26.93 40.22 21.47
N VAL D 303 -27.48 39.47 22.45
CA VAL D 303 -27.53 39.89 23.86
C VAL D 303 -27.14 38.76 24.79
N GLU D 304 -26.62 39.11 25.98
CA GLU D 304 -26.33 38.15 27.04
C GLU D 304 -26.90 38.79 28.31
N ALA D 305 -27.96 38.19 28.87
CA ALA D 305 -28.57 38.69 30.09
C ALA D 305 -28.01 37.89 31.25
N GLU D 306 -27.75 38.55 32.39
CA GLU D 306 -27.15 37.85 33.50
C GLU D 306 -27.66 38.28 34.85
N ALA D 307 -27.43 37.44 35.85
CA ALA D 307 -27.63 37.70 37.26
C ALA D 307 -26.24 38.21 37.67
N ALA D 308 -26.07 39.53 37.82
CA ALA D 308 -24.77 40.15 38.09
C ALA D 308 -24.17 39.92 39.49
N HIS D 309 -25.00 39.78 40.53
CA HIS D 309 -24.58 39.63 41.93
C HIS D 309 -23.79 38.32 42.22
N GLY D 310 -23.50 38.07 43.50
CA GLY D 310 -22.78 36.88 43.96
C GLY D 310 -23.56 35.58 43.89
N THR D 311 -22.94 34.51 44.39
CA THR D 311 -23.52 33.15 44.40
C THR D 311 -24.15 32.76 45.73
N VAL D 312 -24.10 33.68 46.73
CA VAL D 312 -24.66 33.56 48.09
C VAL D 312 -24.16 32.28 48.81
N THR D 313 -22.85 32.23 49.15
CA THR D 313 -22.19 31.09 49.82
C THR D 313 -22.80 30.76 51.17
N ARG D 314 -23.04 31.81 52.01
CA ARG D 314 -23.64 31.69 53.34
C ARG D 314 -24.95 30.87 53.31
N HIS D 315 -25.84 31.18 52.35
CA HIS D 315 -27.12 30.47 52.21
C HIS D 315 -26.88 29.08 51.66
N TYR D 316 -25.88 28.95 50.77
CA TYR D 316 -25.55 27.67 50.19
C TYR D 316 -25.05 26.68 51.25
N ARG D 317 -24.23 27.14 52.21
CA ARG D 317 -23.71 26.32 53.31
C ARG D 317 -24.87 25.81 54.17
N MET D 318 -25.85 26.70 54.47
CA MET D 318 -27.06 26.40 55.24
C MET D 318 -27.88 25.36 54.50
N TYR D 319 -28.10 25.54 53.19
CA TYR D 319 -28.84 24.62 52.30
C TYR D 319 -28.23 23.21 52.28
N GLN D 320 -26.88 23.13 52.27
CA GLN D 320 -26.14 21.86 52.27
C GLN D 320 -26.37 21.10 53.59
N LYS D 321 -26.43 21.85 54.73
CA LYS D 321 -26.67 21.32 56.08
C LYS D 321 -28.18 21.10 56.36
N GLY D 322 -29.01 21.12 55.30
CA GLY D 322 -30.46 20.94 55.41
C GLY D 322 -31.22 22.06 56.10
N GLN D 323 -30.59 23.25 56.29
CA GLN D 323 -31.21 24.40 56.97
C GLN D 323 -32.13 25.21 56.05
N GLU D 324 -33.01 26.00 56.66
CA GLU D 324 -33.96 26.86 55.93
C GLU D 324 -33.21 28.12 55.47
N THR D 325 -33.43 28.53 54.22
CA THR D 325 -32.79 29.72 53.62
C THR D 325 -33.83 30.67 53.07
N SER D 326 -33.44 31.93 52.86
CA SER D 326 -34.32 32.92 52.24
C SER D 326 -33.51 33.73 51.22
N THR D 327 -33.49 33.25 49.99
CA THR D 327 -32.66 33.81 48.93
C THR D 327 -33.48 34.50 47.90
N ASN D 328 -33.10 35.76 47.59
CA ASN D 328 -33.76 36.58 46.60
C ASN D 328 -33.45 36.08 45.17
N PRO D 329 -34.48 35.63 44.41
CA PRO D 329 -34.22 35.13 43.04
C PRO D 329 -34.47 36.14 41.90
N ILE D 330 -34.89 37.38 42.21
CA ILE D 330 -35.32 38.38 41.22
C ILE D 330 -34.30 38.64 40.12
N ALA D 331 -33.02 38.91 40.50
CA ALA D 331 -32.01 39.19 39.48
C ALA D 331 -31.85 38.00 38.51
N SER D 332 -31.91 36.73 39.00
CA SER D 332 -31.88 35.54 38.13
C SER D 332 -33.13 35.44 37.26
N ILE D 333 -34.32 35.81 37.80
CA ILE D 333 -35.56 35.78 37.03
C ILE D 333 -35.47 36.79 35.88
N PHE D 334 -35.00 38.02 36.19
CA PHE D 334 -34.91 39.07 35.16
C PHE D 334 -33.83 38.78 34.12
N ALA D 335 -32.84 37.90 34.41
CA ALA D 335 -31.89 37.47 33.37
C ALA D 335 -32.70 36.66 32.32
N TRP D 336 -33.56 35.74 32.81
CA TRP D 336 -34.45 34.95 31.95
C TRP D 336 -35.42 35.81 31.15
N THR D 337 -36.17 36.71 31.82
CA THR D 337 -37.16 37.56 31.16
C THR D 337 -36.55 38.50 30.15
N ARG D 338 -35.37 39.09 30.46
CA ARG D 338 -34.70 39.98 29.52
C ARG D 338 -34.17 39.20 28.31
N GLY D 339 -33.68 37.99 28.55
CA GLY D 339 -33.22 37.11 27.47
C GLY D 339 -34.36 36.67 26.58
N LEU D 340 -35.48 36.22 27.19
CA LEU D 340 -36.68 35.78 26.46
C LEU D 340 -37.34 36.93 25.72
N ALA D 341 -37.33 38.15 26.31
CA ALA D 341 -37.89 39.34 25.62
C ALA D 341 -37.07 39.65 24.37
N HIS D 342 -35.74 39.52 24.45
CA HIS D 342 -34.93 39.77 23.26
C HIS D 342 -35.15 38.69 22.21
N ARG D 343 -35.23 37.40 22.64
CA ARG D 343 -35.51 36.25 21.78
C ARG D 343 -36.84 36.49 21.05
N ALA D 344 -37.88 36.94 21.78
CA ALA D 344 -39.22 37.24 21.24
C ALA D 344 -39.17 38.36 20.20
N LYS D 345 -38.37 39.41 20.44
CA LYS D 345 -38.17 40.55 19.54
C LYS D 345 -37.53 40.10 18.21
N LEU D 346 -36.52 39.21 18.29
CA LEU D 346 -35.83 38.68 17.10
C LEU D 346 -36.74 37.78 16.25
N ASP D 347 -37.54 36.96 16.91
CA ASP D 347 -38.44 35.98 16.30
C ASP D 347 -39.84 36.52 16.00
N ASN D 348 -40.10 37.80 16.35
CA ASN D 348 -41.41 38.47 16.23
C ASN D 348 -42.51 37.59 16.87
N ASN D 349 -42.23 37.10 18.09
CA ASN D 349 -43.04 36.20 18.88
C ASN D 349 -43.78 36.95 20.02
N LYS D 350 -45.04 37.34 19.74
CA LYS D 350 -45.90 38.10 20.67
C LYS D 350 -46.25 37.36 21.93
N GLU D 351 -46.36 36.03 21.84
CA GLU D 351 -46.70 35.15 22.96
C GLU D 351 -45.54 35.05 23.96
N LEU D 352 -44.30 34.97 23.45
CA LEU D 352 -43.11 34.92 24.30
C LEU D 352 -42.86 36.30 24.89
N ALA D 353 -43.07 37.37 24.09
CA ALA D 353 -42.95 38.77 24.54
C ALA D 353 -43.91 39.04 25.68
N PHE D 354 -45.16 38.52 25.57
CA PHE D 354 -46.19 38.68 26.60
C PHE D 354 -45.77 37.95 27.85
N PHE D 355 -45.31 36.69 27.69
CA PHE D 355 -44.88 35.86 28.83
C PHE D 355 -43.75 36.54 29.64
N ALA D 356 -42.70 37.04 28.94
CA ALA D 356 -41.52 37.65 29.57
C ALA D 356 -41.90 38.85 30.42
N ASN D 357 -42.74 39.73 29.84
CA ASN D 357 -43.24 40.92 30.54
C ASN D 357 -44.12 40.55 31.74
N ALA D 358 -45.01 39.54 31.59
CA ALA D 358 -45.90 39.08 32.66
C ALA D 358 -45.11 38.58 33.85
N LEU D 359 -44.01 37.85 33.60
CA LEU D 359 -43.18 37.33 34.69
C LEU D 359 -42.51 38.49 35.48
N GLU D 360 -42.13 39.57 34.78
CA GLU D 360 -41.54 40.76 35.41
C GLU D 360 -42.59 41.46 36.29
N GLU D 361 -43.82 41.62 35.75
CA GLU D 361 -44.97 42.22 36.47
C GLU D 361 -45.30 41.43 37.73
N VAL D 362 -45.41 40.10 37.61
CA VAL D 362 -45.68 39.18 38.72
C VAL D 362 -44.65 39.30 39.81
N SER D 363 -43.34 39.33 39.44
CA SER D 363 -42.26 39.41 40.44
C SER D 363 -42.37 40.69 41.25
N ILE D 364 -42.60 41.82 40.58
CA ILE D 364 -42.73 43.14 41.23
C ILE D 364 -44.03 43.21 42.07
N GLU D 365 -45.18 42.79 41.50
CA GLU D 365 -46.47 42.80 42.20
C GLU D 365 -46.46 41.91 43.44
N THR D 366 -45.72 40.78 43.43
CA THR D 366 -45.61 39.88 44.59
C THR D 366 -44.94 40.57 45.78
N ILE D 367 -43.73 41.17 45.53
CA ILE D 367 -42.97 41.89 46.57
C ILE D 367 -43.79 43.10 47.07
N GLU D 368 -44.45 43.81 46.14
CA GLU D 368 -45.29 44.96 46.49
C GLU D 368 -46.54 44.57 47.31
N ALA D 369 -47.01 43.32 47.17
CA ALA D 369 -48.15 42.77 47.92
C ALA D 369 -47.70 42.33 49.33
N GLY D 370 -46.41 42.54 49.65
CA GLY D 370 -45.85 42.19 50.95
C GLY D 370 -45.24 40.80 51.04
N PHE D 371 -45.14 40.07 49.90
CA PHE D 371 -44.56 38.72 49.88
C PHE D 371 -43.10 38.82 49.40
N MET D 372 -42.14 38.56 50.29
CA MET D 372 -40.70 38.70 49.96
C MET D 372 -39.77 37.84 50.84
N THR D 373 -38.49 37.74 50.42
CA THR D 373 -37.41 37.05 51.11
C THR D 373 -36.87 37.97 52.21
N LYS D 374 -36.17 37.41 53.21
CA LYS D 374 -35.60 38.09 54.39
C LYS D 374 -34.86 39.41 54.08
N ASP D 375 -34.02 39.44 53.01
CA ASP D 375 -33.21 40.63 52.61
C ASP D 375 -34.09 41.86 52.38
N LEU D 376 -35.16 41.67 51.60
CA LEU D 376 -36.11 42.72 51.29
C LEU D 376 -36.90 43.16 52.52
N ALA D 377 -37.23 42.20 53.42
CA ALA D 377 -37.92 42.50 54.67
C ALA D 377 -37.02 43.35 55.54
N ALA D 378 -35.70 43.06 55.54
CA ALA D 378 -34.71 43.82 56.29
C ALA D 378 -34.56 45.25 55.71
N CYS D 379 -34.69 45.43 54.37
CA CYS D 379 -34.65 46.76 53.74
C CYS D 379 -35.80 47.63 54.32
N ILE D 380 -37.01 47.06 54.41
CA ILE D 380 -38.20 47.77 54.90
C ILE D 380 -38.19 48.02 56.41
N LYS D 381 -37.92 46.97 57.22
CA LYS D 381 -38.00 46.99 58.69
C LYS D 381 -36.71 47.23 59.48
N GLY D 382 -35.56 46.91 58.89
CA GLY D 382 -34.27 46.95 59.56
C GLY D 382 -34.02 45.55 60.08
N LEU D 383 -32.85 44.95 59.74
CA LEU D 383 -32.52 43.57 60.12
C LEU D 383 -32.83 43.20 61.61
N PRO D 384 -32.56 44.03 62.66
CA PRO D 384 -32.91 43.61 64.02
C PRO D 384 -34.41 43.50 64.31
N ASN D 385 -35.26 44.21 63.54
CA ASN D 385 -36.72 44.21 63.69
C ASN D 385 -37.44 43.14 62.84
N VAL D 386 -36.68 42.31 62.12
CA VAL D 386 -37.21 41.27 61.24
C VAL D 386 -37.53 39.98 62.02
N GLN D 387 -38.79 39.52 61.88
CA GLN D 387 -39.29 38.29 62.51
C GLN D 387 -39.59 37.30 61.39
N ARG D 388 -39.58 35.97 61.70
CA ARG D 388 -39.86 34.90 60.73
C ARG D 388 -41.16 35.13 59.93
N SER D 389 -42.18 35.75 60.58
CA SER D 389 -43.48 36.07 59.98
C SER D 389 -43.41 37.19 58.91
N ASP D 390 -42.34 38.00 58.90
CA ASP D 390 -42.16 39.10 57.93
C ASP D 390 -41.70 38.65 56.54
N TYR D 391 -41.22 37.40 56.43
CA TYR D 391 -40.71 36.94 55.14
C TYR D 391 -41.07 35.50 54.80
N LEU D 392 -40.80 35.13 53.55
CA LEU D 392 -40.95 33.80 52.96
C LEU D 392 -39.56 33.22 52.69
N ASN D 393 -39.38 31.91 53.00
CA ASN D 393 -38.16 31.17 52.71
C ASN D 393 -38.02 31.01 51.18
N THR D 394 -36.88 30.50 50.67
CA THR D 394 -36.61 30.38 49.21
C THR D 394 -37.72 29.67 48.43
N PHE D 395 -38.19 28.54 48.95
CA PHE D 395 -39.23 27.75 48.31
C PHE D 395 -40.60 28.39 48.42
N GLU D 396 -40.92 28.96 49.60
CA GLU D 396 -42.21 29.65 49.82
C GLU D 396 -42.35 30.81 48.84
N PHE D 397 -41.27 31.60 48.69
CA PHE D 397 -41.27 32.76 47.78
C PHE D 397 -41.46 32.32 46.32
N MET D 398 -40.70 31.29 45.86
CA MET D 398 -40.79 30.71 44.50
C MET D 398 -42.18 30.15 44.22
N ASP D 399 -42.77 29.44 45.21
CA ASP D 399 -44.16 28.90 45.14
C ASP D 399 -45.15 30.05 44.98
N LYS D 400 -44.98 31.13 45.80
CA LYS D 400 -45.84 32.31 45.72
C LYS D 400 -45.81 32.94 44.33
N LEU D 401 -44.60 33.08 43.76
CA LEU D 401 -44.33 33.61 42.44
C LEU D 401 -45.00 32.76 41.35
N GLY D 402 -44.82 31.44 41.45
CA GLY D 402 -45.41 30.45 40.56
C GLY D 402 -46.93 30.55 40.56
N GLU D 403 -47.52 30.61 41.77
CA GLU D 403 -48.96 30.80 41.98
C GLU D 403 -49.43 32.08 41.29
N ASN D 404 -48.71 33.22 41.48
CA ASN D 404 -49.11 34.49 40.89
C ASN D 404 -48.95 34.54 39.40
N LEU D 405 -47.91 33.85 38.87
CA LEU D 405 -47.66 33.77 37.43
C LEU D 405 -48.79 32.96 36.74
N LYS D 406 -49.17 31.81 37.31
CA LYS D 406 -50.26 30.94 36.82
C LYS D 406 -51.56 31.77 36.73
N ILE D 407 -51.90 32.55 37.80
CA ILE D 407 -53.09 33.44 37.84
C ILE D 407 -53.03 34.49 36.73
N LYS D 408 -51.89 35.19 36.58
CA LYS D 408 -51.73 36.23 35.54
C LYS D 408 -51.90 35.69 34.13
N LEU D 409 -51.30 34.50 33.86
CA LEU D 409 -51.39 33.87 32.53
C LEU D 409 -52.79 33.27 32.28
N ALA D 410 -53.42 32.69 33.33
CA ALA D 410 -54.79 32.16 33.24
C ALA D 410 -55.79 33.29 32.95
N GLN D 411 -55.65 34.44 33.64
CA GLN D 411 -56.51 35.60 33.39
C GLN D 411 -56.33 36.19 32.00
N ALA D 412 -55.10 36.17 31.46
CA ALA D 412 -54.84 36.67 30.11
C ALA D 412 -55.43 35.73 29.03
N LYS D 413 -55.45 34.41 29.32
CA LYS D 413 -55.99 33.37 28.43
C LYS D 413 -57.54 33.53 28.35
N LEU D 414 -58.20 33.71 29.52
CA LEU D 414 -59.64 33.93 29.67
C LEU D 414 -60.09 35.25 29.00
N SER D 415 -59.23 36.27 28.98
CA SER D 415 -59.50 37.57 28.37
C SER D 415 -59.62 37.50 26.85
N LEU D 416 -59.12 36.42 26.21
CA LEU D 416 -59.14 36.24 24.76
C LEU D 416 -60.55 36.07 24.18
N GLU D 417 -60.89 37.02 23.29
CA GLU D 417 -62.17 37.14 22.60
C GLU D 417 -62.27 36.09 21.47
N HIS D 418 -63.32 35.26 21.49
CA HIS D 418 -63.54 34.22 20.47
C HIS D 418 -64.02 34.82 19.16
N LYS E 3 -0.63 -95.99 -63.05
CA LYS E 3 0.53 -96.51 -62.30
C LYS E 3 1.05 -95.45 -61.29
N LYS E 4 0.81 -94.16 -61.59
CA LYS E 4 1.22 -93.00 -60.78
C LYS E 4 0.72 -93.04 -59.34
N ILE E 5 1.45 -92.35 -58.44
CA ILE E 5 1.09 -92.25 -57.02
C ILE E 5 -0.19 -91.41 -56.90
N SER E 6 -1.09 -91.85 -56.02
CA SER E 6 -2.36 -91.17 -55.77
C SER E 6 -2.03 -90.03 -54.80
N GLY E 7 -1.97 -88.81 -55.33
CA GLY E 7 -1.59 -87.64 -54.55
C GLY E 7 -2.64 -87.05 -53.62
N GLY E 8 -3.88 -86.97 -54.07
CA GLY E 8 -4.93 -86.36 -53.27
C GLY E 8 -5.16 -84.90 -53.64
N SER E 9 -5.87 -84.17 -52.76
CA SER E 9 -6.25 -82.78 -53.00
C SER E 9 -5.19 -81.78 -52.60
N VAL E 10 -4.74 -80.96 -53.55
CA VAL E 10 -3.72 -79.93 -53.30
C VAL E 10 -4.18 -78.64 -53.95
N VAL E 11 -4.10 -77.52 -53.21
CA VAL E 11 -4.41 -76.20 -53.71
C VAL E 11 -3.12 -75.62 -54.24
N GLU E 12 -3.07 -75.29 -55.55
CA GLU E 12 -1.87 -74.69 -56.11
C GLU E 12 -2.14 -73.25 -56.51
N MET E 13 -1.17 -72.37 -56.23
CA MET E 13 -1.26 -70.97 -56.56
C MET E 13 -0.15 -70.63 -57.51
N GLN E 14 -0.53 -70.35 -58.77
CA GLN E 14 0.43 -70.02 -59.84
C GLN E 14 0.88 -68.59 -59.61
N GLY E 15 2.12 -68.31 -59.99
CA GLY E 15 2.73 -67.02 -59.75
C GLY E 15 3.14 -66.21 -60.96
N ASP E 16 4.21 -65.43 -60.78
CA ASP E 16 4.70 -64.50 -61.77
C ASP E 16 6.11 -64.72 -62.27
N GLU E 17 6.36 -64.16 -63.45
CA GLU E 17 7.63 -64.05 -64.18
C GLU E 17 8.45 -65.37 -64.22
N MET E 18 9.76 -65.34 -63.94
CA MET E 18 10.64 -66.52 -64.01
C MET E 18 10.16 -67.65 -63.12
N THR E 19 9.73 -67.34 -61.87
CA THR E 19 9.20 -68.35 -60.94
C THR E 19 7.99 -69.09 -61.53
N ARG E 20 7.18 -68.40 -62.36
CA ARG E 20 6.04 -69.03 -63.03
C ARG E 20 6.55 -70.08 -64.03
N ILE E 21 7.58 -69.73 -64.85
CA ILE E 21 8.19 -70.62 -65.86
C ILE E 21 8.72 -71.90 -65.20
N ILE E 22 9.52 -71.74 -64.14
CA ILE E 22 10.11 -72.82 -63.35
C ILE E 22 9.04 -73.69 -62.70
N TRP E 23 7.93 -73.09 -62.22
CA TRP E 23 6.81 -73.78 -61.58
C TRP E 23 6.19 -74.84 -62.54
N GLU E 24 5.97 -74.44 -63.81
CA GLU E 24 5.43 -75.32 -64.83
C GLU E 24 6.45 -76.41 -65.13
N LEU E 25 7.78 -76.05 -65.20
CA LEU E 25 8.85 -77.01 -65.42
C LEU E 25 8.92 -78.03 -64.31
N ILE E 26 8.66 -77.64 -63.04
CA ILE E 26 8.67 -78.57 -61.87
C ILE E 26 7.50 -79.55 -61.96
N LYS E 27 6.30 -79.05 -62.30
CA LYS E 27 5.11 -79.90 -62.47
C LYS E 27 5.30 -80.90 -63.61
N GLU E 28 5.76 -80.41 -64.77
CA GLU E 28 5.97 -81.19 -66.00
C GLU E 28 7.02 -82.28 -65.87
N LYS E 29 8.22 -81.91 -65.37
CA LYS E 29 9.36 -82.81 -65.26
C LYS E 29 9.50 -83.57 -63.96
N LEU E 30 9.01 -83.03 -62.83
CA LEU E 30 9.26 -83.75 -61.58
C LEU E 30 8.04 -84.28 -60.87
N ILE E 31 6.89 -83.63 -61.04
CA ILE E 31 5.71 -84.02 -60.29
C ILE E 31 4.80 -84.95 -61.10
N PHE E 32 4.18 -84.42 -62.16
CA PHE E 32 3.17 -85.08 -63.01
C PHE E 32 3.58 -86.48 -63.53
N PRO E 33 4.84 -86.76 -63.97
CA PRO E 33 5.18 -88.13 -64.40
C PRO E 33 5.06 -89.20 -63.32
N TYR E 34 5.08 -88.79 -62.05
CA TYR E 34 5.05 -89.74 -60.94
C TYR E 34 3.83 -89.68 -60.06
N VAL E 35 3.19 -88.51 -59.99
CA VAL E 35 2.07 -88.28 -59.08
C VAL E 35 0.83 -87.79 -59.83
N GLU E 36 -0.31 -88.37 -59.49
CA GLU E 36 -1.63 -88.03 -60.00
C GLU E 36 -2.33 -87.17 -58.91
N LEU E 37 -2.66 -85.92 -59.23
CA LEU E 37 -3.26 -85.04 -58.22
C LEU E 37 -4.65 -84.51 -58.54
N ASP E 38 -5.46 -84.28 -57.47
CA ASP E 38 -6.70 -83.54 -57.59
C ASP E 38 -6.26 -82.10 -57.27
N LEU E 39 -5.83 -81.41 -58.31
CA LEU E 39 -5.25 -80.08 -58.21
C LEU E 39 -6.30 -78.98 -58.33
N HIS E 40 -6.42 -78.15 -57.26
CA HIS E 40 -7.32 -77.00 -57.19
C HIS E 40 -6.44 -75.81 -57.51
N SER E 41 -6.42 -75.41 -58.79
CA SER E 41 -5.54 -74.36 -59.32
C SER E 41 -6.13 -72.99 -59.30
N TYR E 42 -5.35 -72.02 -58.77
CA TYR E 42 -5.71 -70.63 -58.67
C TYR E 42 -4.60 -69.82 -59.29
N ASP E 43 -4.93 -69.04 -60.29
CA ASP E 43 -3.93 -68.22 -60.96
C ASP E 43 -3.74 -66.91 -60.21
N LEU E 44 -2.63 -66.82 -59.43
CA LEU E 44 -2.31 -65.60 -58.68
C LEU E 44 -1.29 -64.75 -59.44
N GLY E 45 -1.23 -64.94 -60.75
CA GLY E 45 -0.45 -64.10 -61.64
C GLY E 45 -1.04 -62.70 -61.56
N ILE E 46 -0.20 -61.67 -61.63
CA ILE E 46 -0.63 -60.27 -61.47
C ILE E 46 -1.80 -59.87 -62.41
N GLU E 47 -1.83 -60.40 -63.65
CA GLU E 47 -2.90 -60.10 -64.62
C GLU E 47 -4.24 -60.69 -64.17
N ASN E 48 -4.25 -61.96 -63.67
CA ASN E 48 -5.47 -62.59 -63.18
C ASN E 48 -5.96 -61.98 -61.89
N ARG E 49 -5.03 -61.55 -61.00
CA ARG E 49 -5.42 -60.85 -59.76
C ARG E 49 -6.10 -59.53 -60.14
N ASP E 50 -5.53 -58.81 -61.13
CA ASP E 50 -6.09 -57.55 -61.63
C ASP E 50 -7.48 -57.80 -62.27
N ALA E 51 -7.65 -58.87 -63.10
CA ALA E 51 -8.93 -59.22 -63.75
C ALA E 51 -10.03 -59.58 -62.74
N THR E 52 -9.69 -60.38 -61.71
CA THR E 52 -10.65 -60.77 -60.67
C THR E 52 -10.77 -59.76 -59.52
N ASN E 53 -10.11 -58.58 -59.61
CA ASN E 53 -10.11 -57.57 -58.53
C ASN E 53 -9.59 -58.16 -57.20
N ASP E 54 -8.56 -59.03 -57.32
CA ASP E 54 -7.84 -59.73 -56.25
C ASP E 54 -8.71 -60.76 -55.51
N GLN E 55 -9.88 -61.11 -56.08
CA GLN E 55 -10.77 -62.09 -55.47
C GLN E 55 -10.18 -63.51 -55.55
N VAL E 56 -9.40 -63.80 -56.62
CA VAL E 56 -8.76 -65.12 -56.78
C VAL E 56 -7.86 -65.47 -55.54
N THR E 57 -7.19 -64.46 -54.96
CA THR E 57 -6.31 -64.58 -53.78
C THR E 57 -7.10 -65.05 -52.57
N LYS E 58 -8.27 -64.41 -52.33
CA LYS E 58 -9.18 -64.74 -51.22
C LYS E 58 -9.77 -66.13 -51.41
N ASP E 59 -10.13 -66.49 -52.66
CA ASP E 59 -10.70 -67.80 -52.98
C ASP E 59 -9.67 -68.91 -52.76
N ALA E 60 -8.41 -68.66 -53.13
CA ALA E 60 -7.29 -69.60 -52.94
C ALA E 60 -7.09 -69.84 -51.44
N ALA E 61 -7.11 -68.75 -50.63
CA ALA E 61 -6.95 -68.87 -49.17
C ALA E 61 -8.08 -69.71 -48.54
N GLU E 62 -9.34 -69.51 -48.99
CA GLU E 62 -10.50 -70.29 -48.53
C GLU E 62 -10.38 -71.76 -48.95
N ALA E 63 -9.87 -72.01 -50.15
CA ALA E 63 -9.67 -73.39 -50.65
C ALA E 63 -8.60 -74.11 -49.80
N ILE E 64 -7.54 -73.37 -49.33
CA ILE E 64 -6.52 -73.94 -48.43
C ILE E 64 -7.18 -74.34 -47.11
N LYS E 65 -8.08 -73.50 -46.54
CA LYS E 65 -8.83 -73.80 -45.31
C LYS E 65 -9.59 -75.11 -45.47
N LYS E 66 -10.21 -75.32 -46.65
CA LYS E 66 -10.99 -76.50 -47.00
C LYS E 66 -10.16 -77.77 -47.23
N HIS E 67 -9.09 -77.69 -48.06
CA HIS E 67 -8.31 -78.88 -48.44
C HIS E 67 -7.03 -79.10 -47.63
N ASN E 68 -6.67 -78.18 -46.72
CA ASN E 68 -5.58 -78.23 -45.73
C ASN E 68 -4.15 -78.15 -46.28
N VAL E 69 -3.95 -78.10 -47.61
CA VAL E 69 -2.60 -78.03 -48.19
C VAL E 69 -2.58 -77.11 -49.40
N GLY E 70 -1.76 -76.07 -49.28
CA GLY E 70 -1.52 -75.11 -50.34
C GLY E 70 -0.04 -75.15 -50.71
N VAL E 71 0.25 -74.95 -52.00
CA VAL E 71 1.59 -74.85 -52.58
C VAL E 71 1.59 -73.59 -53.42
N LYS E 72 2.40 -72.60 -53.04
CA LYS E 72 2.38 -71.29 -53.68
C LYS E 72 3.66 -70.92 -54.39
N CYS E 73 3.51 -70.45 -55.63
CA CYS E 73 4.57 -69.93 -56.47
C CYS E 73 4.79 -68.48 -56.04
N ALA E 74 6.02 -67.93 -56.24
CA ALA E 74 6.32 -66.54 -55.88
C ALA E 74 5.52 -65.58 -56.78
N THR E 75 4.95 -64.52 -56.19
CA THR E 75 4.12 -63.54 -56.91
C THR E 75 4.67 -62.12 -56.80
N ILE E 76 4.21 -61.22 -57.69
CA ILE E 76 4.55 -59.78 -57.66
C ILE E 76 3.59 -59.07 -56.68
N THR E 77 4.16 -58.23 -55.77
CA THR E 77 3.44 -57.31 -54.89
C THR E 77 3.68 -55.98 -55.58
N PRO E 78 2.66 -55.44 -56.30
CA PRO E 78 2.90 -54.26 -57.13
C PRO E 78 3.16 -52.93 -56.40
N ASP E 79 4.00 -52.12 -57.03
CA ASP E 79 4.36 -50.76 -56.62
C ASP E 79 3.91 -49.85 -57.78
N GLU E 80 4.34 -48.56 -57.79
CA GLU E 80 3.95 -47.62 -58.85
C GLU E 80 4.39 -48.07 -60.24
N LYS E 81 5.65 -48.51 -60.38
CA LYS E 81 6.22 -48.99 -61.65
C LYS E 81 5.50 -50.21 -62.21
N ARG E 82 5.03 -51.12 -61.32
CA ARG E 82 4.28 -52.31 -61.73
C ARG E 82 2.88 -51.95 -62.24
N VAL E 83 2.22 -50.94 -61.61
CA VAL E 83 0.89 -50.44 -61.98
C VAL E 83 0.95 -49.94 -63.43
N GLU E 84 1.98 -49.15 -63.80
CA GLU E 84 2.22 -48.62 -65.15
C GLU E 84 2.51 -49.75 -66.14
N GLU E 85 3.38 -50.71 -65.74
CA GLU E 85 3.80 -51.86 -66.53
C GLU E 85 2.63 -52.76 -66.95
N PHE E 86 1.76 -53.13 -65.98
CA PHE E 86 0.64 -54.02 -66.27
C PHE E 86 -0.69 -53.30 -66.49
N LYS E 87 -0.68 -51.95 -66.39
CA LYS E 87 -1.86 -51.08 -66.54
C LYS E 87 -2.96 -51.54 -65.56
N LEU E 88 -2.55 -51.76 -64.29
CA LEU E 88 -3.37 -52.26 -63.19
C LEU E 88 -4.43 -51.27 -62.75
N LYS E 89 -5.60 -51.79 -62.31
CA LYS E 89 -6.73 -50.99 -61.84
C LYS E 89 -6.41 -50.32 -60.50
N GLN E 90 -5.67 -51.04 -59.65
CA GLN E 90 -5.24 -50.63 -58.32
C GLN E 90 -3.86 -51.21 -58.03
N MET E 91 -3.21 -50.69 -56.99
CA MET E 91 -1.94 -51.21 -56.52
C MET E 91 -2.29 -52.28 -55.48
N TRP E 92 -2.65 -53.48 -55.98
CA TRP E 92 -3.09 -54.63 -55.21
C TRP E 92 -2.14 -54.98 -54.09
N LYS E 93 -2.71 -55.32 -52.93
CA LYS E 93 -1.97 -55.70 -51.72
C LYS E 93 -1.31 -57.04 -51.95
N SER E 94 -0.23 -57.29 -51.19
CA SER E 94 0.56 -58.53 -51.21
C SER E 94 -0.36 -59.75 -51.08
N PRO E 95 -0.32 -60.70 -52.03
CA PRO E 95 -1.16 -61.90 -51.91
C PRO E 95 -0.78 -62.73 -50.69
N ASN E 96 0.52 -62.72 -50.30
CA ASN E 96 1.04 -63.43 -49.13
C ASN E 96 0.44 -62.88 -47.85
N GLY E 97 0.34 -61.56 -47.74
CA GLY E 97 -0.30 -60.89 -46.61
C GLY E 97 -1.77 -61.23 -46.53
N THR E 98 -2.47 -61.27 -47.69
CA THR E 98 -3.90 -61.62 -47.79
C THR E 98 -4.12 -63.04 -47.32
N ILE E 99 -3.32 -64.01 -47.84
CA ILE E 99 -3.43 -65.42 -47.51
C ILE E 99 -3.13 -65.67 -46.03
N ARG E 100 -1.97 -65.16 -45.55
CA ARG E 100 -1.54 -65.28 -44.13
C ARG E 100 -2.57 -64.65 -43.17
N ASN E 101 -3.16 -63.51 -43.56
CA ASN E 101 -4.16 -62.88 -42.72
C ASN E 101 -5.38 -63.78 -42.57
N ILE E 102 -5.83 -64.41 -43.68
CA ILE E 102 -6.99 -65.30 -43.66
C ILE E 102 -6.70 -66.59 -42.86
N LEU E 103 -5.56 -67.23 -43.11
CA LEU E 103 -5.23 -68.50 -42.48
C LEU E 103 -4.69 -68.41 -41.05
N GLY E 104 -3.86 -67.40 -40.80
CA GLY E 104 -3.18 -67.20 -39.54
C GLY E 104 -2.09 -68.23 -39.32
N GLY E 105 -1.36 -68.06 -38.23
CA GLY E 105 -0.33 -69.03 -37.89
C GLY E 105 1.07 -68.51 -37.93
N THR E 106 2.01 -69.43 -38.13
CA THR E 106 3.45 -69.14 -38.11
C THR E 106 4.10 -69.62 -39.38
N VAL E 107 5.00 -68.82 -39.94
CA VAL E 107 5.74 -69.25 -41.12
C VAL E 107 7.10 -69.75 -40.62
N PHE E 108 7.33 -71.07 -40.70
CA PHE E 108 8.61 -71.67 -40.32
C PHE E 108 9.57 -71.68 -41.51
N ARG E 109 10.72 -71.00 -41.34
CA ARG E 109 11.72 -70.84 -42.40
C ARG E 109 13.07 -71.39 -41.98
N GLU E 110 13.69 -72.16 -42.88
CA GLU E 110 14.93 -72.90 -42.64
C GLU E 110 15.73 -73.03 -43.92
N ALA E 111 17.06 -72.95 -43.81
CA ALA E 111 17.96 -73.07 -44.94
C ALA E 111 17.96 -74.50 -45.51
N ILE E 112 18.14 -74.64 -46.84
CA ILE E 112 18.26 -75.94 -47.52
C ILE E 112 19.77 -76.12 -47.62
N ILE E 113 20.34 -77.03 -46.81
CA ILE E 113 21.78 -77.20 -46.70
C ILE E 113 22.39 -78.21 -47.69
N CYS E 114 23.36 -77.74 -48.49
CA CYS E 114 24.19 -78.53 -49.40
C CYS E 114 25.63 -78.43 -48.86
N LYS E 115 26.26 -79.58 -48.58
CA LYS E 115 27.60 -79.72 -48.01
C LYS E 115 28.70 -78.89 -48.69
N ASN E 116 28.72 -78.85 -50.02
CA ASN E 116 29.69 -78.12 -50.85
C ASN E 116 29.43 -76.61 -50.97
N ILE E 117 28.41 -76.08 -50.28
CA ILE E 117 28.11 -74.65 -50.33
C ILE E 117 28.82 -73.94 -49.16
N PRO E 118 29.56 -72.83 -49.41
CA PRO E 118 30.21 -72.16 -48.28
C PRO E 118 29.25 -71.20 -47.55
N ARG E 119 29.13 -71.37 -46.23
CA ARG E 119 28.36 -70.43 -45.40
C ARG E 119 29.08 -69.09 -45.37
N LEU E 120 28.34 -67.99 -45.19
CA LEU E 120 28.99 -66.68 -45.00
C LEU E 120 29.38 -66.61 -43.51
N VAL E 121 28.63 -67.33 -42.66
CA VAL E 121 28.86 -67.43 -41.21
C VAL E 121 29.42 -68.81 -40.94
N SER E 122 30.75 -68.90 -40.84
CA SER E 122 31.46 -70.18 -40.63
C SER E 122 31.07 -70.91 -39.34
N GLY E 123 30.67 -70.17 -38.29
CA GLY E 123 30.27 -70.76 -37.01
C GLY E 123 28.97 -71.54 -36.99
N TRP E 124 28.05 -71.29 -37.95
CA TRP E 124 26.72 -71.95 -37.98
C TRP E 124 26.79 -73.42 -38.40
N VAL E 125 27.13 -74.31 -37.47
CA VAL E 125 27.27 -75.75 -37.71
C VAL E 125 25.95 -76.50 -37.54
N LYS E 126 25.00 -75.90 -36.79
CA LYS E 126 23.67 -76.47 -36.57
C LYS E 126 22.62 -75.54 -37.18
N PRO E 127 21.39 -76.05 -37.51
CA PRO E 127 20.40 -75.19 -38.17
C PRO E 127 19.74 -74.14 -37.27
N ILE E 128 19.31 -73.03 -37.91
CA ILE E 128 18.52 -71.99 -37.26
C ILE E 128 17.15 -72.04 -37.93
N ILE E 129 16.11 -72.31 -37.15
CA ILE E 129 14.75 -72.31 -37.67
C ILE E 129 14.07 -71.03 -37.22
N ILE E 130 13.62 -70.21 -38.20
CA ILE E 130 12.88 -68.98 -37.90
C ILE E 130 11.36 -69.27 -37.89
N GLY E 131 10.73 -68.89 -36.79
CA GLY E 131 9.29 -69.01 -36.55
C GLY E 131 8.73 -67.61 -36.59
N ARG E 132 8.34 -67.17 -37.78
CA ARG E 132 7.82 -65.82 -38.05
C ARG E 132 6.30 -65.77 -37.84
N HIS E 133 5.82 -64.94 -36.90
CA HIS E 133 4.39 -64.74 -36.63
C HIS E 133 3.76 -64.25 -37.96
N ALA E 134 2.84 -65.03 -38.53
CA ALA E 134 2.24 -64.71 -39.84
C ALA E 134 1.10 -63.69 -39.83
N TYR E 135 0.71 -63.19 -38.66
CA TYR E 135 -0.42 -62.28 -38.56
C TYR E 135 -0.11 -60.86 -38.05
N GLY E 136 -0.84 -59.89 -38.60
CA GLY E 136 -0.86 -58.49 -38.19
C GLY E 136 0.40 -57.67 -38.29
N ASP E 137 0.54 -56.69 -37.36
CA ASP E 137 1.61 -55.70 -37.31
C ASP E 137 1.64 -54.90 -38.61
N GLN E 138 2.83 -54.70 -39.24
CA GLN E 138 2.95 -53.92 -40.48
C GLN E 138 2.20 -54.53 -41.69
N TYR E 139 1.89 -55.83 -41.65
CA TYR E 139 1.28 -56.56 -42.76
C TYR E 139 -0.27 -56.48 -42.75
N ARG E 140 -0.85 -55.75 -41.80
CA ARG E 140 -2.30 -55.45 -41.77
C ARG E 140 -2.48 -54.07 -41.15
N ALA E 141 -1.60 -53.14 -41.50
CA ALA E 141 -1.60 -51.80 -40.94
C ALA E 141 -2.44 -50.80 -41.74
N THR E 142 -2.74 -49.68 -41.11
CA THR E 142 -3.44 -48.58 -41.74
C THR E 142 -2.49 -47.40 -41.78
N ASP E 143 -1.84 -47.18 -42.93
CA ASP E 143 -0.89 -46.07 -43.10
C ASP E 143 -1.43 -45.07 -44.10
N PHE E 144 -1.10 -43.80 -43.90
CA PHE E 144 -1.57 -42.73 -44.75
C PHE E 144 -0.61 -41.55 -44.73
N VAL E 145 -0.79 -40.63 -45.67
CA VAL E 145 -0.02 -39.41 -45.78
C VAL E 145 -0.76 -38.35 -44.97
N VAL E 146 -0.02 -37.59 -44.15
CA VAL E 146 -0.57 -36.47 -43.38
C VAL E 146 -0.29 -35.24 -44.28
N PRO E 147 -1.34 -34.66 -44.92
CA PRO E 147 -1.09 -33.62 -45.94
C PRO E 147 -0.60 -32.27 -45.42
N GLY E 148 -0.80 -31.99 -44.15
CA GLY E 148 -0.36 -30.73 -43.58
C GLY E 148 -0.61 -30.66 -42.09
N PRO E 149 -0.44 -29.46 -41.48
CA PRO E 149 -0.68 -29.32 -40.05
C PRO E 149 -2.04 -29.85 -39.59
N GLY E 150 -2.04 -30.45 -38.42
CA GLY E 150 -3.22 -31.06 -37.84
C GLY E 150 -2.87 -32.13 -36.84
N LYS E 151 -3.88 -32.65 -36.17
CA LYS E 151 -3.76 -33.61 -35.10
C LYS E 151 -4.05 -35.06 -35.56
N VAL E 152 -3.12 -35.99 -35.23
CA VAL E 152 -3.32 -37.43 -35.45
C VAL E 152 -3.57 -38.06 -34.08
N GLU E 153 -4.68 -38.77 -33.96
CA GLU E 153 -5.08 -39.39 -32.71
C GLU E 153 -5.44 -40.82 -32.94
N ILE E 154 -5.27 -41.66 -31.92
CA ILE E 154 -5.63 -43.08 -31.97
C ILE E 154 -6.61 -43.30 -30.84
N THR E 155 -7.76 -43.89 -31.16
CA THR E 155 -8.80 -44.09 -30.17
C THR E 155 -9.21 -45.54 -30.03
N TYR E 156 -9.57 -45.92 -28.81
CA TYR E 156 -10.13 -47.23 -28.54
C TYR E 156 -11.56 -47.02 -27.98
N THR E 157 -12.53 -47.72 -28.57
CA THR E 157 -13.93 -47.66 -28.13
C THR E 157 -14.37 -49.07 -27.73
N PRO E 158 -14.45 -49.38 -26.42
CA PRO E 158 -14.92 -50.71 -26.02
C PRO E 158 -16.34 -50.97 -26.52
N SER E 159 -16.61 -52.22 -26.92
CA SER E 159 -17.94 -52.59 -27.38
C SER E 159 -18.83 -52.85 -26.15
N ASP E 160 -18.20 -53.21 -24.97
CA ASP E 160 -18.84 -53.51 -23.68
C ASP E 160 -17.96 -53.12 -22.42
N GLY E 161 -17.16 -52.05 -22.51
CA GLY E 161 -16.28 -51.64 -21.41
C GLY E 161 -16.50 -50.24 -20.89
N THR E 162 -15.96 -49.94 -19.70
CA THR E 162 -16.13 -48.65 -19.01
C THR E 162 -15.11 -47.53 -19.39
N GLN E 163 -14.43 -47.63 -20.58
CA GLN E 163 -13.47 -46.58 -20.97
C GLN E 163 -13.23 -46.37 -22.48
N LYS E 164 -13.88 -45.33 -23.10
CA LYS E 164 -13.67 -44.88 -24.49
C LYS E 164 -12.43 -43.91 -24.46
N VAL E 165 -11.24 -44.42 -24.85
CA VAL E 165 -9.95 -43.70 -24.73
C VAL E 165 -9.35 -43.13 -26.01
N THR E 166 -8.88 -41.88 -25.93
CA THR E 166 -8.19 -41.17 -27.03
C THR E 166 -6.73 -40.93 -26.63
N TYR E 167 -5.81 -41.22 -27.53
CA TYR E 167 -4.39 -40.95 -27.30
C TYR E 167 -3.89 -40.07 -28.44
N LEU E 168 -3.10 -39.06 -28.13
CA LEU E 168 -2.53 -38.22 -29.17
C LEU E 168 -1.32 -38.95 -29.78
N VAL E 169 -1.29 -39.13 -31.11
CA VAL E 169 -0.17 -39.73 -31.82
C VAL E 169 0.80 -38.59 -32.09
N HIS E 170 0.32 -37.51 -32.73
CA HIS E 170 1.17 -36.35 -33.01
C HIS E 170 0.37 -35.16 -33.45
N ASN E 171 0.79 -33.99 -33.02
CA ASN E 171 0.23 -32.75 -33.49
C ASN E 171 1.26 -32.18 -34.47
N PHE E 172 0.94 -32.22 -35.77
CA PHE E 172 1.78 -31.71 -36.85
C PHE E 172 1.59 -30.21 -36.85
N GLU E 173 2.65 -29.46 -36.48
CA GLU E 173 2.58 -28.00 -36.40
C GLU E 173 3.04 -27.33 -37.69
N GLU E 174 4.12 -27.82 -38.31
CA GLU E 174 4.65 -27.28 -39.55
C GLU E 174 4.73 -28.40 -40.55
N GLY E 175 4.01 -28.25 -41.67
CA GLY E 175 3.97 -29.25 -42.73
C GLY E 175 3.27 -30.54 -42.33
N GLY E 176 3.38 -31.53 -43.19
CA GLY E 176 2.79 -32.84 -42.94
C GLY E 176 3.83 -33.92 -42.75
N GLY E 177 3.45 -35.11 -43.17
CA GLY E 177 4.29 -36.29 -43.03
C GLY E 177 3.50 -37.54 -43.29
N VAL E 178 3.65 -38.52 -42.39
CA VAL E 178 3.05 -39.84 -42.48
C VAL E 178 2.64 -40.31 -41.12
N ALA E 179 1.64 -41.17 -41.07
CA ALA E 179 1.16 -41.76 -39.82
C ALA E 179 0.62 -43.14 -40.13
N MET E 180 0.59 -43.99 -39.11
CA MET E 180 0.06 -45.34 -39.26
C MET E 180 -0.43 -45.91 -37.95
N GLY E 181 -1.42 -46.78 -38.06
CA GLY E 181 -1.97 -47.52 -36.94
C GLY E 181 -1.79 -48.99 -37.25
N MET E 182 -1.39 -49.76 -36.25
CA MET E 182 -1.24 -51.19 -36.46
C MET E 182 -1.65 -51.89 -35.19
N TYR E 183 -1.91 -53.17 -35.27
CA TYR E 183 -2.39 -53.91 -34.15
C TYR E 183 -1.96 -55.35 -34.22
N ASN E 184 -2.24 -56.08 -33.13
CA ASN E 184 -2.13 -57.54 -33.06
C ASN E 184 -3.20 -58.06 -32.10
N GLN E 185 -3.51 -59.34 -32.22
CA GLN E 185 -4.58 -60.01 -31.47
C GLN E 185 -4.01 -61.00 -30.45
N ASP E 186 -4.55 -61.00 -29.21
CA ASP E 186 -4.10 -61.91 -28.14
C ASP E 186 -4.10 -63.39 -28.55
N LYS E 187 -5.21 -63.86 -29.17
CA LYS E 187 -5.36 -65.25 -29.65
C LYS E 187 -4.30 -65.61 -30.69
N SER E 188 -3.99 -64.66 -31.57
CA SER E 188 -2.97 -64.85 -32.59
C SER E 188 -1.59 -64.99 -31.92
N ILE E 189 -1.30 -64.15 -30.93
CA ILE E 189 -0.03 -64.22 -30.21
C ILE E 189 0.10 -65.54 -29.45
N GLU E 190 -0.99 -66.00 -28.82
CA GLU E 190 -1.05 -67.26 -28.07
C GLU E 190 -0.75 -68.43 -29.02
N ASP E 191 -1.38 -68.45 -30.22
CA ASP E 191 -1.12 -69.48 -31.24
C ASP E 191 0.35 -69.48 -31.68
N PHE E 192 0.93 -68.27 -31.85
CA PHE E 192 2.34 -68.03 -32.21
C PHE E 192 3.24 -68.66 -31.15
N ALA E 193 2.91 -68.43 -29.85
CA ALA E 193 3.64 -68.96 -28.70
C ALA E 193 3.58 -70.50 -28.70
N HIS E 194 2.36 -71.09 -28.77
CA HIS E 194 2.18 -72.55 -28.79
C HIS E 194 2.98 -73.22 -29.90
N SER E 195 2.96 -72.66 -31.13
CA SER E 195 3.68 -73.18 -32.31
C SER E 195 5.20 -73.10 -32.13
N SER E 196 5.67 -72.06 -31.43
CA SER E 196 7.09 -71.83 -31.19
C SER E 196 7.59 -72.86 -30.15
N PHE E 197 6.82 -73.03 -29.06
CA PHE E 197 7.18 -73.97 -28.00
C PHE E 197 7.17 -75.42 -28.51
N GLN E 198 6.14 -75.79 -29.29
CA GLN E 198 6.00 -77.12 -29.89
C GLN E 198 7.12 -77.44 -30.88
N MET E 199 7.55 -76.44 -31.67
CA MET E 199 8.62 -76.57 -32.65
C MET E 199 9.95 -76.81 -31.94
N ALA E 200 10.22 -76.04 -30.88
CA ALA E 200 11.43 -76.18 -30.07
C ALA E 200 11.50 -77.58 -29.43
N LEU E 201 10.37 -78.09 -28.96
CA LEU E 201 10.29 -79.42 -28.35
C LEU E 201 10.41 -80.57 -29.34
N SER E 202 9.93 -80.40 -30.58
CA SER E 202 10.02 -81.44 -31.60
C SER E 202 11.42 -81.55 -32.17
N LYS E 203 12.18 -80.43 -32.17
CA LYS E 203 13.56 -80.38 -32.69
C LYS E 203 14.59 -80.61 -31.59
N GLY E 204 14.19 -80.41 -30.35
CA GLY E 204 15.05 -80.54 -29.17
C GLY E 204 16.06 -79.41 -29.08
N TRP E 205 15.64 -78.18 -29.44
CA TRP E 205 16.49 -76.99 -29.39
C TRP E 205 15.90 -75.90 -28.52
N PRO E 206 16.74 -75.01 -27.93
CA PRO E 206 16.18 -73.90 -27.15
C PRO E 206 15.40 -72.92 -28.06
N LEU E 207 14.49 -72.15 -27.45
CA LEU E 207 13.68 -71.17 -28.16
C LEU E 207 13.99 -69.78 -27.65
N TYR E 208 14.11 -68.82 -28.58
CA TYR E 208 14.29 -67.42 -28.28
C TYR E 208 13.21 -66.62 -28.97
N LEU E 209 12.61 -65.68 -28.26
CA LEU E 209 11.67 -64.72 -28.81
C LEU E 209 12.37 -63.37 -28.81
N SER E 210 12.35 -62.66 -29.94
CA SER E 210 12.93 -61.32 -30.02
C SER E 210 11.81 -60.27 -30.10
N THR E 211 11.95 -59.16 -29.36
CA THR E 211 11.04 -58.00 -29.37
C THR E 211 11.88 -56.76 -29.11
N LYS E 212 11.23 -55.61 -29.11
CA LYS E 212 11.85 -54.32 -28.76
C LYS E 212 10.98 -53.72 -27.62
N ASN E 213 10.71 -54.54 -26.58
CA ASN E 213 9.82 -54.19 -25.46
C ASN E 213 10.35 -53.06 -24.58
N THR E 214 11.63 -52.71 -24.71
CA THR E 214 12.19 -51.57 -23.96
C THR E 214 11.67 -50.26 -24.57
N ILE E 215 11.24 -50.30 -25.85
CA ILE E 215 10.75 -49.12 -26.57
C ILE E 215 9.23 -49.19 -26.67
N LEU E 216 8.70 -50.32 -27.18
CA LEU E 216 7.25 -50.55 -27.30
C LEU E 216 6.86 -51.37 -26.09
N LYS E 217 6.83 -50.71 -24.91
CA LYS E 217 6.59 -51.36 -23.60
C LYS E 217 5.27 -52.09 -23.54
N LYS E 218 4.22 -51.53 -24.11
CA LYS E 218 2.88 -52.14 -24.09
C LYS E 218 2.67 -53.14 -25.22
N TYR E 219 3.01 -52.75 -26.46
CA TYR E 219 2.83 -53.58 -27.66
C TYR E 219 3.70 -54.84 -27.65
N ASP E 220 5.01 -54.67 -27.53
CA ASP E 220 5.96 -55.79 -27.52
C ASP E 220 5.96 -56.49 -26.18
N GLY E 221 5.65 -55.73 -25.12
CA GLY E 221 5.51 -56.26 -23.77
C GLY E 221 4.45 -57.36 -23.72
N ARG E 222 3.38 -57.23 -24.53
CA ARG E 222 2.32 -58.22 -24.60
C ARG E 222 2.80 -59.53 -25.20
N PHE E 223 3.66 -59.48 -26.24
CA PHE E 223 4.25 -60.68 -26.85
C PHE E 223 5.09 -61.40 -25.78
N LYS E 224 5.95 -60.64 -25.10
CA LYS E 224 6.84 -61.13 -24.03
C LYS E 224 6.04 -61.78 -22.88
N ASP E 225 4.96 -61.11 -22.40
CA ASP E 225 4.09 -61.61 -21.34
C ASP E 225 3.33 -62.85 -21.71
N ILE E 226 2.79 -62.90 -22.95
CA ILE E 226 2.04 -64.07 -23.42
C ILE E 226 2.98 -65.29 -23.55
N PHE E 227 4.19 -65.09 -24.11
CA PHE E 227 5.15 -66.21 -24.23
C PHE E 227 5.57 -66.73 -22.85
N GLN E 228 5.91 -65.82 -21.91
CA GLN E 228 6.36 -66.19 -20.56
C GLN E 228 5.30 -66.96 -19.78
N GLU E 229 4.06 -66.46 -19.81
CA GLU E 229 2.88 -67.02 -19.17
C GLU E 229 2.59 -68.44 -19.69
N ILE E 230 2.61 -68.63 -21.04
CA ILE E 230 2.35 -69.93 -21.66
C ILE E 230 3.48 -70.92 -21.31
N TYR E 231 4.75 -70.46 -21.35
CA TYR E 231 5.91 -71.29 -20.99
C TYR E 231 5.83 -71.82 -19.55
N ASP E 232 5.63 -70.90 -18.57
CA ASP E 232 5.53 -71.22 -17.14
C ASP E 232 4.41 -72.19 -16.79
N LYS E 233 3.25 -72.04 -17.44
CA LYS E 233 2.06 -72.86 -17.19
C LYS E 233 2.00 -74.17 -18.00
N GLN E 234 2.57 -74.20 -19.23
CA GLN E 234 2.40 -75.38 -20.09
C GLN E 234 3.66 -76.05 -20.65
N TYR E 235 4.83 -75.40 -20.65
CA TYR E 235 5.96 -76.03 -21.32
C TYR E 235 7.28 -76.12 -20.55
N LYS E 236 7.46 -75.35 -19.46
CA LYS E 236 8.71 -75.30 -18.71
C LYS E 236 9.29 -76.68 -18.32
N SER E 237 8.47 -77.59 -17.73
CA SER E 237 8.91 -78.92 -17.33
C SER E 237 9.37 -79.75 -18.54
N GLN E 238 8.63 -79.66 -19.66
CA GLN E 238 8.94 -80.34 -20.93
C GLN E 238 10.30 -79.90 -21.47
N PHE E 239 10.60 -78.58 -21.38
CA PHE E 239 11.86 -77.99 -21.82
C PHE E 239 13.00 -78.46 -20.90
N GLU E 240 12.76 -78.46 -19.57
CA GLU E 240 13.72 -78.90 -18.55
C GLU E 240 14.09 -80.38 -18.75
N ALA E 241 13.10 -81.21 -19.14
CA ALA E 241 13.24 -82.64 -19.45
C ALA E 241 14.15 -82.88 -20.66
N GLN E 242 14.18 -81.96 -21.65
CA GLN E 242 15.03 -82.10 -22.84
C GLN E 242 16.30 -81.27 -22.75
N LYS E 243 16.56 -80.67 -21.58
CA LYS E 243 17.73 -79.82 -21.30
C LYS E 243 17.81 -78.61 -22.27
N ILE E 244 16.63 -78.08 -22.62
CA ILE E 244 16.49 -76.91 -23.48
C ILE E 244 15.80 -75.81 -22.67
N TRP E 245 15.75 -74.59 -23.20
CA TRP E 245 15.19 -73.45 -22.48
C TRP E 245 14.48 -72.51 -23.42
N TYR E 246 13.72 -71.57 -22.86
CA TYR E 246 13.08 -70.48 -23.59
C TYR E 246 13.55 -69.18 -22.96
N GLU E 247 13.99 -68.23 -23.78
CA GLU E 247 14.37 -66.90 -23.31
C GLU E 247 13.94 -65.81 -24.27
N HIS E 248 13.53 -64.67 -23.71
CA HIS E 248 13.20 -63.48 -24.46
C HIS E 248 14.50 -62.71 -24.63
N ARG E 249 14.69 -62.06 -25.79
CA ARG E 249 15.86 -61.25 -26.09
C ARG E 249 15.41 -60.01 -26.83
N LEU E 250 16.13 -58.89 -26.66
CA LEU E 250 15.91 -57.69 -27.45
C LEU E 250 16.41 -58.02 -28.85
N ILE E 251 15.68 -57.60 -29.88
CA ILE E 251 16.01 -57.90 -31.28
C ILE E 251 17.48 -57.57 -31.65
N ASP E 252 18.00 -56.38 -31.27
CA ASP E 252 19.38 -55.99 -31.62
C ASP E 252 20.41 -56.88 -30.90
N ASP E 253 20.11 -57.30 -29.65
CA ASP E 253 20.96 -58.25 -28.93
C ASP E 253 20.86 -59.65 -29.58
N MET E 254 19.63 -60.09 -29.94
CA MET E 254 19.36 -61.39 -30.55
C MET E 254 20.11 -61.61 -31.87
N VAL E 255 20.14 -60.63 -32.77
CA VAL E 255 20.82 -60.74 -34.05
C VAL E 255 22.35 -60.96 -33.83
N ALA E 256 22.96 -60.12 -32.98
CA ALA E 256 24.38 -60.23 -32.65
C ALA E 256 24.70 -61.57 -31.99
N GLN E 257 23.83 -62.02 -31.07
CA GLN E 257 23.98 -63.33 -30.41
C GLN E 257 23.89 -64.45 -31.45
N ALA E 258 22.89 -64.38 -32.37
CA ALA E 258 22.70 -65.38 -33.44
C ALA E 258 23.95 -65.48 -34.33
N MET E 259 24.50 -64.33 -34.75
CA MET E 259 25.68 -64.20 -35.59
C MET E 259 26.93 -64.85 -35.02
N LYS E 260 27.14 -64.76 -33.69
CA LYS E 260 28.33 -65.32 -33.04
C LYS E 260 28.05 -66.70 -32.42
N SER E 261 26.83 -67.23 -32.60
CA SER E 261 26.45 -68.56 -32.10
C SER E 261 26.91 -69.64 -33.10
N GLU E 262 26.56 -70.88 -32.80
CA GLU E 262 26.84 -71.99 -33.69
C GLU E 262 25.54 -72.58 -34.28
N GLY E 263 24.44 -71.83 -34.16
CA GLY E 263 23.11 -72.26 -34.61
C GLY E 263 22.52 -73.22 -33.60
N GLY E 264 21.49 -73.98 -34.00
CA GLY E 264 20.84 -74.96 -33.13
C GLY E 264 19.79 -74.37 -32.21
N PHE E 265 18.87 -73.57 -32.77
CA PHE E 265 17.78 -72.96 -32.00
C PHE E 265 16.62 -72.52 -32.88
N ILE E 266 15.48 -72.33 -32.23
CA ILE E 266 14.26 -71.82 -32.82
C ILE E 266 14.23 -70.36 -32.43
N TRP E 267 14.04 -69.51 -33.43
CA TRP E 267 13.97 -68.07 -33.25
C TRP E 267 12.56 -67.56 -33.63
N ALA E 268 11.75 -67.29 -32.62
CA ALA E 268 10.40 -66.74 -32.76
C ALA E 268 10.52 -65.24 -33.01
N CYS E 269 10.06 -64.82 -34.20
CA CYS E 269 10.12 -63.43 -34.65
C CYS E 269 8.73 -62.88 -34.84
N LYS E 270 8.57 -61.58 -34.62
CA LYS E 270 7.34 -60.86 -34.96
C LYS E 270 7.33 -60.76 -36.51
N ASN E 271 6.16 -60.51 -37.09
CA ASN E 271 5.94 -60.50 -38.53
C ASN E 271 7.06 -59.83 -39.34
N TYR E 272 7.32 -58.55 -39.07
CA TYR E 272 8.33 -57.76 -39.75
C TYR E 272 9.76 -58.29 -39.57
N ASP E 273 10.17 -58.63 -38.33
CA ASP E 273 11.53 -59.14 -38.06
C ASP E 273 11.71 -60.48 -38.72
N GLY E 274 10.66 -61.30 -38.72
CA GLY E 274 10.67 -62.63 -39.34
C GLY E 274 10.95 -62.55 -40.82
N ASP E 275 10.42 -61.50 -41.47
CA ASP E 275 10.65 -61.24 -42.87
C ASP E 275 12.14 -60.97 -43.14
N VAL E 276 12.73 -60.01 -42.40
CA VAL E 276 14.13 -59.63 -42.55
C VAL E 276 15.09 -60.76 -42.12
N GLN E 277 14.88 -61.33 -40.92
CA GLN E 277 15.76 -62.35 -40.37
C GLN E 277 15.78 -63.64 -41.16
N SER E 278 14.65 -64.03 -41.80
CA SER E 278 14.68 -65.28 -42.58
C SER E 278 15.58 -65.16 -43.81
N ASP E 279 15.61 -63.98 -44.41
CA ASP E 279 16.43 -63.66 -45.57
C ASP E 279 17.91 -63.56 -45.16
N SER E 280 18.18 -62.90 -44.01
CA SER E 280 19.54 -62.72 -43.49
C SER E 280 20.11 -64.08 -43.07
N VAL E 281 19.31 -64.92 -42.38
CA VAL E 281 19.76 -66.27 -41.98
C VAL E 281 20.03 -67.16 -43.21
N ALA E 282 19.09 -67.19 -44.21
CA ALA E 282 19.28 -67.96 -45.45
C ALA E 282 20.59 -67.50 -46.14
N GLN E 283 20.84 -66.18 -46.21
CA GLN E 283 22.05 -65.63 -46.80
C GLN E 283 23.30 -66.06 -46.01
N GLY E 284 23.19 -66.11 -44.68
CA GLY E 284 24.23 -66.55 -43.76
C GLY E 284 24.67 -67.98 -44.03
N TYR E 285 23.69 -68.88 -44.34
CA TYR E 285 23.98 -70.27 -44.65
C TYR E 285 24.57 -70.45 -46.06
N GLY E 286 24.51 -69.42 -46.89
CA GLY E 286 25.12 -69.45 -48.21
C GLY E 286 24.34 -68.86 -49.35
N SER E 287 23.05 -69.20 -49.45
CA SER E 287 22.24 -68.67 -50.55
C SER E 287 20.85 -68.23 -50.11
N LEU E 288 20.47 -67.01 -50.49
CA LEU E 288 19.16 -66.39 -50.19
C LEU E 288 18.00 -67.29 -50.63
N GLY E 289 18.10 -67.84 -51.84
CA GLY E 289 17.12 -68.72 -52.44
C GLY E 289 17.01 -70.11 -51.83
N MET E 290 18.04 -70.60 -51.15
CA MET E 290 18.05 -71.97 -50.57
C MET E 290 17.39 -71.95 -49.18
N MET E 291 16.04 -71.85 -49.17
CA MET E 291 15.27 -71.74 -47.95
C MET E 291 13.84 -72.31 -48.12
N THR E 292 13.35 -73.07 -47.13
CA THR E 292 11.98 -73.57 -47.09
C THR E 292 11.14 -72.50 -46.38
N SER E 293 9.83 -72.44 -46.70
CA SER E 293 8.92 -71.49 -46.08
C SER E 293 7.57 -72.15 -46.00
N VAL E 294 7.19 -72.60 -44.78
CA VAL E 294 5.94 -73.28 -44.56
C VAL E 294 5.10 -72.55 -43.52
N LEU E 295 3.90 -72.12 -43.92
CA LEU E 295 2.93 -71.52 -43.00
C LEU E 295 2.19 -72.66 -42.29
N VAL E 296 2.34 -72.72 -40.97
CA VAL E 296 1.71 -73.72 -40.13
C VAL E 296 0.56 -72.99 -39.41
N CYS E 297 -0.66 -73.34 -39.80
CA CYS E 297 -1.88 -72.73 -39.29
C CYS E 297 -2.24 -73.20 -37.86
N PRO E 298 -3.00 -72.37 -37.08
CA PRO E 298 -3.32 -72.73 -35.67
C PRO E 298 -4.05 -74.07 -35.45
N ASP E 299 -4.83 -74.57 -36.44
CA ASP E 299 -5.57 -75.85 -36.33
C ASP E 299 -4.68 -77.11 -36.25
N GLY E 300 -3.40 -76.98 -36.60
CA GLY E 300 -2.44 -78.09 -36.62
C GLY E 300 -2.70 -79.11 -37.72
N LYS E 301 -3.45 -78.71 -38.74
CA LYS E 301 -3.87 -79.58 -39.85
C LYS E 301 -3.60 -78.91 -41.19
N THR E 302 -3.68 -77.56 -41.23
CA THR E 302 -3.53 -76.78 -42.45
C THR E 302 -2.13 -76.18 -42.60
N VAL E 303 -1.55 -76.32 -43.82
CA VAL E 303 -0.25 -75.73 -44.16
C VAL E 303 -0.31 -75.06 -45.53
N GLU E 304 0.52 -74.02 -45.73
CA GLU E 304 0.73 -73.41 -47.05
C GLU E 304 2.27 -73.34 -47.26
N ALA E 305 2.78 -74.11 -48.21
CA ALA E 305 4.21 -74.13 -48.51
C ALA E 305 4.46 -73.21 -49.67
N GLU E 306 5.53 -72.41 -49.61
CA GLU E 306 5.79 -71.43 -50.65
C GLU E 306 7.25 -71.27 -51.06
N ALA E 307 7.45 -70.62 -52.20
CA ALA E 307 8.77 -70.17 -52.64
C ALA E 307 8.73 -68.71 -52.15
N ALA E 308 9.46 -68.43 -51.08
CA ALA E 308 9.50 -67.11 -50.43
C ALA E 308 10.24 -65.99 -51.17
N HIS E 309 11.25 -66.33 -51.98
CA HIS E 309 12.06 -65.36 -52.73
C HIS E 309 11.27 -64.58 -53.82
N GLY E 310 11.97 -63.77 -54.61
CA GLY E 310 11.36 -62.98 -55.67
C GLY E 310 10.92 -63.77 -56.90
N THR E 311 10.52 -63.05 -57.95
CA THR E 311 10.06 -63.63 -59.21
C THR E 311 11.14 -63.62 -60.30
N VAL E 312 12.36 -63.09 -59.99
CA VAL E 312 13.55 -63.01 -60.86
C VAL E 312 13.24 -62.32 -62.23
N THR E 313 12.92 -61.00 -62.20
CA THR E 313 12.58 -60.20 -63.39
C THR E 313 13.69 -60.18 -64.45
N ARG E 314 14.96 -59.99 -64.01
CA ARG E 314 16.16 -59.94 -64.86
C ARG E 314 16.25 -61.16 -65.80
N HIS E 315 16.11 -62.36 -65.19
CA HIS E 315 16.12 -63.64 -65.87
C HIS E 315 14.93 -63.75 -66.82
N TYR E 316 13.74 -63.26 -66.36
CA TYR E 316 12.48 -63.28 -67.12
C TYR E 316 12.57 -62.45 -68.40
N ARG E 317 13.21 -61.26 -68.32
CA ARG E 317 13.41 -60.37 -69.48
C ARG E 317 14.28 -61.07 -70.55
N MET E 318 15.34 -61.79 -70.11
CA MET E 318 16.24 -62.57 -70.96
C MET E 318 15.47 -63.70 -71.64
N TYR E 319 14.63 -64.44 -70.87
CA TYR E 319 13.77 -65.53 -71.34
C TYR E 319 12.79 -65.06 -72.43
N GLN E 320 12.22 -63.85 -72.28
CA GLN E 320 11.28 -63.23 -73.22
C GLN E 320 11.99 -62.95 -74.56
N LYS E 321 13.26 -62.49 -74.49
CA LYS E 321 14.13 -62.16 -75.63
C LYS E 321 14.80 -63.43 -76.24
N GLY E 322 14.33 -64.62 -75.84
CA GLY E 322 14.85 -65.91 -76.29
C GLY E 322 16.28 -66.23 -75.85
N GLN E 323 16.78 -65.53 -74.82
CA GLN E 323 18.15 -65.73 -74.28
C GLN E 323 18.22 -66.93 -73.30
N GLU E 324 19.44 -67.44 -73.12
CA GLU E 324 19.76 -68.54 -72.20
C GLU E 324 19.73 -68.00 -70.75
N THR E 325 19.10 -68.73 -69.82
CA THR E 325 18.97 -68.37 -68.41
C THR E 325 19.45 -69.53 -67.55
N SER E 326 19.84 -69.26 -66.30
CA SER E 326 20.25 -70.27 -65.33
C SER E 326 19.67 -69.89 -63.95
N THR E 327 18.38 -70.23 -63.74
CA THR E 327 17.60 -69.91 -62.54
C THR E 327 17.51 -71.07 -61.54
N ASN E 328 17.78 -70.80 -60.26
CA ASN E 328 17.70 -71.78 -59.17
C ASN E 328 16.24 -72.20 -58.86
N PRO E 329 15.87 -73.49 -59.07
CA PRO E 329 14.47 -73.89 -58.81
C PRO E 329 14.23 -74.57 -57.46
N ILE E 330 15.26 -74.73 -56.61
CA ILE E 330 15.18 -75.49 -55.36
C ILE E 330 14.08 -75.04 -54.41
N ALA E 331 13.96 -73.73 -54.14
CA ALA E 331 12.93 -73.25 -53.22
C ALA E 331 11.52 -73.59 -53.75
N SER E 332 11.30 -73.45 -55.07
CA SER E 332 10.03 -73.83 -55.67
C SER E 332 9.80 -75.36 -55.55
N ILE E 333 10.87 -76.19 -55.72
CA ILE E 333 10.76 -77.65 -55.61
C ILE E 333 10.35 -78.03 -54.18
N PHE E 334 11.03 -77.44 -53.19
CA PHE E 334 10.74 -77.72 -51.80
C PHE E 334 9.35 -77.20 -51.35
N ALA E 335 8.74 -76.22 -52.05
CA ALA E 335 7.35 -75.81 -51.73
C ALA E 335 6.45 -77.03 -52.08
N TRP E 336 6.70 -77.67 -53.23
CA TRP E 336 5.97 -78.87 -53.65
C TRP E 336 6.21 -80.05 -52.71
N THR E 337 7.48 -80.38 -52.40
CA THR E 337 7.81 -81.52 -51.51
C THR E 337 7.28 -81.35 -50.11
N ARG E 338 7.35 -80.12 -49.55
CA ARG E 338 6.83 -79.87 -48.20
C ARG E 338 5.29 -79.95 -48.20
N GLY E 339 4.65 -79.48 -49.28
CA GLY E 339 3.20 -79.57 -49.43
C GLY E 339 2.74 -81.01 -49.57
N LEU E 340 3.42 -81.79 -50.45
CA LEU E 340 3.11 -83.20 -50.67
C LEU E 340 3.40 -84.05 -49.43
N ALA E 341 4.46 -83.72 -48.66
CA ALA E 341 4.77 -84.43 -47.42
C ALA E 341 3.66 -84.21 -46.41
N HIS E 342 3.12 -82.97 -46.34
CA HIS E 342 2.02 -82.72 -45.41
C HIS E 342 0.73 -83.43 -45.86
N ARG E 343 0.45 -83.40 -47.18
CA ARG E 343 -0.68 -84.08 -47.80
C ARG E 343 -0.61 -85.59 -47.48
N ALA E 344 0.59 -86.20 -47.65
CA ALA E 344 0.87 -87.61 -47.37
C ALA E 344 0.62 -87.96 -45.90
N LYS E 345 1.04 -87.06 -44.97
CA LYS E 345 0.87 -87.22 -43.51
C LYS E 345 -0.62 -87.25 -43.15
N LEU E 346 -1.42 -86.34 -43.75
CA LEU E 346 -2.87 -86.24 -43.48
C LEU E 346 -3.62 -87.47 -44.00
N ASP E 347 -3.22 -87.98 -45.18
CA ASP E 347 -3.88 -89.09 -45.86
C ASP E 347 -3.27 -90.46 -45.52
N ASN E 348 -2.23 -90.48 -44.65
CA ASN E 348 -1.47 -91.69 -44.28
C ASN E 348 -0.99 -92.44 -45.56
N ASN E 349 -0.40 -91.66 -46.48
CA ASN E 349 0.07 -92.11 -47.78
C ASN E 349 1.59 -92.26 -47.82
N LYS E 350 2.06 -93.51 -47.63
CA LYS E 350 3.48 -93.84 -47.57
C LYS E 350 4.20 -93.70 -48.92
N GLU E 351 3.48 -93.88 -50.04
CA GLU E 351 4.00 -93.76 -51.41
C GLU E 351 4.30 -92.29 -51.74
N LEU E 352 3.40 -91.38 -51.30
CA LEU E 352 3.56 -89.94 -51.52
C LEU E 352 4.62 -89.40 -50.55
N ALA E 353 4.63 -89.89 -49.29
CA ALA E 353 5.63 -89.51 -48.30
C ALA E 353 7.04 -89.89 -48.79
N PHE E 354 7.17 -91.08 -49.40
CA PHE E 354 8.44 -91.55 -49.94
C PHE E 354 8.86 -90.67 -51.09
N PHE E 355 7.94 -90.39 -52.02
CA PHE E 355 8.21 -89.57 -53.19
C PHE E 355 8.72 -88.17 -52.81
N ALA E 356 8.02 -87.49 -51.87
CA ALA E 356 8.33 -86.13 -51.43
C ALA E 356 9.76 -86.05 -50.88
N ASN E 357 10.12 -87.00 -50.00
CA ASN E 357 11.46 -87.08 -49.43
C ASN E 357 12.52 -87.38 -50.50
N ALA E 358 12.24 -88.31 -51.43
CA ALA E 358 13.16 -88.66 -52.51
C ALA E 358 13.50 -87.44 -53.38
N LEU E 359 12.50 -86.60 -53.69
CA LEU E 359 12.74 -85.43 -54.51
C LEU E 359 13.65 -84.41 -53.79
N GLU E 360 13.55 -84.33 -52.46
CA GLU E 360 14.41 -83.45 -51.64
C GLU E 360 15.86 -83.98 -51.67
N GLU E 361 16.02 -85.31 -51.49
CA GLU E 361 17.33 -86.00 -51.54
C GLU E 361 18.02 -85.79 -52.87
N VAL E 362 17.29 -86.02 -53.98
CA VAL E 362 17.76 -85.85 -55.36
C VAL E 362 18.26 -84.43 -55.58
N SER E 363 17.48 -83.42 -55.14
CA SER E 363 17.77 -82.00 -55.26
C SER E 363 19.12 -81.63 -54.61
N ILE E 364 19.33 -82.11 -53.38
CA ILE E 364 20.54 -81.88 -52.60
C ILE E 364 21.74 -82.64 -53.19
N GLU E 365 21.56 -83.96 -53.50
CA GLU E 365 22.60 -84.84 -54.07
C GLU E 365 23.12 -84.32 -55.40
N THR E 366 22.26 -83.75 -56.24
CA THR E 366 22.62 -83.18 -57.56
C THR E 366 23.62 -82.01 -57.43
N ILE E 367 23.31 -81.04 -56.51
CA ILE E 367 24.18 -79.87 -56.26
C ILE E 367 25.47 -80.34 -55.62
N GLU E 368 25.37 -81.27 -54.69
CA GLU E 368 26.53 -81.81 -54.01
C GLU E 368 27.46 -82.60 -54.94
N ALA E 369 26.91 -83.15 -56.06
CA ALA E 369 27.69 -83.86 -57.08
C ALA E 369 28.35 -82.87 -58.05
N GLY E 370 28.11 -81.56 -57.83
CA GLY E 370 28.74 -80.50 -58.62
C GLY E 370 27.90 -79.99 -59.76
N PHE E 371 26.63 -80.39 -59.83
CA PHE E 371 25.75 -79.92 -60.89
C PHE E 371 24.84 -78.89 -60.24
N MET E 372 24.92 -77.64 -60.73
CA MET E 372 24.18 -76.51 -60.16
C MET E 372 24.00 -75.35 -61.12
N THR E 373 23.17 -74.38 -60.71
CA THR E 373 22.83 -73.16 -61.45
C THR E 373 23.88 -72.06 -61.18
N LYS E 374 23.97 -71.08 -62.10
CA LYS E 374 24.93 -69.96 -62.08
C LYS E 374 25.08 -69.31 -60.72
N ASP E 375 23.97 -69.03 -60.03
CA ASP E 375 24.02 -68.40 -58.69
C ASP E 375 24.79 -69.23 -57.67
N LEU E 376 24.59 -70.55 -57.65
CA LEU E 376 25.28 -71.48 -56.73
C LEU E 376 26.75 -71.72 -57.11
N ALA E 377 27.10 -71.51 -58.41
CA ALA E 377 28.47 -71.63 -58.92
C ALA E 377 29.21 -70.39 -58.40
N ALA E 378 28.54 -69.19 -58.51
CA ALA E 378 29.00 -67.88 -58.03
C ALA E 378 29.14 -67.85 -56.50
N CYS E 379 28.40 -68.71 -55.80
CA CYS E 379 28.51 -68.86 -54.35
C CYS E 379 29.83 -69.55 -53.97
N ILE E 380 30.24 -70.57 -54.76
CA ILE E 380 31.45 -71.36 -54.47
C ILE E 380 32.75 -70.65 -54.96
N LYS E 381 32.69 -69.98 -56.13
CA LYS E 381 33.83 -69.36 -56.78
C LYS E 381 33.87 -67.79 -56.87
N GLY E 382 32.76 -67.13 -56.59
CA GLY E 382 32.66 -65.67 -56.75
C GLY E 382 32.21 -65.39 -58.16
N LEU E 383 31.19 -64.53 -58.33
CA LEU E 383 30.62 -64.20 -59.65
C LEU E 383 31.67 -63.86 -60.75
N PRO E 384 32.76 -63.07 -60.51
CA PRO E 384 33.70 -62.79 -61.61
C PRO E 384 34.51 -64.00 -62.11
N ASN E 385 34.68 -65.04 -61.25
CA ASN E 385 35.42 -66.27 -61.57
C ASN E 385 34.55 -67.39 -62.18
N VAL E 386 33.24 -67.11 -62.38
CA VAL E 386 32.29 -68.08 -62.94
C VAL E 386 32.33 -68.10 -64.46
N GLN E 387 32.52 -69.31 -65.02
CA GLN E 387 32.55 -69.56 -66.46
C GLN E 387 31.35 -70.43 -66.82
N ARG E 388 30.89 -70.39 -68.09
CA ARG E 388 29.75 -71.19 -68.60
C ARG E 388 29.85 -72.69 -68.23
N SER E 389 31.08 -73.23 -68.18
CA SER E 389 31.39 -74.63 -67.82
C SER E 389 31.12 -74.96 -66.32
N ASP E 390 31.05 -73.94 -65.45
CA ASP E 390 30.83 -74.15 -64.00
C ASP E 390 29.36 -74.41 -63.62
N TYR E 391 28.42 -74.16 -64.56
CA TYR E 391 27.02 -74.33 -64.26
C TYR E 391 26.17 -74.89 -65.42
N LEU E 392 24.88 -75.12 -65.13
CA LEU E 392 23.89 -75.58 -66.09
C LEU E 392 22.79 -74.53 -66.29
N ASN E 393 22.27 -74.43 -67.54
CA ASN E 393 21.15 -73.52 -67.83
C ASN E 393 19.86 -74.09 -67.15
N THR E 394 18.79 -73.28 -67.02
CA THR E 394 17.53 -73.66 -66.35
C THR E 394 17.02 -75.04 -66.76
N PHE E 395 16.87 -75.28 -68.08
CA PHE E 395 16.38 -76.55 -68.65
C PHE E 395 17.31 -77.72 -68.35
N GLU E 396 18.65 -77.49 -68.45
CA GLU E 396 19.71 -78.45 -68.17
C GLU E 396 19.68 -78.90 -66.72
N PHE E 397 19.59 -77.94 -65.76
CA PHE E 397 19.53 -78.34 -64.36
C PHE E 397 18.23 -79.13 -64.05
N MET E 398 17.08 -78.68 -64.61
CA MET E 398 15.78 -79.34 -64.45
C MET E 398 15.84 -80.78 -65.00
N ASP E 399 16.48 -80.97 -66.19
CA ASP E 399 16.71 -82.27 -66.84
C ASP E 399 17.58 -83.17 -65.96
N LYS E 400 18.67 -82.60 -65.39
CA LYS E 400 19.56 -83.34 -64.48
C LYS E 400 18.80 -83.87 -63.27
N LEU E 401 17.95 -83.02 -62.67
CA LEU E 401 17.13 -83.43 -61.53
C LEU E 401 16.14 -84.55 -61.90
N GLY E 402 15.48 -84.41 -63.06
CA GLY E 402 14.54 -85.38 -63.62
C GLY E 402 15.20 -86.74 -63.82
N GLU E 403 16.40 -86.72 -64.43
CA GLU E 403 17.23 -87.91 -64.66
C GLU E 403 17.54 -88.60 -63.33
N ASN E 404 18.02 -87.82 -62.32
CA ASN E 404 18.36 -88.34 -61.00
C ASN E 404 17.18 -88.84 -60.23
N LEU E 405 16.01 -88.18 -60.38
CA LEU E 405 14.77 -88.60 -59.71
C LEU E 405 14.27 -89.95 -60.23
N LYS E 406 14.29 -90.12 -61.56
CA LYS E 406 13.91 -91.38 -62.25
C LYS E 406 14.76 -92.55 -61.70
N ILE E 407 16.11 -92.34 -61.62
CA ILE E 407 17.07 -93.32 -61.10
C ILE E 407 16.75 -93.68 -59.64
N LYS E 408 16.57 -92.66 -58.77
CA LYS E 408 16.28 -92.86 -57.34
C LYS E 408 15.00 -93.65 -57.12
N LEU E 409 13.93 -93.32 -57.90
CA LEU E 409 12.63 -94.01 -57.76
C LEU E 409 12.69 -95.43 -58.31
N ALA E 410 13.41 -95.65 -59.44
CA ALA E 410 13.59 -96.97 -60.04
C ALA E 410 14.38 -97.89 -59.09
N GLN E 411 15.46 -97.37 -58.49
CA GLN E 411 16.27 -98.13 -57.53
C GLN E 411 15.50 -98.48 -56.27
N ALA E 412 14.62 -97.59 -55.80
CA ALA E 412 13.81 -97.84 -54.61
C ALA E 412 12.75 -98.91 -54.87
N LYS E 413 12.20 -98.94 -56.11
CA LYS E 413 11.20 -99.92 -56.56
C LYS E 413 11.84 -101.32 -56.58
N LEU E 414 13.04 -101.44 -57.19
CA LEU E 414 13.84 -102.67 -57.30
C LEU E 414 14.25 -103.22 -55.92
N SER E 415 14.53 -102.33 -54.96
CA SER E 415 14.93 -102.67 -53.60
C SER E 415 13.83 -103.39 -52.80
N LEU E 416 12.56 -103.29 -53.22
CA LEU E 416 11.42 -103.91 -52.52
C LEU E 416 11.44 -105.44 -52.48
N GLU E 417 11.34 -106.00 -51.25
CA GLU E 417 11.30 -107.43 -50.92
C GLU E 417 9.89 -108.02 -51.07
N HIS E 418 9.79 -109.25 -51.63
CA HIS E 418 8.53 -109.95 -51.88
C HIS E 418 8.14 -110.81 -50.67
N LYS F 3 2.14 92.80 68.08
CA LYS F 3 0.89 93.25 67.46
C LYS F 3 -0.06 92.07 67.15
N LYS F 4 0.39 91.15 66.26
CA LYS F 4 -0.33 89.98 65.76
C LYS F 4 0.34 88.68 66.19
N ILE F 5 -0.31 87.53 65.90
CA ILE F 5 0.23 86.20 66.20
C ILE F 5 1.39 85.95 65.25
N SER F 6 2.50 85.45 65.79
CA SER F 6 3.70 85.11 65.03
C SER F 6 3.39 83.77 64.35
N GLY F 7 3.12 83.80 63.05
CA GLY F 7 2.73 82.61 62.30
C GLY F 7 3.83 81.66 61.89
N GLY F 8 4.96 82.19 61.45
CA GLY F 8 6.05 81.36 60.97
C GLY F 8 6.03 81.19 59.46
N SER F 9 6.79 80.19 58.96
CA SER F 9 6.97 79.95 57.53
C SER F 9 5.87 79.09 56.92
N VAL F 10 5.17 79.63 55.92
CA VAL F 10 4.10 78.92 55.23
C VAL F 10 4.28 79.11 53.73
N VAL F 11 4.19 78.01 52.97
CA VAL F 11 4.27 78.02 51.51
C VAL F 11 2.85 78.13 51.02
N GLU F 12 2.55 79.21 50.27
CA GLU F 12 1.21 79.37 49.74
C GLU F 12 1.23 79.26 48.23
N MET F 13 0.21 78.57 47.68
CA MET F 13 0.08 78.37 46.25
C MET F 13 -1.22 79.02 45.81
N GLN F 14 -1.10 80.12 45.07
CA GLN F 14 -2.25 80.86 44.54
C GLN F 14 -2.83 80.09 43.39
N GLY F 15 -4.14 80.18 43.22
CA GLY F 15 -4.85 79.41 42.19
C GLY F 15 -5.56 80.20 41.12
N ASP F 16 -6.66 79.62 40.65
CA ASP F 16 -7.43 80.14 39.52
C ASP F 16 -8.86 80.51 39.80
N GLU F 17 -9.38 81.37 38.92
CA GLU F 17 -10.77 81.84 38.79
C GLU F 17 -11.41 82.28 40.16
N MET F 18 -12.67 81.88 40.44
CA MET F 18 -13.38 82.26 41.67
C MET F 18 -12.61 81.89 42.94
N THR F 19 -12.01 80.66 42.98
CA THR F 19 -11.22 80.23 44.14
C THR F 19 -10.05 81.19 44.42
N ARG F 20 -9.48 81.82 43.36
CA ARG F 20 -8.40 82.80 43.51
C ARG F 20 -8.93 84.05 44.23
N ILE F 21 -10.13 84.55 43.81
CA ILE F 21 -10.80 85.73 44.40
C ILE F 21 -11.05 85.52 45.90
N ILE F 22 -11.67 84.40 46.24
CA ILE F 22 -11.98 83.97 47.60
C ILE F 22 -10.72 83.81 48.46
N TRP F 23 -9.64 83.29 47.87
CA TRP F 23 -8.34 83.07 48.54
C TRP F 23 -7.78 84.41 49.08
N GLU F 24 -7.85 85.47 48.26
CA GLU F 24 -7.42 86.81 48.63
C GLU F 24 -8.30 87.38 49.74
N LEU F 25 -9.65 87.16 49.66
CA LEU F 25 -10.59 87.60 50.68
C LEU F 25 -10.32 86.90 51.99
N ILE F 26 -9.95 85.60 51.97
CA ILE F 26 -9.63 84.85 53.21
C ILE F 26 -8.41 85.46 53.89
N LYS F 27 -7.35 85.72 53.12
CA LYS F 27 -6.12 86.33 53.61
C LYS F 27 -6.39 87.75 54.18
N GLU F 28 -7.09 88.59 53.41
CA GLU F 28 -7.40 89.99 53.78
C GLU F 28 -8.27 90.14 55.01
N LYS F 29 -9.41 89.43 55.06
CA LYS F 29 -10.41 89.52 56.12
C LYS F 29 -10.23 88.57 57.29
N LEU F 30 -9.57 87.39 57.11
CA LEU F 30 -9.52 86.45 58.24
C LEU F 30 -8.15 86.09 58.78
N ILE F 31 -7.13 86.14 57.93
CA ILE F 31 -5.77 85.73 58.30
C ILE F 31 -4.92 86.92 58.69
N PHE F 32 -4.59 87.79 57.72
CA PHE F 32 -3.67 88.94 57.87
C PHE F 32 -3.98 89.87 59.06
N PRO F 33 -5.26 90.23 59.40
CA PRO F 33 -5.50 91.08 60.58
C PRO F 33 -5.08 90.48 61.91
N TYR F 34 -4.95 89.15 61.97
CA TYR F 34 -4.62 88.46 63.21
C TYR F 34 -3.28 87.77 63.23
N VAL F 35 -2.77 87.39 62.07
CA VAL F 35 -1.55 86.60 61.99
C VAL F 35 -0.53 87.25 61.08
N GLU F 36 0.73 87.27 61.53
CA GLU F 36 1.88 87.78 60.79
C GLU F 36 2.65 86.56 60.25
N LEU F 37 2.76 86.43 58.94
CA LEU F 37 3.41 85.25 58.36
C LEU F 37 4.65 85.51 57.51
N ASP F 38 5.59 84.55 57.52
CA ASP F 38 6.71 84.53 56.58
C ASP F 38 6.15 83.66 55.44
N LEU F 39 5.47 84.32 54.52
CA LEU F 39 4.77 83.67 53.42
C LEU F 39 5.64 83.50 52.18
N HIS F 40 5.85 82.23 51.76
CA HIS F 40 6.61 81.86 50.57
C HIS F 40 5.56 81.63 49.50
N SER F 41 5.27 82.67 48.70
CA SER F 41 4.20 82.66 47.72
C SER F 41 4.61 82.21 46.35
N TYR F 42 3.83 81.30 45.77
CA TYR F 42 4.02 80.74 44.44
C TYR F 42 2.73 80.88 43.69
N ASP F 43 2.78 81.57 42.56
CA ASP F 43 1.59 81.77 41.76
C ASP F 43 1.38 80.58 40.83
N LEU F 44 0.43 79.68 41.20
CA LEU F 44 0.09 78.51 40.37
C LEU F 44 -1.13 78.78 39.51
N GLY F 45 -1.40 80.06 39.25
CA GLY F 45 -2.42 80.49 38.31
C GLY F 45 -1.99 79.97 36.95
N ILE F 46 -2.94 79.56 36.10
CA ILE F 46 -2.67 78.95 34.80
C ILE F 46 -1.73 79.82 33.90
N GLU F 47 -1.85 81.17 33.95
CA GLU F 47 -1.00 82.08 33.15
C GLU F 47 0.46 82.04 33.64
N ASN F 48 0.69 82.05 34.98
CA ASN F 48 2.04 81.96 35.52
C ASN F 48 2.68 80.60 35.31
N ARG F 49 1.87 79.51 35.37
CA ARG F 49 2.39 78.17 35.09
C ARG F 49 2.82 78.11 33.62
N ASP F 50 2.01 78.69 32.72
CA ASP F 50 2.33 78.76 31.29
C ASP F 50 3.60 79.60 31.06
N ALA F 51 3.74 80.76 31.73
CA ALA F 51 4.89 81.67 31.62
C ALA F 51 6.20 81.09 32.17
N THR F 52 6.14 80.17 33.14
CA THR F 52 7.34 79.56 33.72
C THR F 52 7.54 78.13 33.21
N ASN F 53 6.75 77.71 32.20
CA ASN F 53 6.78 76.35 31.64
C ASN F 53 6.57 75.28 32.74
N ASP F 54 5.64 75.60 33.68
CA ASP F 54 5.21 74.79 34.83
C ASP F 54 6.31 74.58 35.87
N GLN F 55 7.40 75.37 35.80
CA GLN F 55 8.50 75.29 36.76
C GLN F 55 8.08 75.79 38.14
N VAL F 56 7.17 76.79 38.19
CA VAL F 56 6.67 77.34 39.45
C VAL F 56 6.05 76.21 40.37
N THR F 57 5.37 75.23 39.75
CA THR F 57 4.73 74.09 40.40
C THR F 57 5.78 73.23 41.12
N LYS F 58 6.88 72.91 40.40
CA LYS F 58 8.00 72.12 40.93
C LYS F 58 8.72 72.87 42.05
N ASP F 59 8.89 74.19 41.89
CA ASP F 59 9.55 75.04 42.89
C ASP F 59 8.73 75.10 44.17
N ALA F 60 7.38 75.22 44.03
CA ALA F 60 6.44 75.24 45.17
C ALA F 60 6.53 73.91 45.92
N ALA F 61 6.55 72.78 45.21
CA ALA F 61 6.68 71.45 45.84
C ALA F 61 7.98 71.30 46.62
N GLU F 62 9.12 71.81 46.07
CA GLU F 62 10.42 71.79 46.76
C GLU F 62 10.41 72.71 47.99
N ALA F 63 9.73 73.86 47.91
CA ALA F 63 9.58 74.78 49.04
C ALA F 63 8.79 74.12 50.17
N ILE F 64 7.75 73.30 49.84
CA ILE F 64 6.98 72.55 50.85
C ILE F 64 7.90 71.54 51.57
N LYS F 65 8.79 70.84 50.82
CA LYS F 65 9.77 69.90 51.39
C LYS F 65 10.65 70.62 52.42
N LYS F 66 11.06 71.85 52.09
CA LYS F 66 11.90 72.70 52.93
C LYS F 66 11.20 73.28 54.16
N HIS F 67 10.00 73.89 54.00
CA HIS F 67 9.31 74.58 55.09
C HIS F 67 8.23 73.76 55.81
N ASN F 68 7.93 72.55 55.32
CA ASN F 68 7.04 71.53 55.91
C ASN F 68 5.54 71.83 55.89
N VAL F 69 5.11 73.01 55.42
CA VAL F 69 3.68 73.35 55.41
C VAL F 69 3.29 74.12 54.15
N GLY F 70 2.39 73.51 53.39
CA GLY F 70 1.86 74.11 52.17
C GLY F 70 0.38 74.32 52.32
N VAL F 71 -0.14 75.42 51.74
CA VAL F 71 -1.57 75.77 51.68
C VAL F 71 -1.86 76.09 50.23
N LYS F 72 -2.71 75.28 49.59
CA LYS F 72 -2.95 75.39 48.16
C LYS F 72 -4.37 75.77 47.78
N CYS F 73 -4.48 76.76 46.90
CA CYS F 73 -5.73 77.21 46.32
C CYS F 73 -6.05 76.27 45.17
N ALA F 74 -7.34 76.10 44.82
CA ALA F 74 -7.74 75.23 43.70
C ALA F 74 -7.24 75.82 42.37
N THR F 75 -6.71 74.96 41.49
CA THR F 75 -6.14 75.35 40.20
C THR F 75 -6.83 74.69 39.02
N ILE F 76 -6.64 75.24 37.80
CA ILE F 76 -7.14 74.65 36.55
C ILE F 76 -6.12 73.60 36.05
N THR F 77 -6.61 72.39 35.69
CA THR F 77 -5.88 71.32 35.01
C THR F 77 -6.38 71.46 33.57
N PRO F 78 -5.57 72.04 32.66
CA PRO F 78 -6.09 72.34 31.32
C PRO F 78 -6.37 71.15 30.39
N ASP F 79 -7.39 71.35 29.57
CA ASP F 79 -7.83 70.42 28.51
C ASP F 79 -7.70 71.22 27.20
N GLU F 80 -8.26 70.71 26.07
CA GLU F 80 -8.18 71.40 24.77
C GLU F 80 -8.79 72.79 24.79
N LYS F 81 -10.01 72.93 25.37
CA LYS F 81 -10.73 74.21 25.48
C LYS F 81 -9.98 75.25 26.30
N ARG F 82 -9.26 74.82 27.36
CA ARG F 82 -8.46 75.72 28.19
C ARG F 82 -7.22 76.23 27.45
N VAL F 83 -6.59 75.36 26.63
CA VAL F 83 -5.41 75.68 25.82
C VAL F 83 -5.77 76.84 24.87
N GLU F 84 -6.95 76.76 24.19
CA GLU F 84 -7.45 77.79 23.29
C GLU F 84 -7.79 79.09 24.03
N GLU F 85 -8.46 78.95 25.19
CA GLU F 85 -8.87 80.05 26.06
C GLU F 85 -7.70 80.89 26.55
N PHE F 86 -6.64 80.25 27.08
CA PHE F 86 -5.49 80.98 27.61
C PHE F 86 -4.32 81.07 26.65
N LYS F 87 -4.46 80.50 25.43
CA LYS F 87 -3.43 80.48 24.37
C LYS F 87 -2.14 79.86 24.94
N LEU F 88 -2.30 78.72 25.64
CA LEU F 88 -1.24 77.97 26.33
C LEU F 88 -0.24 77.33 25.38
N LYS F 89 1.03 77.25 25.81
CA LYS F 89 2.12 76.64 25.03
C LYS F 89 1.95 75.13 24.93
N GLN F 90 1.46 74.52 26.01
CA GLN F 90 1.22 73.08 26.16
C GLN F 90 0.00 72.88 27.04
N MET F 91 -0.52 71.65 27.03
CA MET F 91 -1.61 71.25 27.89
C MET F 91 -0.95 70.72 29.16
N TRP F 92 -0.56 71.66 30.04
CA TRP F 92 0.14 71.41 31.29
C TRP F 92 -0.55 70.38 32.16
N LYS F 93 0.25 69.51 32.77
CA LYS F 93 -0.22 68.46 33.66
C LYS F 93 -0.77 69.08 34.94
N SER F 94 -1.66 68.34 35.61
CA SER F 94 -2.28 68.71 36.88
C SER F 94 -1.21 69.14 37.90
N PRO F 95 -1.30 70.36 38.46
CA PRO F 95 -0.30 70.77 39.47
C PRO F 95 -0.37 69.89 40.72
N ASN F 96 -1.57 69.38 41.07
CA ASN F 96 -1.80 68.49 42.21
C ASN F 96 -1.05 67.18 42.04
N GLY F 97 -1.10 66.62 40.84
CA GLY F 97 -0.37 65.40 40.48
C GLY F 97 1.14 65.63 40.56
N THR F 98 1.61 66.80 40.08
CA THR F 98 3.04 67.19 40.12
C THR F 98 3.53 67.29 41.55
N ILE F 99 2.76 68.03 42.41
CA ILE F 99 3.11 68.25 43.82
C ILE F 99 3.11 66.93 44.59
N ARG F 100 2.00 66.16 44.48
CA ARG F 100 1.85 64.85 45.15
C ARG F 100 2.94 63.87 44.70
N ASN F 101 3.30 63.89 43.41
CA ASN F 101 4.36 63.00 42.93
C ASN F 101 5.68 63.32 43.59
N ILE F 102 5.99 64.62 43.78
CA ILE F 102 7.25 65.07 44.40
C ILE F 102 7.26 64.76 45.92
N LEU F 103 6.19 65.08 46.62
CA LEU F 103 6.10 64.91 48.07
C LEU F 103 5.79 63.49 48.55
N GLY F 104 4.92 62.79 47.84
CA GLY F 104 4.44 61.47 48.24
C GLY F 104 3.49 61.55 49.42
N GLY F 105 3.03 60.39 49.86
CA GLY F 105 2.16 60.32 51.01
C GLY F 105 0.74 59.97 50.71
N THR F 106 -0.14 60.38 51.65
CA THR F 106 -1.57 60.09 51.63
C THR F 106 -2.38 61.38 51.77
N VAL F 107 -3.43 61.52 50.96
CA VAL F 107 -4.32 62.66 51.08
C VAL F 107 -5.54 62.24 51.94
N PHE F 108 -5.61 62.74 53.18
CA PHE F 108 -6.72 62.48 54.09
C PHE F 108 -7.85 63.48 53.86
N ARG F 109 -9.03 62.94 53.53
CA ARG F 109 -10.22 63.72 53.18
C ARG F 109 -11.39 63.35 54.07
N GLU F 110 -12.07 64.39 54.58
CA GLU F 110 -13.15 64.26 55.56
C GLU F 110 -14.13 65.42 55.39
N ALA F 111 -15.42 65.14 55.59
CA ALA F 111 -16.48 66.13 55.47
C ALA F 111 -16.40 67.18 56.60
N ILE F 112 -16.79 68.44 56.29
CA ILE F 112 -16.87 69.52 57.28
C ILE F 112 -18.35 69.51 57.69
N ILE F 113 -18.65 69.02 58.89
CA ILE F 113 -20.03 68.82 59.33
C ILE F 113 -20.67 70.02 60.05
N CYS F 114 -21.83 70.46 59.50
CA CYS F 114 -22.71 71.47 60.07
C CYS F 114 -24.04 70.74 60.38
N LYS F 115 -24.50 70.75 61.65
CA LYS F 115 -25.74 70.05 62.05
C LYS F 115 -26.96 70.31 61.12
N ASN F 116 -27.25 71.57 60.83
CA ASN F 116 -28.37 72.02 59.99
C ASN F 116 -28.27 71.63 58.48
N ILE F 117 -27.15 71.03 58.04
CA ILE F 117 -27.05 70.62 56.63
C ILE F 117 -27.57 69.17 56.54
N PRO F 118 -28.60 68.89 55.70
CA PRO F 118 -29.08 67.50 55.63
C PRO F 118 -28.11 66.59 54.86
N ARG F 119 -27.89 65.37 55.37
CA ARG F 119 -27.07 64.38 54.66
C ARG F 119 -27.90 63.76 53.54
N LEU F 120 -27.28 63.26 52.48
CA LEU F 120 -28.00 62.52 51.45
C LEU F 120 -28.14 61.08 51.96
N VAL F 121 -27.19 60.63 52.78
CA VAL F 121 -27.16 59.30 53.40
C VAL F 121 -27.49 59.48 54.87
N SER F 122 -28.78 59.25 55.21
CA SER F 122 -29.29 59.41 56.58
C SER F 122 -28.58 58.55 57.63
N GLY F 123 -28.08 57.37 57.25
CA GLY F 123 -27.38 56.47 58.16
C GLY F 123 -26.02 56.90 58.67
N TRP F 124 -25.33 57.81 57.94
CA TRP F 124 -23.96 58.23 58.31
C TRP F 124 -23.92 59.16 59.54
N VAL F 125 -24.00 58.57 60.73
CA VAL F 125 -24.01 59.30 62.01
C VAL F 125 -22.59 59.57 62.53
N LYS F 126 -21.61 58.79 62.07
CA LYS F 126 -20.21 58.94 62.44
C LYS F 126 -19.39 59.30 61.19
N PRO F 127 -18.19 59.93 61.33
CA PRO F 127 -17.43 60.34 60.14
C PRO F 127 -16.76 59.21 59.36
N ILE F 128 -16.58 59.44 58.05
CA ILE F 128 -15.83 58.55 57.18
C ILE F 128 -14.58 59.33 56.75
N ILE F 129 -13.40 58.79 57.06
CA ILE F 129 -12.16 59.43 56.64
C ILE F 129 -11.57 58.65 55.47
N ILE F 130 -11.39 59.34 54.33
CA ILE F 130 -10.76 58.71 53.18
C ILE F 130 -9.25 59.00 53.20
N GLY F 131 -8.47 57.93 53.10
CA GLY F 131 -7.02 57.95 53.04
C GLY F 131 -6.66 57.52 51.64
N ARG F 132 -6.49 58.53 50.76
CA ARG F 132 -6.20 58.35 49.35
C ARG F 132 -4.68 58.31 49.12
N HIS F 133 -4.17 57.18 48.58
CA HIS F 133 -2.75 57.03 48.23
C HIS F 133 -2.43 58.16 47.22
N ALA F 134 -1.55 59.09 47.58
CA ALA F 134 -1.24 60.25 46.73
C ALA F 134 -0.24 60.01 45.59
N TYR F 135 0.30 58.79 45.46
CA TYR F 135 1.32 58.50 44.46
C TYR F 135 0.93 57.48 43.37
N GLY F 136 1.45 57.71 42.16
CA GLY F 136 1.38 56.82 41.01
C GLY F 136 0.04 56.47 40.45
N ASP F 137 -0.05 55.23 39.88
CA ASP F 137 -1.23 54.70 39.19
C ASP F 137 -1.57 55.62 38.00
N GLN F 138 -2.87 55.98 37.80
CA GLN F 138 -3.29 56.83 36.68
C GLN F 138 -2.71 58.26 36.70
N TYR F 139 -2.25 58.74 37.86
CA TYR F 139 -1.75 60.10 38.05
C TYR F 139 -0.24 60.25 37.71
N ARG F 140 0.42 59.18 37.26
CA ARG F 140 1.79 59.21 36.75
C ARG F 140 1.91 58.16 35.66
N ALA F 141 0.88 58.05 34.83
CA ALA F 141 0.81 57.05 33.77
C ALA F 141 1.37 57.53 32.44
N THR F 142 1.64 56.57 31.56
CA THR F 142 2.09 56.84 30.22
C THR F 142 1.02 56.33 29.27
N ASP F 143 0.17 57.23 28.78
CA ASP F 143 -0.93 56.87 27.88
C ASP F 143 -0.71 57.49 26.53
N PHE F 144 -1.14 56.81 25.48
CA PHE F 144 -0.95 57.26 24.12
C PHE F 144 -2.03 56.69 23.21
N VAL F 145 -2.16 57.28 22.02
CA VAL F 145 -3.06 56.83 20.97
C VAL F 145 -2.31 55.77 20.15
N VAL F 146 -2.98 54.67 19.86
CA VAL F 146 -2.43 53.60 18.99
C VAL F 146 -3.00 53.96 17.60
N PRO F 147 -2.15 54.46 16.67
CA PRO F 147 -2.68 55.00 15.39
C PRO F 147 -3.23 53.97 14.40
N GLY F 148 -2.86 52.71 14.55
CA GLY F 148 -3.34 51.68 13.64
C GLY F 148 -2.84 50.31 14.04
N PRO F 149 -3.05 49.30 13.17
CA PRO F 149 -2.58 47.94 13.50
C PRO F 149 -1.11 47.88 13.91
N GLY F 150 -0.84 47.02 14.87
CA GLY F 150 0.49 46.84 15.42
C GLY F 150 0.44 46.25 16.81
N LYS F 151 1.61 45.95 17.35
CA LYS F 151 1.78 45.29 18.63
C LYS F 151 2.15 46.27 19.75
N VAL F 152 1.42 46.19 20.87
CA VAL F 152 1.74 46.94 22.10
C VAL F 152 2.30 45.92 23.10
N GLU F 153 3.49 46.19 23.61
CA GLU F 153 4.17 45.31 24.54
C GLU F 153 4.67 46.08 25.71
N ILE F 154 4.77 45.41 26.88
CA ILE F 154 5.28 46.03 28.09
C ILE F 154 6.46 45.19 28.53
N THR F 155 7.60 45.83 28.80
CA THR F 155 8.81 45.09 29.15
C THR F 155 9.42 45.53 30.47
N TYR F 156 10.01 44.59 31.16
CA TYR F 156 10.77 44.89 32.37
C TYR F 156 12.22 44.45 32.11
N THR F 157 13.17 45.36 32.35
CA THR F 157 14.62 45.11 32.18
C THR F 157 15.29 45.31 33.54
N PRO F 158 15.64 44.23 34.29
CA PRO F 158 16.33 44.40 35.58
C PRO F 158 17.62 45.18 35.37
N SER F 159 17.93 46.11 36.31
CA SER F 159 19.10 47.00 36.24
C SER F 159 20.44 46.26 36.36
N ASP F 160 20.43 45.00 36.83
CA ASP F 160 21.62 44.17 36.96
C ASP F 160 22.60 44.28 35.71
N GLY F 161 22.18 44.01 34.46
CA GLY F 161 20.91 43.46 34.00
C GLY F 161 20.94 41.95 33.96
N THR F 162 19.83 41.30 34.39
CA THR F 162 19.73 39.84 34.43
C THR F 162 18.97 39.28 33.22
N GLN F 163 17.71 39.76 32.99
CA GLN F 163 16.85 39.23 31.93
C GLN F 163 15.66 40.14 31.53
N LYS F 164 15.65 40.63 30.28
CA LYS F 164 14.54 41.45 29.76
C LYS F 164 13.30 40.54 29.63
N VAL F 165 12.18 40.92 30.29
CA VAL F 165 10.92 40.18 30.26
C VAL F 165 9.90 40.99 29.46
N THR F 166 9.32 40.39 28.39
CA THR F 166 8.38 41.06 27.49
C THR F 166 6.99 40.45 27.58
N TYR F 167 6.00 41.26 27.90
CA TYR F 167 4.62 40.79 27.95
C TYR F 167 3.85 41.45 26.82
N LEU F 168 3.02 40.70 26.10
CA LEU F 168 2.19 41.31 25.07
C LEU F 168 0.96 41.98 25.73
N VAL F 169 0.73 43.27 25.47
CA VAL F 169 -0.43 44.01 25.98
C VAL F 169 -1.57 43.72 24.99
N HIS F 170 -1.34 44.00 23.70
CA HIS F 170 -2.37 43.75 22.68
C HIS F 170 -1.79 43.83 21.30
N ASN F 171 -2.30 42.96 20.45
CA ASN F 171 -1.98 42.94 19.03
C ASN F 171 -3.18 43.55 18.30
N PHE F 172 -3.10 44.85 17.93
CA PHE F 172 -4.16 45.56 17.22
C PHE F 172 -4.14 45.04 15.78
N GLU F 173 -5.19 44.28 15.41
CA GLU F 173 -5.28 43.69 14.08
C GLU F 173 -6.03 44.58 13.09
N GLU F 174 -7.14 45.20 13.52
CA GLU F 174 -7.94 46.09 12.69
C GLU F 174 -8.07 47.41 13.41
N GLY F 175 -7.58 48.47 12.77
CA GLY F 175 -7.60 49.83 13.32
C GLY F 175 -6.69 50.02 14.53
N GLY F 176 -6.82 51.16 15.15
CA GLY F 176 -6.07 51.49 16.34
C GLY F 176 -6.92 51.58 17.59
N GLY F 177 -6.49 52.44 18.49
CA GLY F 177 -7.14 52.63 19.77
C GLY F 177 -6.28 53.42 20.72
N VAL F 178 -6.17 52.92 21.95
CA VAL F 178 -5.42 53.56 23.04
C VAL F 178 -4.73 52.52 23.87
N ALA F 179 -3.64 52.91 24.51
CA ALA F 179 -2.89 52.02 25.39
C ALA F 179 -2.25 52.87 26.45
N MET F 180 -1.93 52.25 27.59
CA MET F 180 -1.27 52.94 28.68
C MET F 180 -0.49 52.00 29.56
N GLY F 181 0.55 52.54 30.16
CA GLY F 181 1.36 51.84 31.14
C GLY F 181 1.30 52.63 32.42
N MET F 182 1.20 51.96 33.54
CA MET F 182 1.19 52.65 34.82
C MET F 182 1.88 51.79 35.85
N TYR F 183 2.26 52.37 36.96
CA TYR F 183 3.00 51.64 37.95
C TYR F 183 2.75 52.18 39.33
N ASN F 184 3.29 51.45 40.32
CA ASN F 184 3.38 51.88 41.71
C ASN F 184 4.63 51.31 42.32
N GLN F 185 5.08 51.90 43.42
CA GLN F 185 6.34 51.57 44.09
C GLN F 185 6.08 50.92 45.45
N ASP F 186 6.80 49.84 45.78
CA ASP F 186 6.66 49.12 47.07
C ASP F 186 6.76 50.05 48.29
N LYS F 187 7.81 50.89 48.33
CA LYS F 187 8.06 51.86 49.41
C LYS F 187 6.90 52.83 49.57
N SER F 188 6.32 53.32 48.45
CA SER F 188 5.17 54.22 48.48
C SER F 188 3.95 53.51 49.06
N ILE F 189 3.73 52.24 48.67
CA ILE F 189 2.61 51.44 49.18
C ILE F 189 2.78 51.19 50.70
N GLU F 190 4.00 50.88 51.15
CA GLU F 190 4.34 50.65 52.56
C GLU F 190 4.03 51.91 53.37
N ASP F 191 4.42 53.10 52.83
CA ASP F 191 4.14 54.40 53.47
C ASP F 191 2.62 54.63 53.58
N PHE F 192 1.87 54.31 52.51
CA PHE F 192 0.41 54.40 52.42
C PHE F 192 -0.21 53.52 53.55
N ALA F 193 0.32 52.28 53.71
CA ALA F 193 -0.14 51.32 54.72
C ALA F 193 0.10 51.87 56.13
N HIS F 194 1.35 52.29 56.45
CA HIS F 194 1.70 52.86 57.77
C HIS F 194 0.81 54.04 58.15
N SER F 195 0.57 54.98 57.19
CA SER F 195 -0.28 56.17 57.37
C SER F 195 -1.74 55.80 57.65
N SER F 196 -2.20 54.71 57.03
CA SER F 196 -3.58 54.24 57.14
C SER F 196 -3.79 53.60 58.51
N PHE F 197 -2.83 52.75 58.92
CA PHE F 197 -2.88 52.07 60.22
C PHE F 197 -2.79 53.07 61.38
N GLN F 198 -1.88 54.05 61.28
CA GLN F 198 -1.69 55.11 62.27
C GLN F 198 -2.92 56.01 62.42
N MET F 199 -3.60 56.32 61.30
CA MET F 199 -4.81 57.15 61.27
C MET F 199 -5.94 56.43 61.97
N ALA F 200 -6.11 55.12 61.65
CA ALA F 200 -7.14 54.29 62.26
C ALA F 200 -6.95 54.21 63.80
N LEU F 201 -5.69 54.09 64.25
CA LEU F 201 -5.34 54.02 65.67
C LEU F 201 -5.51 55.33 66.41
N SER F 202 -5.27 56.47 65.75
CA SER F 202 -5.41 57.79 66.37
C SER F 202 -6.87 58.19 66.52
N LYS F 203 -7.75 57.69 65.63
CA LYS F 203 -9.19 57.98 65.64
C LYS F 203 -9.98 56.94 66.41
N GLY F 204 -9.39 55.75 66.57
CA GLY F 204 -10.01 54.62 67.23
C GLY F 204 -11.12 54.00 66.40
N TRP F 205 -10.92 53.93 65.06
CA TRP F 205 -11.88 53.35 64.13
C TRP F 205 -11.28 52.23 63.32
N PRO F 206 -12.10 51.26 62.84
CA PRO F 206 -11.55 50.21 61.97
C PRO F 206 -11.06 50.78 60.63
N LEU F 207 -10.16 50.04 59.96
CA LEU F 207 -9.60 50.44 58.68
C LEU F 207 -9.98 49.43 57.62
N TYR F 208 -10.39 49.92 56.44
CA TYR F 208 -10.67 49.11 55.27
C TYR F 208 -9.84 49.59 54.12
N LEU F 209 -9.22 48.66 53.38
CA LEU F 209 -8.51 48.92 52.14
C LEU F 209 -9.36 48.34 51.02
N SER F 210 -9.63 49.14 49.98
CA SER F 210 -10.36 48.65 48.81
C SER F 210 -9.40 48.47 47.62
N THR F 211 -9.55 47.37 46.88
CA THR F 211 -8.80 47.07 45.64
C THR F 211 -9.72 46.29 44.73
N LYS F 212 -9.22 45.94 43.53
CA LYS F 212 -9.92 45.08 42.59
C LYS F 212 -8.96 43.91 42.27
N ASN F 213 -8.41 43.28 43.33
CA ASN F 213 -7.39 42.22 43.24
C ASN F 213 -7.90 40.93 42.58
N THR F 214 -9.22 40.77 42.42
CA THR F 214 -9.77 39.60 41.73
C THR F 214 -9.53 39.76 40.22
N ILE F 215 -9.35 41.01 39.75
CA ILE F 215 -9.11 41.31 38.34
C ILE F 215 -7.62 41.60 38.11
N LEU F 216 -7.06 42.54 38.87
CA LEU F 216 -5.64 42.92 38.79
C LEU F 216 -4.95 42.14 39.89
N LYS F 217 -4.79 40.82 39.68
CA LYS F 217 -4.25 39.87 40.67
C LYS F 217 -2.86 40.23 41.16
N LYS F 218 -2.00 40.68 40.24
CA LYS F 218 -0.62 41.05 40.59
C LYS F 218 -0.49 42.47 41.11
N TYR F 219 -1.07 43.43 40.39
CA TYR F 219 -1.00 44.86 40.72
C TYR F 219 -1.70 45.20 42.04
N ASP F 220 -2.99 44.87 42.14
CA ASP F 220 -3.78 45.16 43.34
C ASP F 220 -3.47 44.18 44.44
N GLY F 221 -3.06 42.96 44.05
CA GLY F 221 -2.63 41.93 44.97
C GLY F 221 -1.47 42.39 45.83
N ARG F 222 -0.57 43.22 45.26
CA ARG F 222 0.57 43.78 45.96
C ARG F 222 0.15 44.75 47.06
N PHE F 223 -0.88 45.58 46.79
CA PHE F 223 -1.41 46.52 47.80
C PHE F 223 -1.96 45.70 48.98
N LYS F 224 -2.79 44.68 48.66
CA LYS F 224 -3.40 43.77 49.63
C LYS F 224 -2.35 43.04 50.48
N ASP F 225 -1.30 42.48 49.84
CA ASP F 225 -0.20 41.78 50.52
C ASP F 225 0.63 42.67 51.40
N ILE F 226 0.96 43.89 50.94
CA ILE F 226 1.73 44.84 51.73
C ILE F 226 0.94 45.29 52.97
N PHE F 227 -0.36 45.60 52.81
CA PHE F 227 -1.18 46.00 53.96
C PHE F 227 -1.30 44.87 54.99
N GLN F 228 -1.59 43.64 54.53
CA GLN F 228 -1.74 42.47 55.42
C GLN F 228 -0.48 42.14 56.21
N GLU F 229 0.67 42.14 55.51
CA GLU F 229 2.00 41.89 56.04
C GLU F 229 2.36 42.92 57.13
N ILE F 230 2.13 44.23 56.85
CA ILE F 230 2.43 45.31 57.79
C ILE F 230 1.51 45.22 59.02
N TYR F 231 0.20 44.92 58.82
CA TYR F 231 -0.77 44.78 59.89
C TYR F 231 -0.38 43.65 60.86
N ASP F 232 -0.12 42.43 60.31
CA ASP F 232 0.25 41.23 61.08
C ASP F 232 1.51 41.40 61.90
N LYS F 233 2.53 42.08 61.34
CA LYS F 233 3.82 42.29 61.99
C LYS F 233 3.90 43.51 62.90
N GLN F 234 3.14 44.59 62.63
CA GLN F 234 3.29 45.83 63.38
C GLN F 234 2.06 46.45 64.02
N TYR F 235 0.83 46.08 63.62
CA TYR F 235 -0.32 46.80 64.17
C TYR F 235 -1.45 45.95 64.75
N LYS F 236 -1.53 44.66 64.44
CA LYS F 236 -2.63 43.79 64.87
C LYS F 236 -2.97 43.87 66.39
N SER F 237 -1.95 43.76 67.27
CA SER F 237 -2.15 43.83 68.72
C SER F 237 -2.71 45.18 69.15
N GLN F 238 -2.20 46.26 68.55
CA GLN F 238 -2.63 47.65 68.80
C GLN F 238 -4.11 47.83 68.45
N PHE F 239 -4.53 47.23 67.31
CA PHE F 239 -5.92 47.26 66.84
C PHE F 239 -6.82 46.46 67.78
N GLU F 240 -6.37 45.26 68.19
CA GLU F 240 -7.07 44.36 69.11
C GLU F 240 -7.29 45.04 70.48
N ALA F 241 -6.29 45.83 70.93
CA ALA F 241 -6.32 46.61 72.17
C ALA F 241 -7.39 47.70 72.15
N GLN F 242 -7.71 48.27 70.96
CA GLN F 242 -8.71 49.32 70.83
C GLN F 242 -10.04 48.79 70.32
N LYS F 243 -10.16 47.46 70.19
CA LYS F 243 -11.37 46.77 69.71
C LYS F 243 -11.75 47.21 68.28
N ILE F 244 -10.71 47.48 67.47
CA ILE F 244 -10.85 47.86 66.06
C ILE F 244 -10.19 46.80 65.21
N TRP F 245 -10.38 46.85 63.89
CA TRP F 245 -9.82 45.84 62.99
C TRP F 245 -9.41 46.46 61.66
N TYR F 246 -8.68 45.69 60.86
CA TYR F 246 -8.31 46.04 59.49
C TYR F 246 -8.81 44.93 58.59
N GLU F 247 -9.51 45.29 57.51
CA GLU F 247 -9.96 44.33 56.51
C GLU F 247 -9.83 44.86 55.09
N HIS F 248 -9.47 43.97 54.17
CA HIS F 248 -9.42 44.28 52.75
C HIS F 248 -10.81 43.99 52.20
N ARG F 249 -11.27 44.80 51.24
CA ARG F 249 -12.56 44.64 50.59
C ARG F 249 -12.40 44.93 49.11
N LEU F 250 -13.20 44.27 48.26
CA LEU F 250 -13.25 44.61 46.85
C LEU F 250 -13.96 45.96 46.76
N ILE F 251 -13.47 46.85 45.88
CA ILE F 251 -13.98 48.21 45.75
C ILE F 251 -15.53 48.27 45.57
N ASP F 252 -16.12 47.44 44.70
CA ASP F 252 -17.57 47.45 44.46
C ASP F 252 -18.34 46.98 45.70
N ASP F 253 -17.78 46.01 46.47
CA ASP F 253 -18.37 45.58 47.74
C ASP F 253 -18.24 46.70 48.80
N MET F 254 -17.04 47.33 48.87
CA MET F 254 -16.72 48.41 49.80
C MET F 254 -17.68 49.61 49.70
N VAL F 255 -17.97 50.10 48.48
CA VAL F 255 -18.86 51.22 48.26
C VAL F 255 -20.29 50.91 48.80
N ALA F 256 -20.83 49.75 48.45
CA ALA F 256 -22.14 49.31 48.90
C ALA F 256 -22.16 49.16 50.41
N GLN F 257 -21.11 48.56 51.00
CA GLN F 257 -20.99 48.42 52.45
C GLN F 257 -20.95 49.82 53.12
N ALA F 258 -20.13 50.75 52.57
CA ALA F 258 -20.01 52.12 53.10
C ALA F 258 -21.38 52.83 53.10
N MET F 259 -22.13 52.73 51.99
CA MET F 259 -23.45 53.32 51.79
C MET F 259 -24.49 52.88 52.80
N LYS F 260 -24.48 51.59 53.21
CA LYS F 260 -25.46 51.06 54.15
C LYS F 260 -24.92 51.01 55.59
N SER F 261 -23.68 51.53 55.81
CA SER F 261 -23.08 51.60 57.14
C SER F 261 -23.56 52.86 57.87
N GLU F 262 -23.03 53.08 59.06
CA GLU F 262 -23.32 54.27 59.84
C GLU F 262 -22.08 55.19 59.96
N GLY F 263 -21.08 54.94 59.11
CA GLY F 263 -19.81 55.66 59.12
C GLY F 263 -18.93 55.15 60.25
N GLY F 264 -17.92 55.92 60.62
CA GLY F 264 -17.01 55.55 61.72
C GLY F 264 -15.90 54.61 61.31
N PHE F 265 -15.20 54.95 60.22
CA PHE F 265 -14.07 54.14 59.74
C PHE F 265 -13.14 54.93 58.83
N ILE F 266 -11.92 54.41 58.70
CA ILE F 266 -10.89 54.91 57.80
C ILE F 266 -10.99 54.03 56.57
N TRP F 267 -11.07 54.67 55.41
CA TRP F 267 -11.16 53.99 54.14
C TRP F 267 -9.90 54.32 53.29
N ALA F 268 -8.95 53.37 53.25
CA ALA F 268 -7.72 53.47 52.47
C ALA F 268 -8.05 53.14 51.01
N CYS F 269 -7.87 54.14 50.13
CA CYS F 269 -8.18 54.01 48.70
C CYS F 269 -6.90 54.18 47.89
N LYS F 270 -6.86 53.52 46.75
CA LYS F 270 -5.81 53.73 45.75
C LYS F 270 -6.07 55.13 45.13
N ASN F 271 -5.06 55.73 44.49
CA ASN F 271 -5.09 57.09 43.97
C ASN F 271 -6.39 57.46 43.26
N TYR F 272 -6.76 56.70 42.22
CA TYR F 272 -7.96 56.92 41.43
C TYR F 272 -9.27 56.78 42.21
N ASP F 273 -9.41 55.71 43.03
CA ASP F 273 -10.63 55.49 43.81
C ASP F 273 -10.77 56.56 44.86
N GLY F 274 -9.65 56.99 45.45
CA GLY F 274 -9.62 58.03 46.47
C GLY F 274 -10.16 59.35 45.95
N ASP F 275 -9.90 59.63 44.67
CA ASP F 275 -10.40 60.81 43.96
C ASP F 275 -11.93 60.76 43.86
N VAL F 276 -12.47 59.65 43.33
CA VAL F 276 -13.92 59.48 43.16
C VAL F 276 -14.66 59.37 44.53
N GLN F 277 -14.16 58.50 45.43
CA GLN F 277 -14.82 58.25 46.71
C GLN F 277 -14.85 59.45 47.64
N SER F 278 -13.76 60.25 47.67
CA SER F 278 -13.77 61.42 48.56
C SER F 278 -14.87 62.42 48.16
N ASP F 279 -15.11 62.59 46.85
CA ASP F 279 -16.16 63.43 46.34
C ASP F 279 -17.57 62.85 46.63
N SER F 280 -17.73 61.53 46.46
CA SER F 280 -19.01 60.85 46.70
C SER F 280 -19.36 60.89 48.19
N VAL F 281 -18.39 60.62 49.07
CA VAL F 281 -18.59 60.68 50.52
C VAL F 281 -18.93 62.11 50.97
N ALA F 282 -18.19 63.14 50.48
CA ALA F 282 -18.47 64.56 50.77
C ALA F 282 -19.92 64.91 50.34
N GLN F 283 -20.34 64.43 49.16
CA GLN F 283 -21.69 64.65 48.66
C GLN F 283 -22.73 63.92 49.53
N GLY F 284 -22.35 62.74 50.00
CA GLY F 284 -23.13 61.90 50.91
C GLY F 284 -23.46 62.63 52.19
N TYR F 285 -22.48 63.36 52.78
CA TYR F 285 -22.67 64.13 54.01
C TYR F 285 -23.47 65.43 53.79
N GLY F 286 -23.69 65.82 52.55
CA GLY F 286 -24.50 66.98 52.22
C GLY F 286 -23.99 67.91 51.14
N SER F 287 -22.71 68.28 51.21
CA SER F 287 -22.14 69.20 50.23
C SER F 287 -20.76 68.79 49.76
N LEU F 288 -20.59 68.71 48.42
CA LEU F 288 -19.34 68.36 47.74
C LEU F 288 -18.17 69.25 48.20
N GLY F 289 -18.43 70.56 48.31
CA GLY F 289 -17.44 71.54 48.73
C GLY F 289 -17.06 71.51 50.20
N MET F 290 -17.91 70.96 51.09
CA MET F 290 -17.65 70.92 52.53
C MET F 290 -16.76 69.71 52.88
N MET F 291 -15.46 69.83 52.56
CA MET F 291 -14.51 68.74 52.75
C MET F 291 -13.07 69.26 52.95
N THR F 292 -12.33 68.68 53.91
CA THR F 292 -10.93 68.98 54.15
C THR F 292 -10.10 68.03 53.25
N SER F 293 -8.89 68.45 52.86
CA SER F 293 -7.99 67.65 52.03
C SER F 293 -6.58 67.97 52.45
N VAL F 294 -5.96 67.04 53.19
CA VAL F 294 -4.62 67.26 53.71
C VAL F 294 -3.69 66.12 53.24
N LEU F 295 -2.64 66.49 52.50
CA LEU F 295 -1.61 65.54 52.10
C LEU F 295 -0.63 65.40 53.25
N VAL F 296 -0.54 64.19 53.80
CA VAL F 296 0.35 63.86 54.91
C VAL F 296 1.51 63.07 54.29
N CYS F 297 2.67 63.71 54.25
CA CYS F 297 3.89 63.16 53.67
C CYS F 297 4.54 62.07 54.54
N PRO F 298 5.32 61.13 53.92
CA PRO F 298 5.93 60.02 54.67
C PRO F 298 6.83 60.39 55.85
N ASP F 299 7.50 61.56 55.84
CA ASP F 299 8.39 62.01 56.93
C ASP F 299 7.68 62.29 58.27
N GLY F 300 6.35 62.41 58.27
CA GLY F 300 5.55 62.71 59.45
C GLY F 300 5.73 64.12 59.97
N LYS F 301 6.23 65.01 59.11
CA LYS F 301 6.54 66.40 59.47
C LYS F 301 5.97 67.35 58.43
N THR F 302 5.89 66.91 57.16
CA THR F 302 5.42 67.74 56.04
C THR F 302 3.96 67.49 55.67
N VAL F 303 3.20 68.59 55.48
CA VAL F 303 1.79 68.53 55.04
C VAL F 303 1.53 69.56 53.94
N GLU F 304 0.56 69.27 53.06
CA GLU F 304 0.07 70.23 52.07
C GLU F 304 -1.48 70.22 52.20
N ALA F 305 -2.07 71.31 52.69
CA ALA F 305 -3.50 71.43 52.86
C ALA F 305 -4.05 72.14 51.65
N GLU F 306 -5.19 71.65 51.13
CA GLU F 306 -5.73 72.23 49.90
C GLU F 306 -7.24 72.39 49.86
N ALA F 307 -7.70 73.21 48.90
CA ALA F 307 -9.10 73.31 48.54
C ALA F 307 -9.17 72.33 47.34
N ALA F 308 -9.73 71.14 47.60
CA ALA F 308 -9.82 70.05 46.62
C ALA F 308 -10.81 70.23 45.46
N HIS F 309 -11.89 70.99 45.69
CA HIS F 309 -12.94 71.22 44.67
C HIS F 309 -12.45 72.04 43.45
N GLY F 310 -13.36 72.39 42.55
CA GLY F 310 -13.03 73.16 41.35
C GLY F 310 -12.75 74.62 41.59
N THR F 311 -12.61 75.38 40.50
CA THR F 311 -12.31 76.81 40.53
C THR F 311 -13.57 77.68 40.33
N VAL F 312 -14.76 77.06 40.16
CA VAL F 312 -16.08 77.69 40.00
C VAL F 312 -16.10 78.75 38.84
N THR F 313 -15.96 78.27 37.57
CA THR F 313 -15.92 79.12 36.36
C THR F 313 -17.20 79.96 36.18
N ARG F 314 -18.38 79.34 36.39
CA ARG F 314 -19.72 79.96 36.28
C ARG F 314 -19.81 81.26 37.09
N HIS F 315 -19.42 81.16 38.38
CA HIS F 315 -19.39 82.25 39.33
C HIS F 315 -18.38 83.30 38.90
N TYR F 316 -17.20 82.84 38.38
CA TYR F 316 -16.11 83.69 37.92
C TYR F 316 -16.52 84.56 36.74
N ARG F 317 -17.27 83.98 35.77
CA ARG F 317 -17.78 84.70 34.59
C ARG F 317 -18.71 85.85 35.02
N MET F 318 -19.59 85.56 36.01
CA MET F 318 -20.53 86.53 36.60
C MET F 318 -19.76 87.67 37.28
N TYR F 319 -18.71 87.32 38.08
CA TYR F 319 -17.83 88.25 38.79
C TYR F 319 -17.10 89.21 37.81
N GLN F 320 -16.67 88.69 36.64
CA GLN F 320 -15.99 89.45 35.59
C GLN F 320 -16.94 90.51 35.00
N LYS F 321 -18.23 90.13 34.80
CA LYS F 321 -19.32 90.96 34.27
C LYS F 321 -19.92 91.90 35.37
N GLY F 322 -19.24 92.02 36.51
CA GLY F 322 -19.68 92.84 37.64
C GLY F 322 -20.95 92.38 38.33
N GLN F 323 -21.37 91.10 38.13
CA GLN F 323 -22.58 90.52 38.74
C GLN F 323 -22.35 90.04 40.18
N GLU F 324 -23.45 89.91 40.93
CA GLU F 324 -23.47 89.45 42.30
C GLU F 324 -23.25 87.91 42.30
N THR F 325 -22.36 87.43 43.21
CA THR F 325 -21.99 86.02 43.35
C THR F 325 -22.21 85.58 44.79
N SER F 326 -22.42 84.27 45.01
CA SER F 326 -22.56 83.69 46.34
C SER F 326 -21.77 82.37 46.38
N THR F 327 -20.42 82.49 46.49
CA THR F 327 -19.48 81.37 46.48
C THR F 327 -19.07 80.86 47.87
N ASN F 328 -19.16 79.53 48.09
CA ASN F 328 -18.80 78.86 49.34
C ASN F 328 -17.26 78.87 49.59
N PRO F 329 -16.79 79.58 50.65
CA PRO F 329 -15.34 79.65 50.90
C PRO F 329 -14.79 78.68 51.95
N ILE F 330 -15.64 77.83 52.55
CA ILE F 330 -15.27 76.97 53.66
C ILE F 330 -14.07 76.05 53.39
N ALA F 331 -14.06 75.33 52.24
CA ALA F 331 -12.96 74.43 51.93
C ALA F 331 -11.64 75.20 51.82
N SER F 332 -11.66 76.41 51.22
CA SER F 332 -10.46 77.24 51.14
C SER F 332 -10.03 77.71 52.56
N ILE F 333 -11.01 78.03 53.45
CA ILE F 333 -10.74 78.47 54.82
C ILE F 333 -10.05 77.36 55.60
N PHE F 334 -10.59 76.14 55.49
CA PHE F 334 -10.03 74.99 56.19
C PHE F 334 -8.66 74.55 55.63
N ALA F 335 -8.30 74.91 54.37
CA ALA F 335 -6.94 74.64 53.86
C ALA F 335 -5.97 75.50 54.72
N TRP F 336 -6.34 76.78 54.96
CA TRP F 336 -5.56 77.69 55.79
C TRP F 336 -5.48 77.21 57.24
N THR F 337 -6.63 76.91 57.88
CA THR F 337 -6.66 76.45 59.28
C THR F 337 -5.91 75.17 59.51
N ARG F 338 -6.04 74.20 58.59
CA ARG F 338 -5.33 72.92 58.70
C ARG F 338 -3.81 73.13 58.52
N GLY F 339 -3.42 74.03 57.62
CA GLY F 339 -2.02 74.38 57.39
C GLY F 339 -1.43 75.08 58.60
N LEU F 340 -2.15 76.10 59.14
CA LEU F 340 -1.72 76.86 60.32
C LEU F 340 -1.70 75.98 61.57
N ALA F 341 -2.64 75.02 61.71
CA ALA F 341 -2.65 74.10 62.85
C ALA F 341 -1.41 73.22 62.79
N HIS F 342 -1.02 72.76 61.58
CA HIS F 342 0.19 71.94 61.47
C HIS F 342 1.46 72.77 61.76
N ARG F 343 1.50 74.02 61.24
CA ARG F 343 2.58 74.97 61.47
C ARG F 343 2.75 75.20 62.98
N ALA F 344 1.60 75.44 63.69
CA ALA F 344 1.55 75.64 65.14
C ALA F 344 2.09 74.44 65.92
N LYS F 345 1.74 73.21 65.47
CA LYS F 345 2.17 71.94 66.08
C LYS F 345 3.69 71.78 65.97
N LEU F 346 4.26 72.11 64.79
CA LEU F 346 5.71 72.01 64.54
C LEU F 346 6.50 73.02 65.38
N ASP F 347 5.97 74.24 65.51
CA ASP F 347 6.63 75.36 66.21
C ASP F 347 6.25 75.46 67.68
N ASN F 348 5.38 74.54 68.17
CA ASN F 348 4.85 74.52 69.55
C ASN F 348 4.29 75.92 69.91
N ASN F 349 3.47 76.45 68.98
CA ASN F 349 2.83 77.76 69.03
C ASN F 349 1.35 77.68 69.42
N LYS F 350 1.06 77.84 70.73
CA LYS F 350 -0.28 77.75 71.31
C LYS F 350 -1.24 78.83 70.83
N GLU F 351 -0.71 80.02 70.50
CA GLU F 351 -1.49 81.17 70.03
C GLU F 351 -1.97 80.94 68.59
N LEU F 352 -1.12 80.34 67.73
CA LEU F 352 -1.49 80.03 66.36
C LEU F 352 -2.43 78.81 66.36
N ALA F 353 -2.17 77.82 67.25
CA ALA F 353 -3.03 76.64 67.40
C ALA F 353 -4.44 77.07 67.83
N PHE F 354 -4.53 78.05 68.74
CA PHE F 354 -5.80 78.57 69.21
C PHE F 354 -6.52 79.27 68.07
N PHE F 355 -5.80 80.13 67.34
CA PHE F 355 -6.38 80.89 66.24
C PHE F 355 -6.97 79.97 65.16
N ALA F 356 -6.21 78.94 64.73
CA ALA F 356 -6.60 78.00 63.67
C ALA F 356 -7.92 77.30 64.02
N ASN F 357 -8.02 76.80 65.27
CA ASN F 357 -9.20 76.13 65.78
C ASN F 357 -10.40 77.09 65.86
N ALA F 358 -10.19 78.33 66.35
CA ALA F 358 -11.26 79.31 66.48
C ALA F 358 -11.86 79.66 65.09
N LEU F 359 -11.01 79.77 64.06
CA LEU F 359 -11.53 80.07 62.73
C LEU F 359 -12.42 78.94 62.20
N GLU F 360 -12.10 77.68 62.55
CA GLU F 360 -12.90 76.50 62.17
C GLU F 360 -14.26 76.54 62.91
N GLU F 361 -14.23 76.83 64.23
CA GLU F 361 -15.43 76.97 65.08
C GLU F 361 -16.36 78.05 64.56
N VAL F 362 -15.80 79.25 64.27
CA VAL F 362 -16.51 80.40 63.72
C VAL F 362 -17.22 80.04 62.41
N SER F 363 -16.51 79.36 61.49
CA SER F 363 -16.99 78.91 60.18
C SER F 363 -18.24 78.03 60.31
N ILE F 364 -18.18 77.03 61.21
CA ILE F 364 -19.26 76.09 61.47
C ILE F 364 -20.43 76.76 62.20
N GLU F 365 -20.14 77.56 63.28
CA GLU F 365 -21.14 78.30 64.06
C GLU F 365 -21.94 79.27 63.22
N THR F 366 -21.31 79.94 62.24
CA THR F 366 -21.97 80.89 61.34
C THR F 366 -23.08 80.20 60.49
N ILE F 367 -22.75 79.04 59.86
CA ILE F 367 -23.69 78.27 59.02
C ILE F 367 -24.81 77.70 59.89
N GLU F 368 -24.46 77.20 61.06
CA GLU F 368 -25.37 76.63 62.05
C GLU F 368 -26.34 77.68 62.63
N ALA F 369 -25.94 78.99 62.56
CA ALA F 369 -26.76 80.12 63.01
C ALA F 369 -27.70 80.56 61.87
N GLY F 370 -27.59 79.93 60.70
CA GLY F 370 -28.47 80.19 59.58
C GLY F 370 -27.93 81.13 58.53
N PHE F 371 -26.64 81.47 58.63
CA PHE F 371 -26.00 82.37 57.67
C PHE F 371 -25.15 81.52 56.73
N MET F 372 -25.47 81.55 55.44
CA MET F 372 -24.79 80.72 54.45
C MET F 372 -24.87 81.24 53.02
N THR F 373 -24.13 80.56 52.13
CA THR F 373 -24.07 80.83 50.69
C THR F 373 -25.19 80.05 50.01
N LYS F 374 -25.57 80.51 48.80
CA LYS F 374 -26.66 79.98 47.96
C LYS F 374 -26.67 78.46 47.87
N ASP F 375 -25.51 77.85 47.64
CA ASP F 375 -25.40 76.39 47.52
C ASP F 375 -25.86 75.65 48.78
N LEU F 376 -25.49 76.14 49.97
CA LEU F 376 -25.86 75.53 51.27
C LEU F 376 -27.33 75.80 51.64
N ALA F 377 -27.90 76.89 51.08
CA ALA F 377 -29.31 77.25 51.25
C ALA F 377 -30.09 76.26 50.38
N ALA F 378 -29.54 75.94 49.16
CA ALA F 378 -30.11 74.96 48.22
C ALA F 378 -30.07 73.55 48.80
N CYS F 379 -29.04 73.22 49.61
CA CYS F 379 -28.95 71.92 50.29
C CYS F 379 -30.12 71.71 51.23
N ILE F 380 -30.47 72.77 52.01
CA ILE F 380 -31.56 72.73 52.99
C ILE F 380 -32.95 72.77 52.35
N LYS F 381 -33.19 73.72 51.42
CA LYS F 381 -34.49 74.00 50.81
C LYS F 381 -34.78 73.39 49.41
N GLY F 382 -33.75 73.09 48.63
CA GLY F 382 -33.90 72.66 47.24
C GLY F 382 -33.75 73.90 46.38
N LEU F 383 -32.85 73.86 45.40
CA LEU F 383 -32.53 75.02 44.54
C LEU F 383 -33.78 75.81 44.03
N PRO F 384 -34.90 75.21 43.55
CA PRO F 384 -36.01 76.07 43.07
C PRO F 384 -36.75 76.85 44.17
N ASN F 385 -36.69 76.36 45.42
CA ASN F 385 -37.34 76.91 46.61
C ASN F 385 -36.53 78.03 47.28
N VAL F 386 -35.25 78.16 46.91
CA VAL F 386 -34.31 79.15 47.40
C VAL F 386 -34.61 80.54 46.79
N GLN F 387 -34.58 81.57 47.64
CA GLN F 387 -34.81 82.99 47.35
C GLN F 387 -33.60 83.80 47.85
N ARG F 388 -33.39 85.02 47.30
CA ARG F 388 -32.28 85.92 47.69
C ARG F 388 -32.15 86.11 49.21
N SER F 389 -33.27 86.10 49.94
CA SER F 389 -33.36 86.25 51.40
C SER F 389 -32.80 85.01 52.17
N ASP F 390 -32.70 83.84 51.50
CA ASP F 390 -32.22 82.62 52.16
C ASP F 390 -30.68 82.54 52.28
N TYR F 391 -29.95 83.41 51.58
CA TYR F 391 -28.49 83.36 51.59
C TYR F 391 -27.80 84.72 51.57
N LEU F 392 -26.45 84.69 51.69
CA LEU F 392 -25.60 85.86 51.62
C LEU F 392 -24.70 85.81 50.37
N ASN F 393 -24.40 86.99 49.79
CA ASN F 393 -23.48 87.08 48.64
C ASN F 393 -22.05 86.78 49.18
N THR F 394 -21.08 86.55 48.28
CA THR F 394 -19.69 86.22 48.63
C THR F 394 -19.12 87.16 49.70
N PHE F 395 -19.17 88.48 49.44
CA PHE F 395 -18.65 89.50 50.34
C PHE F 395 -19.36 89.55 51.69
N GLU F 396 -20.71 89.36 51.69
CA GLU F 396 -21.57 89.32 52.87
C GLU F 396 -21.21 88.12 53.74
N PHE F 397 -21.08 86.91 53.16
CA PHE F 397 -20.71 85.77 54.02
C PHE F 397 -19.27 85.91 54.61
N MET F 398 -18.31 86.43 53.82
CA MET F 398 -16.93 86.67 54.28
C MET F 398 -16.95 87.68 55.44
N ASP F 399 -17.74 88.77 55.27
CA ASP F 399 -17.96 89.82 56.27
C ASP F 399 -18.58 89.27 57.55
N LYS F 400 -19.57 88.34 57.44
CA LYS F 400 -20.19 87.70 58.59
C LYS F 400 -19.17 86.87 59.37
N LEU F 401 -18.34 86.13 58.63
CA LEU F 401 -17.29 85.32 59.24
C LEU F 401 -16.25 86.20 59.94
N GLY F 402 -15.83 87.30 59.30
CA GLY F 402 -14.90 88.29 59.85
C GLY F 402 -15.38 88.86 61.17
N GLU F 403 -16.67 89.28 61.18
CA GLU F 403 -17.39 89.82 62.33
C GLU F 403 -17.37 88.80 63.49
N ASN F 404 -17.77 87.53 63.20
CA ASN F 404 -17.81 86.46 64.19
C ASN F 404 -16.45 86.07 64.70
N LEU F 405 -15.42 86.12 63.83
CA LEU F 405 -14.04 85.78 64.22
C LEU F 405 -13.49 86.82 65.21
N LYS F 406 -13.70 88.12 64.92
CA LYS F 406 -13.30 89.24 65.80
C LYS F 406 -13.90 89.06 67.20
N ILE F 407 -15.23 88.75 67.27
CA ILE F 407 -15.97 88.52 68.52
C ILE F 407 -15.36 87.34 69.29
N LYS F 408 -15.17 86.19 68.62
CA LYS F 408 -14.61 84.98 69.25
C LYS F 408 -13.21 85.22 69.83
N LEU F 409 -12.35 85.94 69.07
CA LEU F 409 -10.98 86.23 69.52
C LEU F 409 -10.96 87.27 70.65
N ALA F 410 -11.85 88.30 70.59
CA ALA F 410 -11.96 89.31 71.64
C ALA F 410 -12.45 88.68 72.94
N GLN F 411 -13.46 87.80 72.87
CA GLN F 411 -13.98 87.08 74.04
C GLN F 411 -12.97 86.15 74.67
N ALA F 412 -12.13 85.51 73.85
CA ALA F 412 -11.09 84.61 74.34
C ALA F 412 -9.96 85.38 75.04
N LYS F 413 -9.67 86.62 74.55
CA LYS F 413 -8.65 87.51 75.10
C LYS F 413 -9.10 87.98 76.50
N LEU F 414 -10.37 88.41 76.62
CA LEU F 414 -11.01 88.85 77.86
C LEU F 414 -11.07 87.74 78.92
N SER F 415 -11.26 86.48 78.48
CA SER F 415 -11.33 85.30 79.35
C SER F 415 -9.98 85.01 80.04
C1 LMR G . 1.29 -7.39 -11.97
O1A LMR G . 0.20 -8.19 -11.80
O1B LMR G . 2.20 -7.31 -11.15
C2 LMR G . 1.22 -6.65 -13.30
O2 LMR G . 0.36 -5.54 -13.11
C3 LMR G . 2.57 -6.10 -13.73
C4 LMR G . 2.96 -6.60 -15.09
O4A LMR G . 4.22 -6.20 -15.40
O4B LMR G . 2.28 -7.27 -15.86
MG MG H . 1.70 -6.92 -8.11
BR1 K32 I . -2.34 -4.17 3.08
C5 K32 I . -0.63 -3.38 3.74
C2 K32 I . 0.14 -3.66 4.87
BR2 K32 I . -0.54 -5.12 5.95
C7 K32 I . -0.09 -2.35 3.00
N14 K32 I . -0.57 -1.82 1.82
C13 K32 I . 0.26 -0.83 1.39
O10 K32 I . 0.13 -0.12 0.39
N6 K32 I . 1.27 -0.76 2.31
C8 K32 I . 1.08 -1.69 3.30
C4 K32 I . 1.86 -1.93 4.42
BR3 K32 I . 3.49 -0.83 4.65
C3 K32 I . 1.34 -2.97 5.21
BR4 K32 I . 2.35 -3.37 6.82
MG MG J . -2.14 10.24 3.90
C1 LMR K . 8.01 -61.82 -48.02
O1A LMR K . 7.97 -63.10 -47.54
O1B LMR K . 9.04 -61.32 -48.46
C2 LMR K . 6.66 -61.14 -47.89
O2 LMR K . 6.58 -60.79 -46.52
C3 LMR K . 6.53 -59.85 -48.70
C4 LMR K . 5.46 -59.78 -49.78
O4A LMR K . 5.43 -58.99 -50.70
O4B LMR K . 4.46 -60.69 -49.61
MG MG L . 11.13 -61.45 -47.40
MG MG M . -11.46 65.03 42.67
BR1 K32 N . -19.89 56.57 48.78
C5 K32 N . -21.19 56.60 47.27
C2 K32 N . -22.58 56.86 47.25
BR2 K32 N . -23.48 57.34 48.88
C7 K32 N . -20.71 56.30 46.01
N14 K32 N . -19.42 55.98 45.62
C13 K32 N . -19.37 55.78 44.27
O10 K32 N . -18.38 55.52 43.61
N6 K32 N . -20.65 55.93 43.82
C8 K32 N . -21.48 56.29 44.87
C4 K32 N . -22.84 56.50 44.84
BR3 K32 N . -23.77 56.38 43.12
C3 K32 N . -23.39 56.80 46.08
BR4 K32 N . -25.32 57.08 46.09
C1 LMR O . -8.63 66.04 42.23
O1A LMR O . -9.77 66.15 41.79
O1B LMR O . -8.35 66.03 43.56
C2 LMR O . -7.36 65.88 41.41
O2 LMR O . -7.06 64.50 41.54
C3 LMR O . -7.53 66.19 39.92
C4 LMR O . -6.65 67.27 39.31
O4A LMR O . -5.56 67.58 40.05
O4B LMR O . -6.86 67.83 38.23
BR1 K32 P . 24.14 -57.27 -41.41
C5 K32 P . 23.52 -59.01 -40.77
C2 K32 P . 24.25 -60.20 -40.73
BR2 K32 P . 26.10 -60.05 -41.37
C7 K32 P . 22.22 -59.11 -40.31
N14 K32 P . 21.27 -58.11 -40.20
C13 K32 P . 20.13 -58.64 -39.68
O10 K32 P . 19.08 -58.04 -39.47
N6 K32 P . 20.38 -59.95 -39.43
C8 K32 P . 21.68 -60.26 -39.81
C4 K32 P . 22.34 -61.47 -39.76
BR3 K32 P . 21.31 -63.01 -39.02
C3 K32 P . 23.66 -61.39 -40.25
BR4 K32 P . 24.71 -63.00 -40.28
#